data_5JYA
#
_entry.id   5JYA
#
_cell.length_a   68.025
_cell.length_b   108.681
_cell.length_c   90.986
_cell.angle_alpha   90.00
_cell.angle_beta   105.81
_cell.angle_gamma   90.00
#
_symmetry.space_group_name_H-M   'P 1 21 1'
#
loop_
_entity.id
_entity.type
_entity.pdbx_description
1 polymer 'Glyceraldehyde-3-phosphate dehydrogenase'
2 non-polymer NICOTINAMIDE-ADENINE-DINUCLEOTIDE
3 non-polymer GLYCERALDEHYDE-3-PHOSPHATE
4 water water
#
_entity_poly.entity_id   1
_entity_poly.type   'polypeptide(L)'
_entity_poly.pdbx_seq_one_letter_code
;MGSSHHHHHHSSGLVPRGSHMVVKVGINGFGRIGRLAFRRIQNVEGVEVTRINDLTDPNMLAHLLKYDTTQGRFDGTVEV
KEGGFEVNGQFVKVSAEREPANIDWATDGVEIVLEATGFFASKEKAEQHIHENGAKKVVITAPGGNDVKTVVFNTNHDIL
DGTETVISGASSTTNCLAPMAKALQDNFGVKQGLMTTIHAYTGDQMILDGPHRGGDLRRARAGAANIVPNSTGAAKAIGL
VIPELNGKLDGAAQRVPVPTGSVTELVATLEKDVTVEEVNAAMKAAANDSYGYTEDPIVSSDIVGISYGSLFDATQTKVQ
TVDGNQLVKVVSWYDNEMSYTSQLVRTLEYFAKIAK
;
_entity_poly.pdbx_strand_id   A,B,C,D
#
# COMPACT_ATOMS: atom_id res chain seq x y z
N VAL A 23 -37.63 -10.79 -15.78
CA VAL A 23 -37.64 -9.29 -15.72
C VAL A 23 -36.32 -8.76 -16.26
N LYS A 24 -36.41 -7.81 -17.19
CA LYS A 24 -35.23 -7.27 -17.87
C LYS A 24 -34.80 -5.95 -17.25
N VAL A 25 -33.52 -5.90 -16.86
CA VAL A 25 -32.95 -4.80 -16.07
C VAL A 25 -31.95 -4.01 -16.91
N GLY A 26 -31.84 -2.72 -16.58
CA GLY A 26 -30.83 -1.83 -17.15
C GLY A 26 -29.91 -1.28 -16.07
N ILE A 27 -28.63 -1.14 -16.39
CA ILE A 27 -27.65 -0.57 -15.47
C ILE A 27 -27.19 0.78 -16.00
N ASN A 28 -27.45 1.84 -15.23
CA ASN A 28 -26.87 3.16 -15.50
C ASN A 28 -25.69 3.36 -14.57
N GLY A 29 -24.49 3.44 -15.14
CA GLY A 29 -23.24 3.54 -14.38
C GLY A 29 -22.62 2.18 -14.14
N PHE A 30 -21.78 1.73 -15.08
CA PHE A 30 -21.14 0.41 -15.03
C PHE A 30 -19.84 0.48 -14.25
N GLY A 31 -19.94 0.99 -13.01
CA GLY A 31 -18.78 1.21 -12.15
C GLY A 31 -18.56 0.03 -11.25
N ARG A 32 -18.07 0.27 -10.05
CA ARG A 32 -17.77 -0.81 -9.10
C ARG A 32 -19.04 -1.60 -8.75
N ILE A 33 -20.07 -0.89 -8.31
CA ILE A 33 -21.34 -1.51 -7.94
C ILE A 33 -22.10 -2.06 -9.15
N GLY A 34 -22.14 -1.27 -10.22
CA GLY A 34 -22.79 -1.70 -11.45
C GLY A 34 -22.23 -2.98 -12.04
N ARG A 35 -20.91 -3.06 -12.14
CA ARG A 35 -20.25 -4.27 -12.68
C ARG A 35 -20.44 -5.48 -11.77
N LEU A 36 -20.34 -5.28 -10.46
CA LEU A 36 -20.53 -6.38 -9.52
C LEU A 36 -21.99 -6.82 -9.47
N ALA A 37 -22.92 -5.87 -9.55
CA ALA A 37 -24.35 -6.21 -9.71
C ALA A 37 -24.57 -7.08 -10.94
N PHE A 38 -24.02 -6.66 -12.08
CA PHE A 38 -24.06 -7.45 -13.30
C PHE A 38 -23.56 -8.87 -13.10
N ARG A 39 -22.45 -9.03 -12.39
CA ARG A 39 -21.88 -10.35 -12.11
C ARG A 39 -22.85 -11.24 -11.32
N ARG A 40 -23.42 -10.70 -10.24
CA ARG A 40 -24.34 -11.46 -9.41
C ARG A 40 -25.64 -11.87 -10.13
N ILE A 41 -26.14 -10.97 -10.98
CA ILE A 41 -27.35 -11.22 -11.80
C ILE A 41 -27.22 -12.45 -12.75
N GLN A 42 -25.99 -12.77 -13.14
CA GLN A 42 -25.71 -14.01 -13.91
C GLN A 42 -26.23 -15.27 -13.22
N ASN A 43 -26.22 -15.28 -11.89
CA ASN A 43 -26.72 -16.41 -11.09
C ASN A 43 -28.07 -16.14 -10.41
N VAL A 44 -28.88 -15.24 -10.99
CA VAL A 44 -30.24 -15.00 -10.55
C VAL A 44 -31.11 -15.27 -11.78
N GLU A 45 -31.93 -16.31 -11.66
CA GLU A 45 -32.80 -16.71 -12.73
C GLU A 45 -34.01 -15.81 -12.68
N GLY A 46 -34.45 -15.33 -13.83
CA GLY A 46 -35.58 -14.41 -13.90
C GLY A 46 -35.22 -12.94 -13.76
N VAL A 47 -33.93 -12.66 -13.53
CA VAL A 47 -33.39 -11.32 -13.70
C VAL A 47 -32.24 -11.39 -14.72
N GLU A 48 -32.23 -10.41 -15.62
CA GLU A 48 -31.34 -10.42 -16.79
C GLU A 48 -31.04 -8.98 -17.24
N VAL A 49 -29.76 -8.67 -17.48
CA VAL A 49 -29.34 -7.33 -17.92
C VAL A 49 -29.22 -7.30 -19.44
N THR A 50 -30.02 -6.44 -20.07
CA THR A 50 -30.05 -6.31 -21.54
C THR A 50 -29.49 -4.98 -22.05
N ARG A 51 -29.18 -4.04 -21.16
CA ARG A 51 -28.72 -2.71 -21.56
C ARG A 51 -27.85 -2.09 -20.47
N ILE A 52 -26.70 -1.56 -20.88
CA ILE A 52 -25.77 -0.84 -19.99
C ILE A 52 -25.56 0.56 -20.54
N ASN A 53 -25.60 1.55 -19.67
CA ASN A 53 -25.29 2.93 -20.06
C ASN A 53 -24.20 3.53 -19.18
N ASP A 54 -23.19 4.11 -19.83
CA ASP A 54 -22.06 4.74 -19.14
C ASP A 54 -21.57 5.96 -19.95
N LEU A 55 -20.28 6.30 -19.89
CA LEU A 55 -19.72 7.44 -20.62
C LEU A 55 -18.53 7.03 -21.49
N THR A 56 -18.51 5.77 -21.93
CA THR A 56 -17.33 5.24 -22.62
C THR A 56 -17.71 4.18 -23.66
N ASP A 57 -16.71 3.72 -24.40
CA ASP A 57 -16.89 2.71 -25.46
C ASP A 57 -16.99 1.29 -24.86
N PRO A 58 -17.63 0.35 -25.59
CA PRO A 58 -17.79 -1.01 -25.05
C PRO A 58 -16.49 -1.76 -24.73
N ASN A 59 -15.41 -1.47 -25.44
CA ASN A 59 -14.14 -2.16 -25.19
C ASN A 59 -13.60 -1.92 -23.78
N MET A 60 -13.70 -0.67 -23.33
CA MET A 60 -13.34 -0.28 -21.97
C MET A 60 -14.18 -1.05 -20.95
N LEU A 61 -15.49 -1.02 -21.12
CA LEU A 61 -16.39 -1.72 -20.20
C LEU A 61 -16.23 -3.24 -20.21
N ALA A 62 -16.05 -3.82 -21.39
CA ALA A 62 -15.81 -5.26 -21.51
C ALA A 62 -14.53 -5.67 -20.77
N HIS A 63 -13.49 -4.85 -20.90
CA HIS A 63 -12.22 -5.13 -20.23
C HIS A 63 -12.34 -5.04 -18.71
N LEU A 64 -13.04 -4.01 -18.23
CA LEU A 64 -13.26 -3.83 -16.79
C LEU A 64 -14.16 -4.90 -16.17
N LEU A 65 -15.02 -5.52 -16.98
CA LEU A 65 -15.83 -6.63 -16.50
C LEU A 65 -14.98 -7.89 -16.34
N LYS A 66 -14.16 -8.19 -17.37
CA LYS A 66 -13.27 -9.37 -17.38
C LYS A 66 -12.30 -9.41 -16.21
N TYR A 67 -11.67 -8.27 -15.97
CA TYR A 67 -10.56 -8.14 -15.02
C TYR A 67 -10.89 -7.17 -13.90
N ASP A 68 -10.65 -7.62 -12.66
CA ASP A 68 -11.09 -6.91 -11.46
C ASP A 68 -10.04 -7.07 -10.36
N THR A 69 -9.45 -5.95 -9.95
CA THR A 69 -8.32 -5.91 -9.01
C THR A 69 -8.63 -6.64 -7.72
N THR A 70 -9.74 -6.25 -7.09
CA THR A 70 -10.14 -6.74 -5.78
C THR A 70 -11.09 -7.95 -5.78
N GLN A 71 -11.85 -8.12 -6.86
CA GLN A 71 -12.90 -9.14 -6.92
C GLN A 71 -12.62 -10.32 -7.87
N GLY A 72 -11.45 -10.33 -8.50
CA GLY A 72 -11.01 -11.46 -9.32
C GLY A 72 -11.55 -11.46 -10.74
N ARG A 73 -11.01 -12.37 -11.55
CA ARG A 73 -11.45 -12.53 -12.95
C ARG A 73 -12.91 -12.92 -13.08
N PHE A 74 -13.53 -12.47 -14.17
CA PHE A 74 -14.92 -12.79 -14.45
C PHE A 74 -15.10 -14.29 -14.70
N ASP A 75 -16.12 -14.86 -14.08
CA ASP A 75 -16.41 -16.29 -14.24
C ASP A 75 -17.26 -16.48 -15.51
N GLY A 76 -16.60 -16.47 -16.65
CA GLY A 76 -17.24 -16.66 -17.95
C GLY A 76 -16.47 -16.05 -19.09
N THR A 77 -17.13 -15.93 -20.25
CA THR A 77 -16.51 -15.40 -21.48
C THR A 77 -17.08 -14.05 -21.80
N VAL A 78 -16.19 -13.13 -22.20
CA VAL A 78 -16.59 -11.78 -22.60
C VAL A 78 -15.89 -11.43 -23.90
N GLU A 79 -16.66 -11.10 -24.92
CA GLU A 79 -16.16 -10.80 -26.25
C GLU A 79 -16.79 -9.51 -26.76
N VAL A 80 -15.96 -8.58 -27.24
CA VAL A 80 -16.43 -7.25 -27.65
C VAL A 80 -17.09 -7.34 -29.03
N LYS A 81 -18.19 -6.61 -29.20
CA LYS A 81 -18.88 -6.48 -30.49
C LYS A 81 -19.11 -5.00 -30.81
N GLU A 82 -19.78 -4.72 -31.91
CA GLU A 82 -20.21 -3.36 -32.21
C GLU A 82 -21.41 -2.97 -31.36
N GLY A 83 -21.33 -1.77 -30.78
CA GLY A 83 -22.40 -1.23 -29.94
C GLY A 83 -22.72 -2.02 -28.68
N GLY A 84 -21.79 -2.86 -28.24
CA GLY A 84 -22.00 -3.73 -27.07
C GLY A 84 -20.95 -4.81 -26.90
N PHE A 85 -21.27 -5.81 -26.08
CA PHE A 85 -20.45 -7.01 -25.95
C PHE A 85 -21.27 -8.25 -25.62
N GLU A 86 -20.68 -9.41 -25.87
CA GLU A 86 -21.32 -10.71 -25.59
C GLU A 86 -20.78 -11.33 -24.30
N VAL A 87 -21.68 -11.83 -23.47
CA VAL A 87 -21.32 -12.52 -22.23
C VAL A 87 -21.91 -13.93 -22.27
N ASN A 88 -21.02 -14.92 -22.32
CA ASN A 88 -21.40 -16.34 -22.50
C ASN A 88 -22.36 -16.52 -23.68
N GLY A 89 -22.03 -15.88 -24.80
CA GLY A 89 -22.86 -15.90 -26.00
C GLY A 89 -23.93 -14.81 -26.09
N GLN A 90 -24.49 -14.39 -24.97
CA GLN A 90 -25.59 -13.38 -24.96
C GLN A 90 -25.10 -11.94 -25.14
N PHE A 91 -25.56 -11.28 -26.19
CA PHE A 91 -25.24 -9.87 -26.47
C PHE A 91 -25.91 -8.95 -25.45
N VAL A 92 -25.16 -7.94 -25.01
CA VAL A 92 -25.66 -6.88 -24.12
C VAL A 92 -25.31 -5.55 -24.77
N LYS A 93 -26.32 -4.69 -24.96
CA LYS A 93 -26.10 -3.42 -25.63
C LYS A 93 -25.46 -2.41 -24.69
N VAL A 94 -24.56 -1.59 -25.25
CA VAL A 94 -23.86 -0.54 -24.51
C VAL A 94 -24.16 0.80 -25.20
N SER A 95 -24.51 1.79 -24.40
CA SER A 95 -24.69 3.16 -24.86
C SER A 95 -23.92 4.13 -23.96
N ALA A 96 -23.77 5.36 -24.45
CA ALA A 96 -22.91 6.36 -23.80
C ALA A 96 -23.66 7.69 -23.67
N GLU A 97 -24.84 7.63 -23.07
CA GLU A 97 -25.72 8.78 -22.93
C GLU A 97 -25.55 9.48 -21.57
N ARG A 98 -25.19 10.75 -21.61
CA ARG A 98 -24.97 11.55 -20.39
C ARG A 98 -26.25 11.84 -19.59
N GLU A 99 -27.35 12.17 -20.28
CA GLU A 99 -28.61 12.53 -19.65
C GLU A 99 -29.56 11.32 -19.55
N PRO A 100 -29.99 10.97 -18.32
CA PRO A 100 -30.95 9.85 -18.14
C PRO A 100 -32.27 9.97 -18.93
N ALA A 101 -32.72 11.21 -19.18
CA ALA A 101 -33.92 11.50 -20.01
C ALA A 101 -33.81 10.97 -21.44
N ASN A 102 -32.59 11.01 -21.99
CA ASN A 102 -32.34 10.58 -23.37
C ASN A 102 -32.05 9.08 -23.53
N ILE A 103 -32.16 8.29 -22.46
CA ILE A 103 -31.88 6.85 -22.57
C ILE A 103 -33.18 6.13 -22.93
N ASP A 104 -33.17 5.48 -24.10
CA ASP A 104 -34.33 4.73 -24.63
C ASP A 104 -34.39 3.29 -24.09
N TRP A 105 -34.58 3.17 -22.78
CA TRP A 105 -34.53 1.84 -22.10
C TRP A 105 -35.50 0.82 -22.72
N ALA A 106 -36.68 1.29 -23.09
CA ALA A 106 -37.75 0.43 -23.64
C ALA A 106 -37.33 -0.36 -24.90
N THR A 107 -36.48 0.24 -25.74
CA THR A 107 -35.92 -0.45 -26.92
C THR A 107 -35.43 -1.86 -26.61
N ASP A 108 -34.84 -2.06 -25.42
CA ASP A 108 -34.30 -3.37 -25.02
C ASP A 108 -35.14 -4.11 -23.98
N GLY A 109 -36.41 -3.75 -23.86
CA GLY A 109 -37.33 -4.38 -22.92
C GLY A 109 -37.03 -4.14 -21.45
N VAL A 110 -36.31 -3.07 -21.13
CA VAL A 110 -35.94 -2.77 -19.75
C VAL A 110 -37.10 -2.13 -19.01
N GLU A 111 -37.48 -2.74 -17.89
CA GLU A 111 -38.51 -2.20 -16.99
C GLU A 111 -37.91 -1.48 -15.77
N ILE A 112 -36.90 -2.08 -15.15
CA ILE A 112 -36.27 -1.51 -13.94
C ILE A 112 -34.81 -1.13 -14.23
N VAL A 113 -34.42 0.06 -13.77
CA VAL A 113 -33.06 0.57 -13.95
C VAL A 113 -32.32 0.62 -12.61
N LEU A 114 -31.09 0.07 -12.60
CA LEU A 114 -30.15 0.28 -11.49
C LEU A 114 -29.38 1.57 -11.72
N GLU A 115 -29.68 2.58 -10.91
CA GLU A 115 -29.02 3.88 -10.97
C GLU A 115 -27.76 3.84 -10.11
N ALA A 116 -26.62 3.62 -10.77
CA ALA A 116 -25.34 3.37 -10.10
C ALA A 116 -24.22 4.34 -10.51
N THR A 117 -24.57 5.51 -11.02
CA THR A 117 -23.57 6.51 -11.43
C THR A 117 -23.04 7.31 -10.26
N GLY A 118 -23.87 7.45 -9.23
CA GLY A 118 -23.58 8.36 -8.12
C GLY A 118 -23.94 9.82 -8.37
N PHE A 119 -24.53 10.13 -9.53
CA PHE A 119 -24.89 11.51 -9.90
C PHE A 119 -26.41 11.82 -9.92
N PHE A 120 -27.25 10.80 -9.72
CA PHE A 120 -28.70 10.98 -9.78
C PHE A 120 -29.39 10.33 -8.58
N ALA A 121 -28.83 10.57 -7.40
CA ALA A 121 -29.27 9.93 -6.16
C ALA A 121 -30.31 10.77 -5.41
N SER A 122 -31.41 11.04 -6.09
CA SER A 122 -32.57 11.73 -5.51
C SER A 122 -33.81 11.32 -6.29
N LYS A 123 -34.99 11.56 -5.72
CA LYS A 123 -36.25 11.21 -6.40
C LYS A 123 -36.36 11.96 -7.72
N GLU A 124 -36.22 13.28 -7.68
CA GLU A 124 -36.26 14.15 -8.87
C GLU A 124 -35.37 13.65 -10.02
N LYS A 125 -34.09 13.48 -9.70
CA LYS A 125 -33.07 13.14 -10.69
C LYS A 125 -33.15 11.69 -11.19
N ALA A 126 -33.49 10.76 -10.30
CA ALA A 126 -33.68 9.35 -10.69
C ALA A 126 -34.96 9.13 -11.52
N GLU A 127 -35.98 9.93 -11.28
CA GLU A 127 -37.25 9.88 -12.06
C GLU A 127 -37.08 10.13 -13.54
N GLN A 128 -36.12 10.97 -13.88
CA GLN A 128 -35.73 11.24 -15.27
C GLN A 128 -35.54 10.00 -16.16
N HIS A 129 -35.22 8.84 -15.56
CA HIS A 129 -35.24 7.54 -16.26
C HIS A 129 -36.62 7.07 -16.72
N ILE A 130 -37.67 7.52 -16.03
CA ILE A 130 -39.06 7.15 -16.33
C ILE A 130 -39.68 8.19 -17.26
N HIS A 131 -39.96 7.76 -18.48
CA HIS A 131 -40.54 8.60 -19.54
C HIS A 131 -41.09 7.62 -20.61
N GLU A 132 -41.60 8.14 -21.71
CA GLU A 132 -42.14 7.29 -22.83
C GLU A 132 -41.27 6.07 -23.25
N GLY A 134 -38.79 4.60 -22.16
CA GLY A 134 -37.85 4.58 -21.05
C GLY A 134 -38.26 3.46 -20.14
N ALA A 135 -37.90 3.60 -18.87
CA ALA A 135 -38.12 2.56 -17.88
C ALA A 135 -39.37 2.85 -17.05
N LYS A 136 -39.86 1.82 -16.38
CA LYS A 136 -41.01 1.89 -15.48
C LYS A 136 -40.56 2.29 -14.06
N LYS A 137 -39.51 1.63 -13.56
CA LYS A 137 -39.07 1.80 -12.17
C LYS A 137 -37.55 1.99 -12.05
N VAL A 138 -37.10 2.45 -10.88
CA VAL A 138 -35.68 2.73 -10.63
C VAL A 138 -35.28 2.35 -9.19
N VAL A 139 -34.18 1.63 -9.07
CA VAL A 139 -33.53 1.35 -7.77
C VAL A 139 -32.22 2.13 -7.70
N ILE A 140 -32.15 3.11 -6.80
CA ILE A 140 -30.93 3.88 -6.57
C ILE A 140 -29.98 3.06 -5.70
N THR A 141 -28.71 2.95 -6.12
CA THR A 141 -27.71 2.15 -5.41
C THR A 141 -27.01 2.98 -4.32
N ALA A 142 -27.78 3.78 -3.58
CA ALA A 142 -27.25 4.75 -2.61
C ALA A 142 -28.42 5.40 -1.85
N PRO A 143 -28.11 6.08 -0.73
CA PRO A 143 -29.14 6.92 -0.12
C PRO A 143 -29.73 7.91 -1.12
N GLY A 144 -31.04 8.06 -1.10
CA GLY A 144 -31.75 8.88 -2.11
C GLY A 144 -32.71 9.92 -1.55
N GLY A 145 -32.50 10.33 -0.30
CA GLY A 145 -33.35 11.33 0.37
C GLY A 145 -34.43 10.69 1.21
N ASN A 146 -35.10 11.53 2.00
CA ASN A 146 -36.15 11.08 2.95
C ASN A 146 -37.52 10.76 2.34
N ASP A 147 -37.75 11.21 1.10
CA ASP A 147 -38.99 10.95 0.35
C ASP A 147 -38.92 9.72 -0.56
N VAL A 148 -37.98 8.81 -0.27
CA VAL A 148 -37.77 7.60 -1.05
C VAL A 148 -37.60 6.43 -0.07
N LYS A 149 -38.42 5.40 -0.24
CA LYS A 149 -38.33 4.21 0.61
C LYS A 149 -36.94 3.61 0.50
N THR A 150 -36.29 3.44 1.65
CA THR A 150 -34.91 3.00 1.75
C THR A 150 -34.88 1.59 2.35
N VAL A 151 -34.37 0.62 1.59
CA VAL A 151 -34.46 -0.79 1.97
C VAL A 151 -33.09 -1.43 2.24
N VAL A 152 -32.99 -2.05 3.42
CA VAL A 152 -31.96 -3.01 3.75
C VAL A 152 -32.65 -4.38 3.76
N PHE A 153 -32.25 -5.27 2.86
CA PHE A 153 -32.90 -6.59 2.74
C PHE A 153 -32.76 -7.41 4.02
N ASN A 154 -33.78 -8.23 4.28
CA ASN A 154 -33.97 -8.98 5.53
C ASN A 154 -33.96 -8.15 6.83
N THR A 155 -34.28 -6.86 6.71
CA THR A 155 -34.42 -5.97 7.87
C THR A 155 -35.71 -5.16 7.75
N ASN A 156 -35.92 -4.52 6.60
CA ASN A 156 -37.15 -3.78 6.35
C ASN A 156 -37.67 -3.80 4.90
N HIS A 157 -37.45 -4.89 4.17
CA HIS A 157 -38.05 -5.03 2.82
C HIS A 157 -39.59 -5.29 2.84
N ASP A 158 -40.15 -5.55 4.03
CA ASP A 158 -41.62 -5.56 4.30
C ASP A 158 -42.31 -4.25 3.79
N ILE A 159 -41.64 -3.12 3.92
CA ILE A 159 -42.09 -1.80 3.41
C ILE A 159 -42.54 -1.76 1.94
N LEU A 160 -41.95 -2.60 1.11
CA LEU A 160 -42.26 -2.61 -0.32
C LEU A 160 -43.59 -3.28 -0.63
N ASP A 161 -44.46 -2.56 -1.34
CA ASP A 161 -45.71 -3.14 -1.89
C ASP A 161 -45.67 -3.35 -3.42
N GLY A 162 -44.73 -2.70 -4.12
CA GLY A 162 -44.55 -2.90 -5.57
C GLY A 162 -45.05 -1.79 -6.45
N THR A 163 -45.77 -0.82 -5.88
CA THR A 163 -46.30 0.33 -6.62
C THR A 163 -45.30 1.46 -6.78
N GLU A 164 -44.19 1.40 -6.04
CA GLU A 164 -43.24 2.50 -5.96
C GLU A 164 -42.51 2.69 -7.29
N THR A 165 -42.21 3.93 -7.64
CA THR A 165 -41.49 4.24 -8.88
C THR A 165 -39.98 4.30 -8.64
N VAL A 166 -39.57 4.97 -7.55
CA VAL A 166 -38.17 5.14 -7.18
C VAL A 166 -37.94 4.59 -5.78
N ILE A 167 -36.95 3.69 -5.66
CA ILE A 167 -36.50 3.20 -4.36
C ILE A 167 -34.98 3.35 -4.19
N SER A 168 -34.54 3.37 -2.93
CA SER A 168 -33.12 3.32 -2.57
C SER A 168 -32.75 1.97 -1.97
N GLY A 169 -31.57 1.48 -2.33
CA GLY A 169 -30.98 0.29 -1.68
C GLY A 169 -30.06 0.61 -0.49
N ALA A 170 -30.12 1.86 -0.01
CA ALA A 170 -29.32 2.39 1.10
C ALA A 170 -27.83 2.47 0.75
N SER A 171 -26.98 2.74 1.74
CA SER A 171 -25.52 2.68 1.59
C SER A 171 -24.96 1.35 2.14
N SER A 172 -23.66 1.12 1.92
CA SER A 172 -23.00 -0.11 2.37
C SER A 172 -22.87 -0.19 3.89
N THR A 173 -22.55 0.95 4.53
CA THR A 173 -22.50 1.01 6.00
C THR A 173 -23.88 0.84 6.61
N THR A 174 -24.91 1.32 5.92
CA THR A 174 -26.30 1.16 6.41
C THR A 174 -26.68 -0.32 6.43
N ASN A 175 -26.36 -1.02 5.35
CA ASN A 175 -26.61 -2.47 5.27
C ASN A 175 -25.82 -3.28 6.32
N CYS A 176 -24.64 -2.78 6.71
CA CYS A 176 -23.86 -3.37 7.80
C CYS A 176 -24.49 -3.12 9.16
N LEU A 177 -24.74 -1.84 9.44
CA LEU A 177 -25.23 -1.40 10.74
C LEU A 177 -26.64 -1.90 11.07
N ALA A 178 -27.55 -1.79 10.10
CA ALA A 178 -28.99 -2.02 10.32
C ALA A 178 -29.34 -3.32 11.07
N PRO A 179 -28.92 -4.50 10.56
CA PRO A 179 -29.31 -5.73 11.26
C PRO A 179 -28.69 -5.84 12.66
N MET A 180 -27.49 -5.32 12.82
CA MET A 180 -26.80 -5.31 14.12
C MET A 180 -27.51 -4.39 15.11
N ALA A 181 -27.90 -3.21 14.66
CA ALA A 181 -28.65 -2.27 15.51
C ALA A 181 -30.07 -2.76 15.85
N LYS A 182 -30.76 -3.35 14.86
CA LYS A 182 -32.11 -3.88 15.09
C LYS A 182 -32.12 -5.05 16.08
N ALA A 183 -31.14 -5.92 15.99
CA ALA A 183 -30.97 -7.00 16.95
C ALA A 183 -30.84 -6.47 18.38
N LEU A 184 -30.09 -5.38 18.57
CA LEU A 184 -29.96 -4.70 19.88
C LEU A 184 -31.29 -4.14 20.38
N GLN A 185 -31.99 -3.45 19.49
CA GLN A 185 -33.29 -2.84 19.79
C GLN A 185 -34.33 -3.88 20.24
N ASP A 186 -34.57 -4.87 19.39
CA ASP A 186 -35.55 -5.94 19.64
C ASP A 186 -35.30 -6.74 20.92
N ASN A 187 -34.03 -6.99 21.25
CA ASN A 187 -33.69 -7.76 22.45
C ASN A 187 -33.62 -6.92 23.71
N PHE A 188 -32.92 -5.80 23.64
CA PHE A 188 -32.56 -5.02 24.82
C PHE A 188 -33.12 -3.60 24.88
N GLY A 189 -33.50 -3.05 23.72
CA GLY A 189 -33.90 -1.65 23.63
C GLY A 189 -32.68 -0.73 23.61
N VAL A 190 -32.63 0.18 22.63
CA VAL A 190 -31.51 1.10 22.47
C VAL A 190 -31.94 2.51 22.89
N LYS A 191 -31.13 3.13 23.76
CA LYS A 191 -31.34 4.52 24.16
C LYS A 191 -30.71 5.48 23.15
N GLN A 192 -29.39 5.36 22.99
CA GLN A 192 -28.63 6.14 22.00
C GLN A 192 -27.34 5.39 21.63
N GLY A 193 -26.73 5.79 20.52
CA GLY A 193 -25.46 5.19 20.09
C GLY A 193 -24.60 6.03 19.15
N LEU A 194 -23.28 5.85 19.23
CA LEU A 194 -22.31 6.46 18.32
C LEU A 194 -21.50 5.42 17.55
N MET A 195 -21.33 5.68 16.26
CA MET A 195 -20.78 4.73 15.31
C MET A 195 -19.51 5.28 14.66
N THR A 196 -18.52 4.39 14.51
CA THR A 196 -17.35 4.65 13.67
C THR A 196 -17.12 3.51 12.67
N THR A 197 -17.13 3.84 11.37
CA THR A 197 -16.75 2.86 10.34
C THR A 197 -15.30 3.06 9.88
N ILE A 198 -14.49 2.01 10.04
CA ILE A 198 -13.13 1.99 9.53
C ILE A 198 -13.26 1.36 8.14
N HIS A 199 -13.15 2.22 7.12
CA HIS A 199 -13.69 1.98 5.79
C HIS A 199 -12.59 1.99 4.73
N ALA A 200 -12.73 1.12 3.73
CA ALA A 200 -11.86 1.13 2.56
C ALA A 200 -11.96 2.45 1.81
N TYR A 201 -10.92 2.79 1.06
CA TYR A 201 -10.99 3.99 0.21
C TYR A 201 -11.92 3.72 -0.97
N THR A 202 -12.46 4.80 -1.55
CA THR A 202 -13.43 4.70 -2.65
C THR A 202 -13.08 5.66 -3.80
N GLY A 203 -13.80 5.49 -4.91
CA GLY A 203 -13.58 6.25 -6.15
C GLY A 203 -13.73 7.75 -6.03
N ASP A 204 -14.56 8.22 -5.11
CA ASP A 204 -14.68 9.69 -4.88
C ASP A 204 -13.53 10.33 -4.04
N GLN A 205 -12.57 9.52 -3.60
CA GLN A 205 -11.30 10.04 -3.10
C GLN A 205 -10.29 10.18 -4.23
N MET A 206 -9.32 11.08 -4.03
CA MET A 206 -8.28 11.34 -5.01
C MET A 206 -7.11 10.35 -4.83
N ILE A 207 -6.55 9.89 -5.95
CA ILE A 207 -5.40 8.97 -5.93
C ILE A 207 -4.15 9.63 -5.34
N LEU A 208 -3.95 10.90 -5.66
CA LEU A 208 -2.92 11.74 -5.06
C LEU A 208 -3.51 13.09 -4.69
N ASP A 209 -2.91 13.78 -3.73
CA ASP A 209 -3.37 15.10 -3.31
C ASP A 209 -3.77 15.96 -4.51
N GLY A 210 -5.02 16.41 -4.56
CA GLY A 210 -5.45 17.32 -5.63
C GLY A 210 -6.83 17.88 -5.39
N PRO A 211 -7.24 18.90 -6.19
CA PRO A 211 -8.55 19.53 -6.00
C PRO A 211 -9.74 18.56 -6.13
N HIS A 212 -10.51 18.44 -5.05
CA HIS A 212 -11.67 17.57 -5.02
C HIS A 212 -12.85 18.32 -5.61
N ARG A 213 -13.46 17.74 -6.62
CA ARG A 213 -14.57 18.38 -7.31
C ARG A 213 -15.81 18.63 -6.44
N GLY A 214 -15.97 17.85 -5.37
CA GLY A 214 -17.01 18.06 -4.37
C GLY A 214 -16.71 19.06 -3.25
N GLY A 215 -15.53 19.69 -3.27
CA GLY A 215 -15.16 20.67 -2.24
C GLY A 215 -14.66 20.14 -0.90
N ASP A 216 -14.64 18.81 -0.73
CA ASP A 216 -14.16 18.17 0.50
C ASP A 216 -12.62 18.20 0.59
N LEU A 217 -12.11 18.84 1.64
CA LEU A 217 -10.65 19.00 1.84
C LEU A 217 -9.93 17.72 2.29
N ARG A 218 -10.68 16.72 2.71
CA ARG A 218 -10.12 15.43 3.13
C ARG A 218 -10.14 14.37 2.02
N ARG A 219 -11.24 14.31 1.28
CA ARG A 219 -11.30 13.48 0.06
C ARG A 219 -10.35 13.96 -1.04
N ALA A 220 -9.95 15.23 -0.96
CA ALA A 220 -8.87 15.79 -1.77
C ALA A 220 -7.52 15.08 -1.62
N ARG A 221 -7.30 14.41 -0.49
CA ARG A 221 -6.00 13.82 -0.17
C ARG A 221 -5.85 12.39 -0.68
N ALA A 222 -4.58 12.00 -0.86
CA ALA A 222 -4.21 10.68 -1.38
C ALA A 222 -4.80 9.55 -0.52
N GLY A 223 -5.81 8.88 -1.07
CA GLY A 223 -6.61 7.93 -0.32
C GLY A 223 -5.93 6.61 0.02
N ALA A 224 -4.98 6.18 -0.80
CA ALA A 224 -4.23 4.96 -0.54
C ALA A 224 -2.95 5.22 0.26
N ALA A 225 -2.75 6.43 0.79
CA ALA A 225 -1.57 6.75 1.60
C ALA A 225 -1.87 7.50 2.92
N ASN A 226 -3.11 7.44 3.41
CA ASN A 226 -3.56 8.24 4.53
C ASN A 226 -4.71 7.57 5.28
N ILE A 227 -4.77 7.80 6.59
CA ILE A 227 -5.99 7.68 7.36
C ILE A 227 -6.73 8.99 7.16
N VAL A 228 -7.93 8.90 6.59
CA VAL A 228 -8.73 10.09 6.21
C VAL A 228 -10.09 10.09 6.91
N PRO A 229 -10.30 10.99 7.90
CA PRO A 229 -11.62 11.19 8.49
C PRO A 229 -12.66 11.65 7.47
N ASN A 230 -13.90 11.22 7.63
CA ASN A 230 -14.94 11.61 6.71
C ASN A 230 -16.33 11.34 7.27
N SER A 231 -17.32 11.97 6.66
CA SER A 231 -18.72 11.72 6.98
C SER A 231 -19.15 10.35 6.46
N THR A 232 -20.32 9.90 6.92
CA THR A 232 -20.87 8.59 6.54
C THR A 232 -22.36 8.67 6.24
N GLY A 233 -22.75 7.96 5.18
CA GLY A 233 -24.13 7.98 4.68
C GLY A 233 -25.13 7.14 5.44
N ALA A 234 -24.71 6.60 6.59
CA ALA A 234 -25.59 5.81 7.45
C ALA A 234 -26.18 6.63 8.62
N ALA A 235 -26.20 7.96 8.48
CA ALA A 235 -26.84 8.80 9.48
C ALA A 235 -27.55 10.01 8.86
N ILE A 238 -30.49 5.98 8.50
CA ILE A 238 -30.84 4.89 9.46
C ILE A 238 -32.28 4.85 10.02
N GLY A 239 -32.79 6.01 10.41
CA GLY A 239 -34.17 6.14 10.87
C GLY A 239 -35.17 5.80 9.78
N LEU A 240 -34.75 5.93 8.52
CA LEU A 240 -35.55 5.49 7.38
C LEU A 240 -35.69 3.96 7.31
N VAL A 241 -34.72 3.23 7.82
CA VAL A 241 -34.70 1.75 7.81
C VAL A 241 -35.28 1.17 9.10
N ILE A 242 -34.92 1.77 10.24
CA ILE A 242 -35.43 1.40 11.55
C ILE A 242 -36.07 2.67 12.17
N PRO A 243 -37.38 2.89 11.93
CA PRO A 243 -38.07 4.12 12.39
C PRO A 243 -37.92 4.45 13.86
N GLU A 244 -38.05 3.44 14.72
CA GLU A 244 -37.94 3.60 16.19
C GLU A 244 -36.58 4.13 16.69
N LEU A 245 -35.51 3.93 15.91
CA LEU A 245 -34.19 4.45 16.24
C LEU A 245 -33.88 5.83 15.65
N ASN A 246 -34.85 6.46 15.00
CA ASN A 246 -34.60 7.74 14.32
C ASN A 246 -34.13 8.82 15.29
N GLY A 247 -33.04 9.50 14.92
CA GLY A 247 -32.43 10.51 15.78
C GLY A 247 -31.65 10.00 17.00
N LYS A 248 -31.60 8.68 17.20
CA LYS A 248 -30.89 8.09 18.35
C LYS A 248 -29.46 7.66 18.04
N LEU A 249 -29.13 7.59 16.74
CA LEU A 249 -27.80 7.18 16.28
C LEU A 249 -27.17 8.26 15.40
N ASP A 250 -25.87 8.44 15.57
CA ASP A 250 -25.07 9.31 14.72
C ASP A 250 -23.67 8.68 14.57
N GLY A 251 -22.89 9.11 13.59
CA GLY A 251 -21.54 8.59 13.44
C GLY A 251 -20.70 9.18 12.32
N ALA A 252 -19.53 8.58 12.12
CA ALA A 252 -18.50 9.10 11.21
C ALA A 252 -17.64 7.96 10.70
N ALA A 253 -16.73 8.30 9.78
CA ALA A 253 -15.86 7.31 9.15
C ALA A 253 -14.39 7.65 9.32
N GLN A 254 -13.58 6.61 9.23
CA GLN A 254 -12.13 6.73 9.03
C GLN A 254 -11.76 5.91 7.79
N ARG A 255 -11.51 6.60 6.68
CA ARG A 255 -11.11 5.97 5.41
C ARG A 255 -9.63 5.59 5.48
N VAL A 256 -9.32 4.34 5.17
CA VAL A 256 -7.95 3.80 5.35
C VAL A 256 -7.44 3.06 4.10
N PRO A 257 -6.11 2.87 3.96
CA PRO A 257 -5.57 2.29 2.73
C PRO A 257 -5.77 0.78 2.46
N VAL A 258 -7.01 0.37 2.21
CA VAL A 258 -7.30 -0.91 1.54
C VAL A 258 -8.28 -0.61 0.39
N PRO A 259 -8.11 -1.29 -0.76
CA PRO A 259 -8.93 -0.98 -1.94
C PRO A 259 -10.40 -1.43 -1.83
N THR A 260 -10.67 -2.40 -0.98
CA THR A 260 -12.05 -2.68 -0.54
C THR A 260 -12.03 -3.46 0.79
N GLY A 261 -13.17 -3.45 1.50
CA GLY A 261 -13.32 -4.14 2.78
C GLY A 261 -13.37 -3.16 3.92
N SER A 262 -14.35 -3.32 4.80
CA SER A 262 -14.62 -2.35 5.88
C SER A 262 -15.13 -3.02 7.16
N VAL A 263 -15.20 -2.23 8.24
CA VAL A 263 -15.76 -2.71 9.53
C VAL A 263 -16.45 -1.56 10.27
N THR A 264 -17.65 -1.84 10.81
CA THR A 264 -18.42 -0.85 11.57
C THR A 264 -18.40 -1.19 13.07
N GLU A 265 -17.95 -0.22 13.87
CA GLU A 265 -18.02 -0.26 15.33
C GLU A 265 -19.18 0.61 15.81
N LEU A 266 -19.96 0.09 16.75
CA LEU A 266 -21.04 0.84 17.39
C LEU A 266 -20.89 0.79 18.89
N VAL A 267 -20.81 1.96 19.52
CA VAL A 267 -20.86 2.10 20.98
C VAL A 267 -22.23 2.65 21.35
N ALA A 268 -22.93 1.96 22.26
CA ALA A 268 -24.32 2.30 22.61
C ALA A 268 -24.69 2.09 24.10
N THR A 269 -25.67 2.85 24.55
CA THR A 269 -26.34 2.64 25.85
C THR A 269 -27.67 1.93 25.60
N LEU A 270 -27.98 0.97 26.46
CA LEU A 270 -29.18 0.14 26.32
C LEU A 270 -30.16 0.33 27.46
N GLU A 271 -31.40 -0.09 27.21
CA GLU A 271 -32.46 -0.03 28.22
C GLU A 271 -32.31 -1.09 29.31
N LYS A 272 -31.89 -2.29 28.94
CA LYS A 272 -31.64 -3.39 29.88
C LYS A 272 -30.15 -3.59 30.15
N ASP A 273 -29.83 -4.16 31.32
CA ASP A 273 -28.49 -4.63 31.62
C ASP A 273 -28.21 -5.90 30.83
N VAL A 274 -26.97 -6.05 30.38
CA VAL A 274 -26.54 -7.20 29.55
C VAL A 274 -25.14 -7.70 29.92
N THR A 275 -24.84 -8.90 29.43
CA THR A 275 -23.48 -9.44 29.44
C THR A 275 -23.00 -9.64 27.99
N VAL A 276 -21.69 -9.81 27.83
CA VAL A 276 -21.07 -10.10 26.51
C VAL A 276 -21.70 -11.34 25.87
N GLU A 277 -21.96 -12.36 26.67
CA GLU A 277 -22.51 -13.63 26.20
C GLU A 277 -23.93 -13.44 25.64
N GLU A 278 -24.74 -12.66 26.38
CA GLU A 278 -26.12 -12.36 25.95
C GLU A 278 -26.18 -11.61 24.63
N VAL A 279 -25.26 -10.64 24.46
CA VAL A 279 -25.20 -9.84 23.24
C VAL A 279 -24.86 -10.74 22.04
N ASN A 280 -23.75 -11.48 22.14
CA ASN A 280 -23.33 -12.41 21.09
C ASN A 280 -24.43 -13.42 20.74
N ALA A 281 -25.08 -13.96 21.76
CA ALA A 281 -26.18 -14.93 21.58
C ALA A 281 -27.37 -14.32 20.81
N ALA A 282 -27.69 -13.07 21.12
CA ALA A 282 -28.75 -12.35 20.41
C ALA A 282 -28.43 -12.18 18.92
N MET A 283 -27.17 -11.88 18.63
CA MET A 283 -26.68 -11.71 17.26
C MET A 283 -26.69 -13.00 16.46
N LYS A 284 -26.28 -14.10 17.10
CA LYS A 284 -26.33 -15.43 16.49
C LYS A 284 -27.76 -15.86 16.17
N ALA A 285 -28.67 -15.61 17.11
CA ALA A 285 -30.11 -15.86 16.90
C ALA A 285 -30.70 -15.05 15.75
N ALA A 286 -30.21 -13.83 15.56
CA ALA A 286 -30.63 -12.95 14.46
C ALA A 286 -30.02 -13.28 13.09
N ALA A 287 -29.12 -14.27 13.03
CA ALA A 287 -28.37 -14.55 11.81
C ALA A 287 -29.25 -15.12 10.70
N ASN A 288 -28.92 -14.76 9.45
CA ASN A 288 -29.61 -15.25 8.25
C ASN A 288 -28.70 -15.08 7.02
N ASP A 289 -29.27 -15.12 5.81
CA ASP A 289 -28.51 -14.86 4.56
C ASP A 289 -27.87 -13.48 4.47
N SER A 290 -28.55 -12.47 5.02
CA SER A 290 -28.01 -11.10 5.06
C SER A 290 -27.04 -10.88 6.23
N TYR A 291 -27.41 -11.32 7.44
CA TYR A 291 -26.65 -11.07 8.66
C TYR A 291 -25.88 -12.32 9.09
N GLY A 292 -24.55 -12.29 8.93
CA GLY A 292 -23.68 -13.41 9.29
C GLY A 292 -23.24 -13.36 10.74
N TYR A 293 -22.66 -14.48 11.20
CA TYR A 293 -22.10 -14.58 12.55
C TYR A 293 -20.75 -15.30 12.49
N THR A 294 -19.77 -14.82 13.24
CA THR A 294 -18.47 -15.50 13.34
C THR A 294 -17.79 -15.28 14.69
N GLU A 295 -17.06 -16.29 15.15
CA GLU A 295 -16.23 -16.22 16.36
C GLU A 295 -14.74 -16.39 16.05
N ASP A 296 -14.38 -16.38 14.76
CA ASP A 296 -12.98 -16.46 14.30
C ASP A 296 -12.33 -15.07 14.24
N PRO A 297 -11.06 -14.95 14.70
CA PRO A 297 -10.38 -13.64 14.68
C PRO A 297 -9.88 -13.25 13.27
N ILE A 298 -10.82 -12.82 12.44
CA ILE A 298 -10.55 -12.52 11.03
C ILE A 298 -10.09 -11.07 10.80
N VAL A 299 -9.63 -10.80 9.58
CA VAL A 299 -9.18 -9.46 9.17
C VAL A 299 -9.90 -9.09 7.88
N SER A 300 -9.70 -7.86 7.40
CA SER A 300 -10.49 -7.32 6.29
C SER A 300 -10.44 -8.14 4.99
N SER A 301 -9.27 -8.69 4.65
CA SER A 301 -9.13 -9.47 3.41
C SER A 301 -10.00 -10.73 3.42
N ASP A 302 -10.33 -11.24 4.60
CA ASP A 302 -11.19 -12.42 4.75
C ASP A 302 -12.66 -12.17 4.40
N ILE A 303 -13.08 -10.91 4.37
CA ILE A 303 -14.48 -10.58 4.00
C ILE A 303 -14.65 -10.08 2.56
N VAL A 304 -13.57 -10.03 1.79
CA VAL A 304 -13.65 -9.54 0.39
C VAL A 304 -14.43 -10.56 -0.41
N GLY A 305 -15.49 -10.11 -1.06
CA GLY A 305 -16.31 -10.97 -1.92
C GLY A 305 -17.42 -11.77 -1.24
N ILE A 306 -17.62 -11.57 0.08
CA ILE A 306 -18.71 -12.28 0.79
C ILE A 306 -20.09 -11.79 0.35
N SER A 307 -21.09 -12.65 0.54
CA SER A 307 -22.48 -12.39 0.16
C SER A 307 -23.34 -11.86 1.30
N TYR A 308 -22.86 -11.98 2.54
CA TYR A 308 -23.51 -11.33 3.70
C TYR A 308 -23.46 -9.82 3.53
N GLY A 309 -24.55 -9.14 3.89
CA GLY A 309 -24.58 -7.69 3.95
C GLY A 309 -23.86 -7.17 5.18
N SER A 310 -23.76 -8.03 6.19
CA SER A 310 -23.18 -7.68 7.48
C SER A 310 -22.74 -8.97 8.14
N LEU A 311 -21.55 -8.97 8.72
CA LEU A 311 -20.99 -10.16 9.38
C LEU A 311 -20.54 -9.80 10.80
N PHE A 312 -21.37 -10.12 11.79
CA PHE A 312 -21.07 -9.81 13.18
C PHE A 312 -19.86 -10.57 13.68
N ASP A 313 -18.97 -9.86 14.37
CA ASP A 313 -17.76 -10.44 14.94
C ASP A 313 -17.82 -10.45 16.46
N ALA A 314 -18.12 -11.62 17.01
CA ALA A 314 -18.21 -11.82 18.44
C ALA A 314 -16.90 -11.59 19.21
N THR A 315 -15.76 -11.73 18.52
CA THR A 315 -14.46 -11.55 19.18
C THR A 315 -14.20 -10.12 19.62
N GLN A 316 -14.88 -9.14 19.01
CA GLN A 316 -14.68 -7.71 19.30
C GLN A 316 -15.72 -7.11 20.24
N THR A 317 -16.71 -7.91 20.66
CA THR A 317 -17.76 -7.44 21.58
C THR A 317 -17.19 -7.02 22.93
N LYS A 318 -17.65 -5.87 23.42
CA LYS A 318 -17.31 -5.38 24.76
C LYS A 318 -18.59 -4.94 25.49
N VAL A 319 -18.62 -5.18 26.80
CA VAL A 319 -19.68 -4.68 27.68
C VAL A 319 -19.00 -4.12 28.91
N GLN A 320 -18.82 -2.80 28.94
CA GLN A 320 -18.14 -2.13 30.04
C GLN A 320 -19.17 -1.72 31.08
N THR A 321 -18.95 -2.10 32.34
CA THR A 321 -19.84 -1.75 33.44
C THR A 321 -19.06 -0.94 34.47
N VAL A 322 -19.48 0.30 34.69
CA VAL A 322 -18.85 1.20 35.66
C VAL A 322 -19.93 1.87 36.50
N ASP A 323 -19.96 1.54 37.79
CA ASP A 323 -20.92 2.10 38.77
C ASP A 323 -22.37 1.88 38.37
N GLY A 324 -22.71 0.64 37.98
CA GLY A 324 -24.09 0.30 37.59
C GLY A 324 -24.48 0.64 36.16
N ASN A 325 -23.68 1.49 35.50
CA ASN A 325 -23.92 1.95 34.13
C ASN A 325 -23.10 1.17 33.12
N GLN A 326 -23.70 0.95 31.95
CA GLN A 326 -23.10 0.14 30.92
C GLN A 326 -22.96 0.88 29.59
N LEU A 327 -21.75 0.81 29.03
CA LEU A 327 -21.51 1.07 27.61
C LEU A 327 -21.28 -0.27 26.90
N VAL A 328 -21.96 -0.44 25.76
CA VAL A 328 -21.92 -1.69 24.98
C VAL A 328 -21.34 -1.42 23.60
N LYS A 329 -20.31 -2.20 23.23
CA LYS A 329 -19.62 -2.10 21.94
C LYS A 329 -19.86 -3.35 21.12
N VAL A 330 -20.35 -3.16 19.90
CA VAL A 330 -20.62 -4.25 18.97
C VAL A 330 -20.05 -3.90 17.59
N VAL A 331 -19.46 -4.90 16.93
CA VAL A 331 -18.66 -4.69 15.72
C VAL A 331 -19.05 -5.71 14.66
N SER A 332 -19.21 -5.25 13.43
CA SER A 332 -19.57 -6.11 12.29
C SER A 332 -18.76 -5.76 11.03
N TRP A 333 -18.29 -6.78 10.34
CA TRP A 333 -17.55 -6.63 9.08
C TRP A 333 -18.48 -6.49 7.88
N TYR A 334 -17.97 -5.88 6.81
CA TYR A 334 -18.68 -5.83 5.52
C TYR A 334 -17.74 -5.48 4.39
N ASP A 335 -17.89 -6.16 3.25
CA ASP A 335 -17.22 -5.74 2.02
C ASP A 335 -18.09 -4.68 1.38
N ASN A 336 -17.74 -3.42 1.62
CA ASN A 336 -18.48 -2.29 1.05
C ASN A 336 -18.88 -2.49 -0.42
N GLU A 337 -18.04 -3.18 -1.19
CA GLU A 337 -18.40 -3.57 -2.56
C GLU A 337 -19.40 -4.74 -2.62
N MET A 338 -18.93 -5.96 -2.42
CA MET A 338 -19.77 -7.15 -2.65
C MET A 338 -20.89 -7.38 -1.62
N SER A 339 -20.68 -7.01 -0.36
CA SER A 339 -21.73 -7.16 0.66
C SER A 339 -22.94 -6.33 0.27
N TYR A 340 -22.69 -5.07 -0.06
CA TYR A 340 -23.74 -4.17 -0.50
C TYR A 340 -24.41 -4.68 -1.77
N THR A 341 -23.60 -5.08 -2.74
CA THR A 341 -24.07 -5.55 -4.03
C THR A 341 -24.98 -6.78 -3.88
N SER A 342 -24.62 -7.68 -2.95
CA SER A 342 -25.44 -8.85 -2.65
C SER A 342 -26.80 -8.43 -2.12
N GLN A 343 -26.82 -7.49 -1.19
CA GLN A 343 -28.05 -6.93 -0.67
C GLN A 343 -28.86 -6.20 -1.73
N LEU A 344 -28.17 -5.40 -2.56
CA LEU A 344 -28.80 -4.66 -3.66
C LEU A 344 -29.57 -5.58 -4.60
N VAL A 345 -28.91 -6.65 -5.04
CA VAL A 345 -29.50 -7.62 -5.97
C VAL A 345 -30.65 -8.41 -5.33
N ARG A 346 -30.51 -8.76 -4.05
CA ARG A 346 -31.60 -9.40 -3.30
C ARG A 346 -32.86 -8.52 -3.27
N THR A 347 -32.65 -7.24 -2.99
CA THR A 347 -33.71 -6.25 -3.01
C THR A 347 -34.28 -6.06 -4.43
N LEU A 348 -33.40 -6.04 -5.44
CA LEU A 348 -33.83 -5.91 -6.83
C LEU A 348 -34.69 -7.10 -7.27
N GLU A 349 -34.23 -8.30 -6.94
CA GLU A 349 -34.94 -9.54 -7.28
C GLU A 349 -36.35 -9.53 -6.71
N TYR A 350 -36.45 -9.25 -5.41
CA TYR A 350 -37.74 -9.19 -4.71
C TYR A 350 -38.67 -8.10 -5.26
N PHE A 351 -38.11 -6.92 -5.51
CA PHE A 351 -38.85 -5.78 -6.05
C PHE A 351 -39.39 -6.05 -7.46
N ALA A 352 -38.60 -6.75 -8.26
CA ALA A 352 -38.98 -7.14 -9.63
C ALA A 352 -40.18 -8.09 -9.67
N LYS A 353 -40.25 -8.98 -8.67
CA LYS A 353 -41.30 -10.01 -8.60
C LYS A 353 -42.66 -9.45 -8.16
N ILE A 354 -42.68 -8.32 -7.44
CA ILE A 354 -43.93 -7.70 -7.01
C ILE A 354 -44.30 -6.55 -8.01
N ALA A 355 -45.12 -6.86 -9.03
CA ALA A 355 -45.42 -5.91 -10.13
C ALA A 355 -46.50 -4.91 -9.70
N VAL B 22 26.48 17.33 31.58
CA VAL B 22 26.16 16.41 30.44
C VAL B 22 25.96 14.97 30.94
N VAL B 23 24.69 14.53 30.98
CA VAL B 23 24.39 13.14 31.37
C VAL B 23 24.53 12.21 30.15
N LYS B 24 25.24 11.11 30.33
CA LYS B 24 25.55 10.18 29.24
C LYS B 24 24.58 9.00 29.23
N VAL B 25 23.95 8.78 28.08
CA VAL B 25 22.85 7.83 27.92
C VAL B 25 23.29 6.66 27.05
N GLY B 26 22.68 5.50 27.31
CA GLY B 26 22.84 4.30 26.47
C GLY B 26 21.51 3.85 25.90
N ILE B 27 21.53 3.37 24.66
CA ILE B 27 20.33 2.87 23.98
C ILE B 27 20.46 1.36 23.80
N ASN B 28 19.55 0.61 24.42
CA ASN B 28 19.42 -0.82 24.14
C ASN B 28 18.24 -1.03 23.20
N GLY B 29 18.54 -1.50 21.98
CA GLY B 29 17.54 -1.65 20.93
C GLY B 29 17.47 -0.43 20.02
N PHE B 30 18.30 -0.42 18.98
CA PHE B 30 18.42 0.72 18.06
C PHE B 30 17.39 0.58 16.93
N GLY B 31 16.13 0.42 17.33
CA GLY B 31 15.03 0.19 16.40
C GLY B 31 14.37 1.50 16.02
N ARG B 32 13.07 1.47 15.79
CA ARG B 32 12.34 2.67 15.37
C ARG B 32 12.41 3.76 16.44
N ILE B 33 12.04 3.40 17.66
CA ILE B 33 12.06 4.36 18.79
C ILE B 33 13.49 4.72 19.21
N GLY B 34 14.37 3.72 19.29
CA GLY B 34 15.76 3.95 19.62
C GLY B 34 16.49 4.91 18.69
N ARG B 35 16.33 4.69 17.38
CA ARG B 35 16.96 5.56 16.37
C ARG B 35 16.39 6.97 16.38
N LEU B 36 15.08 7.08 16.53
CA LEU B 36 14.44 8.41 16.59
C LEU B 36 14.78 9.12 17.88
N ALA B 37 14.83 8.40 18.99
CA ALA B 37 15.33 8.97 20.26
C ALA B 37 16.74 9.53 20.08
N PHE B 38 17.63 8.74 19.49
CA PHE B 38 18.99 9.19 19.16
C PHE B 38 19.01 10.49 18.35
N ARG B 39 18.14 10.58 17.35
CA ARG B 39 18.02 11.80 16.53
C ARG B 39 17.65 13.03 17.34
N ARG B 40 16.62 12.91 18.17
CA ARG B 40 16.16 14.03 18.98
C ARG B 40 17.19 14.49 20.01
N ILE B 41 17.93 13.54 20.58
CA ILE B 41 19.00 13.80 21.57
C ILE B 41 20.14 14.70 21.01
N GLN B 42 20.35 14.66 19.70
CA GLN B 42 21.28 15.57 19.02
C GLN B 42 21.00 17.06 19.32
N ASN B 43 19.74 17.41 19.50
CA ASN B 43 19.32 18.78 19.82
C ASN B 43 18.88 18.95 21.28
N VAL B 44 19.39 18.14 22.18
CA VAL B 44 19.18 18.30 23.62
C VAL B 44 20.58 18.42 24.24
N GLU B 45 20.88 19.59 24.81
CA GLU B 45 22.26 19.89 25.29
C GLU B 45 22.77 19.15 26.53
N GLY B 46 21.88 18.85 27.48
CA GLY B 46 22.28 18.10 28.71
C GLY B 46 22.46 16.60 28.52
N VAL B 47 22.14 16.11 27.32
CA VAL B 47 22.02 14.67 27.06
C VAL B 47 22.79 14.25 25.80
N GLU B 48 23.45 13.10 25.91
CA GLU B 48 24.40 12.62 24.89
C GLU B 48 24.47 11.08 24.88
N VAL B 49 24.37 10.47 23.70
CA VAL B 49 24.42 9.00 23.57
C VAL B 49 25.85 8.57 23.24
N THR B 50 26.44 7.77 24.14
CA THR B 50 27.82 7.27 23.98
C THR B 50 27.93 5.77 23.69
N ARG B 51 26.82 5.04 23.77
CA ARG B 51 26.82 3.58 23.61
C ARG B 51 25.47 3.09 23.09
N ILE B 52 25.51 2.24 22.05
CA ILE B 52 24.34 1.60 21.47
C ILE B 52 24.54 0.10 21.53
N ASN B 53 23.50 -0.62 21.94
CA ASN B 53 23.51 -2.08 21.92
C ASN B 53 22.32 -2.67 21.15
N ASP B 54 22.61 -3.59 20.24
CA ASP B 54 21.61 -4.22 19.39
C ASP B 54 22.04 -5.68 19.11
N LEU B 55 21.64 -6.27 17.96
CA LEU B 55 22.00 -7.64 17.59
C LEU B 55 22.68 -7.70 16.22
N THR B 56 23.35 -6.62 15.82
CA THR B 56 23.90 -6.51 14.48
C THR B 56 25.19 -5.69 14.43
N ASP B 57 25.80 -5.65 13.25
CA ASP B 57 27.06 -4.91 13.02
C ASP B 57 26.82 -3.40 12.83
N PRO B 58 27.85 -2.57 13.08
CA PRO B 58 27.65 -1.13 13.02
C PRO B 58 27.25 -0.58 11.64
N ASN B 59 27.66 -1.25 10.58
CA ASN B 59 27.32 -0.81 9.22
C ASN B 59 25.80 -0.80 8.98
N MET B 60 25.13 -1.85 9.44
CA MET B 60 23.66 -1.95 9.39
C MET B 60 23.01 -0.80 10.15
N LEU B 61 23.43 -0.58 11.39
CA LEU B 61 22.88 0.49 12.22
C LEU B 61 23.17 1.90 11.68
N ALA B 62 24.39 2.11 11.19
CA ALA B 62 24.76 3.39 10.60
C ALA B 62 23.90 3.71 9.38
N HIS B 63 23.64 2.69 8.56
CA HIS B 63 22.80 2.85 7.39
C HIS B 63 21.35 3.19 7.76
N LEU B 64 20.82 2.48 8.75
CA LEU B 64 19.45 2.70 9.21
C LEU B 64 19.24 4.04 9.91
N LEU B 65 20.32 4.60 10.46
CA LEU B 65 20.27 5.95 11.03
C LEU B 65 20.22 7.01 9.93
N LYS B 66 21.08 6.87 8.91
CA LYS B 66 21.16 7.79 7.76
C LYS B 66 19.86 7.92 7.00
N TYR B 67 19.25 6.78 6.70
CA TYR B 67 18.11 6.68 5.81
C TYR B 67 16.90 6.11 6.52
N ASP B 68 15.77 6.79 6.37
CA ASP B 68 14.56 6.50 7.12
C ASP B 68 13.33 6.70 6.24
N THR B 69 12.61 5.60 6.02
CA THR B 69 11.49 5.57 5.08
C THR B 69 10.48 6.67 5.39
N THR B 70 10.01 6.68 6.63
CA THR B 70 8.90 7.54 7.07
C THR B 70 9.33 8.87 7.67
N GLN B 71 10.55 8.92 8.21
CA GLN B 71 11.03 10.10 8.97
C GLN B 71 12.13 10.92 8.28
N GLY B 72 12.51 10.54 7.07
CA GLY B 72 13.44 11.32 6.25
C GLY B 72 14.90 11.10 6.56
N ARG B 73 15.76 11.65 5.71
CA ARG B 73 17.21 11.54 5.88
C ARG B 73 17.72 12.16 7.17
N PHE B 74 18.78 11.58 7.71
CA PHE B 74 19.41 12.10 8.92
C PHE B 74 19.99 13.50 8.70
N ASP B 75 19.71 14.40 9.64
CA ASP B 75 20.21 15.77 9.59
C ASP B 75 21.64 15.83 10.15
N GLY B 76 22.60 15.42 9.32
CA GLY B 76 24.00 15.40 9.70
C GLY B 76 24.82 14.39 8.92
N THR B 77 26.02 14.11 9.42
CA THR B 77 26.97 13.23 8.76
C THR B 77 27.16 11.94 9.60
N VAL B 78 27.14 10.78 8.93
CA VAL B 78 27.32 9.47 9.59
C VAL B 78 28.36 8.69 8.80
N GLU B 79 29.42 8.26 9.49
CA GLU B 79 30.50 7.48 8.85
C GLU B 79 30.88 6.28 9.73
N VAL B 80 30.99 5.12 9.10
CA VAL B 80 31.18 3.85 9.82
C VAL B 80 32.65 3.74 10.24
N LYS B 81 32.88 3.23 11.45
CA LYS B 81 34.22 2.93 11.97
C LYS B 81 34.26 1.50 12.50
N GLU B 82 35.40 1.10 13.06
CA GLU B 82 35.50 -0.19 13.75
C GLU B 82 34.83 -0.11 15.12
N GLY B 83 34.01 -1.12 15.42
CA GLY B 83 33.29 -1.21 16.69
C GLY B 83 32.30 -0.08 17.00
N GLY B 84 31.87 0.63 15.94
CA GLY B 84 30.99 1.79 16.10
C GLY B 84 30.84 2.66 14.87
N PHE B 85 30.33 3.87 15.06
CA PHE B 85 30.29 4.87 13.98
C PHE B 85 30.42 6.30 14.52
N GLU B 86 30.79 7.21 13.62
CA GLU B 86 30.91 8.65 13.95
C GLU B 86 29.70 9.44 13.47
N VAL B 87 29.17 10.31 14.33
CA VAL B 87 28.06 11.19 14.01
C VAL B 87 28.49 12.64 14.22
N ASN B 88 28.59 13.39 13.12
CA ASN B 88 29.13 14.76 13.12
C ASN B 88 30.49 14.83 13.83
N GLY B 89 31.35 13.87 13.50
CA GLY B 89 32.68 13.76 14.12
C GLY B 89 32.75 12.91 15.37
N GLN B 90 31.70 12.91 16.19
CA GLN B 90 31.70 12.19 17.49
C GLN B 90 31.47 10.68 17.35
N PHE B 91 32.43 9.88 17.80
CA PHE B 91 32.34 8.41 17.79
C PHE B 91 31.31 7.93 18.81
N VAL B 92 30.53 6.93 18.40
CA VAL B 92 29.56 6.26 19.27
C VAL B 92 29.81 4.76 19.17
N LYS B 93 30.01 4.11 20.31
CA LYS B 93 30.35 2.69 20.33
C LYS B 93 29.10 1.84 20.09
N VAL B 94 29.29 0.75 19.34
CA VAL B 94 28.23 -0.21 19.03
C VAL B 94 28.66 -1.59 19.54
N SER B 95 27.75 -2.26 20.23
CA SER B 95 27.94 -3.63 20.69
C SER B 95 26.72 -4.48 20.31
N ALA B 96 26.89 -5.80 20.41
CA ALA B 96 25.90 -6.76 19.95
C ALA B 96 25.64 -7.82 20.99
N GLU B 97 25.29 -7.38 22.20
CA GLU B 97 25.09 -8.26 23.35
C GLU B 97 23.59 -8.60 23.58
N ARG B 98 23.27 -9.89 23.53
CA ARG B 98 21.90 -10.37 23.73
C ARG B 98 21.34 -10.12 25.11
N GLU B 99 22.14 -10.41 26.14
CA GLU B 99 21.72 -10.35 27.54
C GLU B 99 22.07 -8.99 28.15
N PRO B 100 21.06 -8.25 28.66
CA PRO B 100 21.32 -6.96 29.33
C PRO B 100 22.30 -7.01 30.52
N ALA B 101 22.36 -8.15 31.22
CA ALA B 101 23.32 -8.38 32.31
C ALA B 101 24.77 -8.29 31.85
N ASN B 102 25.05 -8.72 30.63
CA ASN B 102 26.43 -8.70 30.07
C ASN B 102 26.84 -7.39 29.39
N ILE B 103 26.02 -6.35 29.45
CA ILE B 103 26.37 -5.07 28.83
C ILE B 103 27.13 -4.21 29.84
N ASP B 104 28.38 -3.89 29.50
CA ASP B 104 29.28 -3.09 30.34
C ASP B 104 29.08 -1.58 30.11
N TRP B 105 27.89 -1.08 30.45
CA TRP B 105 27.53 0.34 30.19
C TRP B 105 28.52 1.35 30.78
N ALA B 106 29.02 1.06 31.99
CA ALA B 106 29.94 1.95 32.72
C ALA B 106 31.23 2.28 31.95
N THR B 107 31.72 1.32 31.15
CA THR B 107 32.89 1.55 30.28
C THR B 107 32.80 2.87 29.50
N ASP B 108 31.59 3.24 29.06
CA ASP B 108 31.37 4.47 28.27
C ASP B 108 30.69 5.61 29.04
N GLY B 109 30.76 5.55 30.38
CA GLY B 109 30.19 6.57 31.25
C GLY B 109 28.67 6.66 31.25
N VAL B 110 27.99 5.58 30.86
CA VAL B 110 26.54 5.58 30.76
C VAL B 110 25.92 5.40 32.14
N GLU B 111 25.06 6.35 32.51
CA GLU B 111 24.28 6.29 33.75
C GLU B 111 22.86 5.79 33.53
N ILE B 112 22.18 6.31 32.51
CA ILE B 112 20.78 5.95 32.21
C ILE B 112 20.68 5.21 30.88
N VAL B 113 19.91 4.12 30.86
CA VAL B 113 19.71 3.31 29.66
C VAL B 113 18.27 3.45 29.15
N LEU B 114 18.14 3.71 27.84
CA LEU B 114 16.84 3.59 27.16
C LEU B 114 16.64 2.16 26.71
N GLU B 115 15.71 1.48 27.37
CA GLU B 115 15.35 0.10 27.05
C GLU B 115 14.29 0.09 25.96
N ALA B 116 14.73 -0.12 24.71
CA ALA B 116 13.90 0.03 23.52
C ALA B 116 13.88 -1.22 22.62
N THR B 117 14.19 -2.38 23.19
CA THR B 117 14.15 -3.63 22.42
C THR B 117 12.74 -4.19 22.30
N GLY B 118 11.90 -3.90 23.28
CA GLY B 118 10.58 -4.53 23.40
C GLY B 118 10.58 -5.89 24.09
N PHE B 119 11.73 -6.36 24.56
CA PHE B 119 11.84 -7.69 25.19
C PHE B 119 12.11 -7.68 26.71
N PHE B 120 12.31 -6.49 27.30
CA PHE B 120 12.64 -6.38 28.71
C PHE B 120 11.76 -5.35 29.40
N ALA B 121 10.46 -5.39 29.10
CA ALA B 121 9.51 -4.36 29.53
C ALA B 121 8.83 -4.76 30.83
N SER B 122 9.65 -4.94 31.86
CA SER B 122 9.18 -5.20 33.23
C SER B 122 10.26 -4.74 34.20
N LYS B 123 9.89 -4.58 35.47
CA LYS B 123 10.86 -4.16 36.49
C LYS B 123 12.01 -5.17 36.61
N GLU B 124 11.64 -6.44 36.81
CA GLU B 124 12.62 -7.54 36.88
C GLU B 124 13.64 -7.55 35.73
N LYS B 125 13.11 -7.58 34.51
CA LYS B 125 13.94 -7.74 33.32
C LYS B 125 14.72 -6.49 32.95
N ALA B 126 14.14 -5.32 33.15
CA ALA B 126 14.85 -4.04 32.94
C ALA B 126 15.96 -3.77 33.96
N GLU B 127 15.76 -4.25 35.20
CA GLU B 127 16.77 -4.14 36.28
C GLU B 127 18.11 -4.80 35.96
N GLN B 128 18.07 -5.90 35.20
CA GLN B 128 19.26 -6.58 34.68
C GLN B 128 20.33 -5.66 34.08
N HIS B 129 19.92 -4.47 33.58
CA HIS B 129 20.86 -3.42 33.15
C HIS B 129 21.69 -2.81 34.30
N ILE B 130 21.16 -2.85 35.52
CA ILE B 130 21.78 -2.28 36.70
C ILE B 130 22.58 -3.37 37.42
N HIS B 131 23.89 -3.22 37.37
CA HIS B 131 24.84 -4.16 37.96
C HIS B 131 26.19 -3.46 38.04
N GLU B 132 27.24 -4.15 38.48
CA GLU B 132 28.60 -3.60 38.47
C GLU B 132 29.12 -3.48 37.04
N ASN B 133 29.73 -2.34 36.73
CA ASN B 133 30.15 -2.00 35.35
C ASN B 133 28.99 -1.69 34.41
N GLY B 134 27.78 -1.62 34.96
CA GLY B 134 26.59 -1.33 34.19
C GLY B 134 26.05 0.06 34.46
N ALA B 135 24.74 0.19 34.34
CA ALA B 135 24.05 1.47 34.44
C ALA B 135 23.46 1.67 35.81
N LYS B 136 23.12 2.92 36.11
CA LYS B 136 22.45 3.30 37.35
C LYS B 136 20.93 3.21 37.25
N LYS B 137 20.39 3.76 36.15
CA LYS B 137 18.94 3.85 35.97
C LYS B 137 18.49 3.38 34.58
N VAL B 138 17.19 3.15 34.44
CA VAL B 138 16.60 2.65 33.18
C VAL B 138 15.23 3.29 32.93
N VAL B 139 15.05 3.78 31.70
CA VAL B 139 13.74 4.22 31.20
C VAL B 139 13.24 3.23 30.15
N ILE B 140 12.15 2.53 30.48
CA ILE B 140 11.52 1.60 29.53
C ILE B 140 10.67 2.40 28.55
N THR B 141 10.86 2.14 27.25
CA THR B 141 10.13 2.86 26.18
C THR B 141 8.77 2.22 25.89
N ALA B 142 8.05 1.81 26.93
CA ALA B 142 6.82 1.01 26.81
C ALA B 142 6.19 0.84 28.20
N PRO B 143 4.90 0.41 28.26
CA PRO B 143 4.33 -0.01 29.54
C PRO B 143 5.21 -1.09 30.19
N GLY B 144 5.42 -0.97 31.50
CA GLY B 144 6.36 -1.84 32.23
C GLY B 144 5.80 -2.47 33.49
N GLY B 145 4.48 -2.59 33.58
CA GLY B 145 3.80 -3.17 34.74
C GLY B 145 3.33 -2.12 35.74
N ASN B 146 2.55 -2.56 36.72
CA ASN B 146 1.95 -1.67 37.73
C ASN B 146 2.87 -1.25 38.88
N ASP B 147 4.00 -1.95 39.04
CA ASP B 147 5.01 -1.63 40.04
C ASP B 147 6.13 -0.69 39.53
N VAL B 148 5.85 0.03 38.45
CA VAL B 148 6.82 0.94 37.82
C VAL B 148 6.09 2.23 37.49
N LYS B 149 6.63 3.34 37.98
CA LYS B 149 6.05 4.67 37.72
C LYS B 149 6.01 4.92 36.22
N THR B 150 4.81 5.24 35.72
CA THR B 150 4.52 5.37 34.31
C THR B 150 4.22 6.84 34.00
N VAL B 151 5.06 7.46 33.16
CA VAL B 151 5.02 8.91 32.95
C VAL B 151 4.63 9.30 31.53
N VAL B 152 3.61 10.16 31.45
CA VAL B 152 3.29 10.94 30.26
C VAL B 152 3.69 12.37 30.57
N PHE B 153 4.66 12.90 29.83
CA PHE B 153 5.18 14.26 30.10
C PHE B 153 4.10 15.33 29.93
N ASN B 154 4.23 16.38 30.74
CA ASN B 154 3.21 17.45 30.92
C ASN B 154 1.79 16.98 31.30
N THR B 155 1.68 15.80 31.89
CA THR B 155 0.42 15.27 32.43
C THR B 155 0.63 14.76 33.87
N ASN B 156 1.66 13.93 34.07
CA ASN B 156 1.98 13.41 35.40
C ASN B 156 3.48 13.19 35.69
N HIS B 157 4.37 13.97 35.09
CA HIS B 157 5.81 13.88 35.45
C HIS B 157 6.14 14.45 36.85
N ASP B 158 5.17 15.09 37.51
CA ASP B 158 5.21 15.41 38.96
C ASP B 158 5.62 14.23 39.84
N ILE B 159 5.08 13.06 39.51
CA ILE B 159 5.35 11.79 40.20
C ILE B 159 6.86 11.49 40.42
N LEU B 160 7.71 11.96 39.52
CA LEU B 160 9.15 11.68 39.62
C LEU B 160 9.86 12.53 40.68
N ASP B 161 10.59 11.86 41.58
CA ASP B 161 11.48 12.51 42.55
C ASP B 161 12.97 12.34 42.23
N GLY B 162 13.31 11.37 41.39
CA GLY B 162 14.70 11.14 40.97
C GLY B 162 15.45 9.97 41.61
N THR B 163 14.84 9.35 42.63
CA THR B 163 15.41 8.18 43.32
C THR B 163 15.13 6.85 42.61
N GLU B 164 14.21 6.87 41.64
CA GLU B 164 13.70 5.65 41.04
C GLU B 164 14.79 4.99 40.19
N THR B 165 14.81 3.65 40.16
CA THR B 165 15.79 2.90 39.37
C THR B 165 15.24 2.56 37.98
N VAL B 166 13.98 2.13 37.93
CA VAL B 166 13.29 1.78 36.68
C VAL B 166 12.03 2.62 36.53
N ILE B 167 11.90 3.31 35.38
CA ILE B 167 10.64 3.99 35.03
C ILE B 167 10.17 3.61 33.62
N SER B 168 8.88 3.82 33.38
CA SER B 168 8.25 3.62 32.07
C SER B 168 7.87 4.96 31.46
N GLY B 169 8.09 5.09 30.15
CA GLY B 169 7.61 6.23 29.37
C GLY B 169 6.22 6.04 28.75
N ALA B 170 5.51 5.00 29.21
CA ALA B 170 4.16 4.61 28.73
C ALA B 170 4.20 4.12 27.27
N SER B 171 3.03 3.92 26.67
CA SER B 171 2.90 3.63 25.23
C SER B 171 2.54 4.91 24.44
N SER B 172 2.56 4.80 23.11
CA SER B 172 2.25 5.94 22.24
C SER B 172 0.78 6.35 22.34
N THR B 173 -0.13 5.37 22.38
CA THR B 173 -1.57 5.65 22.55
C THR B 173 -1.86 6.25 23.92
N THR B 174 -1.11 5.85 24.94
CA THR B 174 -1.24 6.43 26.27
C THR B 174 -0.89 7.91 26.27
N ASN B 175 0.23 8.24 25.62
CA ASN B 175 0.65 9.65 25.49
C ASN B 175 -0.35 10.50 24.68
N CYS B 176 -1.05 9.87 23.74
CA CYS B 176 -2.12 10.54 22.99
C CYS B 176 -3.35 10.76 23.86
N LEU B 177 -3.82 9.68 24.47
CA LEU B 177 -5.07 9.69 25.23
C LEU B 177 -5.01 10.53 26.49
N ALA B 178 -3.93 10.38 27.25
CA ALA B 178 -3.80 10.97 28.59
C ALA B 178 -4.19 12.46 28.71
N PRO B 179 -3.53 13.36 27.95
CA PRO B 179 -3.90 14.78 28.08
C PRO B 179 -5.34 15.10 27.64
N MET B 180 -5.83 14.38 26.65
CA MET B 180 -7.20 14.54 26.17
C MET B 180 -8.22 14.08 27.23
N ALA B 181 -7.95 12.94 27.86
CA ALA B 181 -8.82 12.42 28.92
C ALA B 181 -8.75 13.27 30.20
N LYS B 182 -7.56 13.74 30.57
CA LYS B 182 -7.42 14.58 31.75
C LYS B 182 -8.14 15.92 31.60
N ALA B 183 -8.06 16.50 30.40
CA ALA B 183 -8.79 17.73 30.10
C ALA B 183 -10.30 17.56 30.31
N LEU B 184 -10.84 16.42 29.89
CA LEU B 184 -12.26 16.08 30.13
C LEU B 184 -12.59 15.96 31.61
N GLN B 185 -11.73 15.24 32.34
CA GLN B 185 -11.91 15.02 33.77
C GLN B 185 -11.93 16.33 34.54
N ASP B 186 -10.87 17.12 34.38
CA ASP B 186 -10.70 18.39 35.11
C ASP B 186 -11.82 19.39 34.85
N ASN B 187 -12.32 19.45 33.62
CA ASN B 187 -13.38 20.39 33.26
C ASN B 187 -14.78 19.90 33.58
N PHE B 188 -15.07 18.66 33.19
CA PHE B 188 -16.45 18.14 33.20
C PHE B 188 -16.69 16.94 34.11
N GLY B 189 -15.62 16.22 34.45
CA GLY B 189 -15.73 14.96 35.19
C GLY B 189 -16.14 13.84 34.27
N VAL B 190 -15.40 12.73 34.32
CA VAL B 190 -15.64 11.57 33.46
C VAL B 190 -16.27 10.44 34.29
N LYS B 191 -17.37 9.89 33.80
CA LYS B 191 -18.02 8.71 34.42
C LYS B 191 -17.35 7.42 33.91
N GLN B 192 -17.42 7.21 32.60
CA GLN B 192 -16.78 6.06 31.94
C GLN B 192 -16.53 6.38 30.46
N GLY B 193 -15.66 5.60 29.82
CA GLY B 193 -15.36 5.79 28.41
C GLY B 193 -14.81 4.58 27.68
N LEU B 194 -15.11 4.50 26.37
CA LEU B 194 -14.54 3.48 25.47
C LEU B 194 -13.75 4.10 24.33
N MET B 195 -12.60 3.50 24.06
CA MET B 195 -11.60 4.05 23.16
C MET B 195 -11.32 3.11 21.98
N THR B 196 -11.18 3.69 20.79
CA THR B 196 -10.67 2.99 19.63
C THR B 196 -9.53 3.79 19.00
N THR B 197 -8.35 3.17 18.89
CA THR B 197 -7.23 3.75 18.13
C THR B 197 -7.13 3.15 16.72
N ILE B 198 -7.21 4.00 15.69
CA ILE B 198 -6.98 3.61 14.31
C ILE B 198 -5.48 3.89 14.09
N HIS B 199 -4.72 2.80 14.07
CA HIS B 199 -3.30 2.81 14.34
C HIS B 199 -2.49 2.31 13.14
N ALA B 200 -1.32 2.91 12.92
CA ALA B 200 -0.39 2.44 11.89
C ALA B 200 0.06 1.02 12.22
N TYR B 201 0.52 0.30 11.20
CA TYR B 201 1.11 -1.01 11.45
C TYR B 201 2.48 -0.86 12.10
N THR B 202 2.92 -1.90 12.81
CA THR B 202 4.20 -1.87 13.54
C THR B 202 5.03 -3.12 13.28
N GLY B 203 6.28 -3.08 13.76
CA GLY B 203 7.24 -4.16 13.58
C GLY B 203 6.84 -5.52 14.10
N ASP B 204 6.00 -5.57 15.15
CA ASP B 204 5.53 -6.87 15.68
C ASP B 204 4.39 -7.51 14.87
N GLN B 205 3.94 -6.85 13.80
CA GLN B 205 3.09 -7.48 12.79
C GLN B 205 3.96 -8.11 11.70
N MET B 206 3.39 -9.10 11.04
CA MET B 206 4.06 -9.81 9.97
C MET B 206 3.87 -9.07 8.64
N ILE B 207 4.93 -9.02 7.83
CA ILE B 207 4.86 -8.38 6.51
C ILE B 207 3.92 -9.12 5.56
N LEU B 208 3.93 -10.46 5.64
CA LEU B 208 2.98 -11.30 4.94
C LEU B 208 2.48 -12.38 5.91
N ASP B 209 1.29 -12.92 5.63
CA ASP B 209 0.70 -13.99 6.45
C ASP B 209 1.75 -15.01 6.86
N GLY B 210 1.96 -15.19 8.17
CA GLY B 210 2.88 -16.21 8.66
C GLY B 210 2.80 -16.38 10.16
N PRO B 211 3.45 -17.45 10.70
CA PRO B 211 3.37 -17.73 12.14
C PRO B 211 3.91 -16.59 13.00
N HIS B 212 3.06 -16.04 13.84
CA HIS B 212 3.43 -14.99 14.78
C HIS B 212 4.07 -15.60 16.03
N ARG B 213 5.28 -15.17 16.34
CA ARG B 213 6.02 -15.72 17.48
C ARG B 213 5.36 -15.45 18.84
N GLY B 214 4.55 -14.41 18.93
CA GLY B 214 3.73 -14.14 20.11
C GLY B 214 2.39 -14.86 20.23
N GLY B 215 2.05 -15.72 19.28
CA GLY B 215 0.79 -16.48 19.31
C GLY B 215 -0.47 -15.75 18.88
N ASP B 216 -0.37 -14.47 18.53
CA ASP B 216 -1.50 -13.67 18.09
C ASP B 216 -1.90 -14.00 16.63
N LEU B 217 -3.14 -14.45 16.45
CA LEU B 217 -3.62 -14.85 15.13
C LEU B 217 -3.94 -13.70 14.17
N ARG B 218 -3.99 -12.49 14.70
CA ARG B 218 -4.23 -11.31 13.89
C ARG B 218 -2.94 -10.56 13.50
N ARG B 219 -2.00 -10.46 14.43
CA ARG B 219 -0.65 -9.95 14.10
C ARG B 219 0.11 -10.87 13.16
N ALA B 220 -0.30 -12.13 13.12
CA ALA B 220 0.14 -13.10 12.09
C ALA B 220 -0.11 -12.68 10.64
N ARG B 221 -1.11 -11.83 10.44
CA ARG B 221 -1.53 -11.45 9.09
C ARG B 221 -0.78 -10.26 8.51
N ALA B 222 -0.77 -10.20 7.17
CA ALA B 222 -0.09 -9.15 6.41
C ALA B 222 -0.56 -7.75 6.81
N GLY B 223 0.31 -7.04 7.53
CA GLY B 223 -0.06 -5.77 8.16
C GLY B 223 -0.27 -4.59 7.22
N ALA B 224 0.42 -4.59 6.09
CA ALA B 224 0.28 -3.52 5.11
C ALA B 224 -0.78 -3.83 4.05
N ALA B 225 -1.57 -4.89 4.24
CA ALA B 225 -2.66 -5.24 3.30
C ALA B 225 -4.01 -5.57 3.96
N ASN B 226 -4.22 -5.12 5.19
CA ASN B 226 -5.37 -5.50 6.00
C ASN B 226 -5.72 -4.45 7.04
N ILE B 227 -7.03 -4.34 7.33
CA ILE B 227 -7.50 -3.77 8.60
C ILE B 227 -7.44 -4.91 9.62
N VAL B 228 -6.63 -4.73 10.67
CA VAL B 228 -6.36 -5.79 11.66
C VAL B 228 -6.75 -5.34 13.07
N PRO B 229 -7.84 -5.92 13.64
CA PRO B 229 -8.19 -5.65 15.04
C PRO B 229 -7.11 -6.13 15.99
N ASN B 230 -6.96 -5.43 17.10
CA ASN B 230 -5.95 -5.81 18.08
C ASN B 230 -6.15 -5.11 19.42
N SER B 231 -5.51 -5.65 20.45
CA SER B 231 -5.50 -5.05 21.78
C SER B 231 -4.62 -3.79 21.78
N THR B 232 -4.74 -3.00 22.84
CA THR B 232 -3.98 -1.74 22.98
C THR B 232 -3.43 -1.58 24.40
N GLY B 233 -2.18 -1.09 24.45
CA GLY B 233 -1.43 -0.93 25.71
C GLY B 233 -1.81 0.25 26.56
N ALA B 234 -2.89 0.96 26.20
CA ALA B 234 -3.38 2.12 26.94
C ALA B 234 -4.64 1.80 27.78
N ALA B 235 -5.03 0.53 27.90
CA ALA B 235 -6.39 0.26 28.46
C ALA B 235 -6.35 0.04 29.94
N ILE B 238 -3.84 3.27 31.81
CA ILE B 238 -4.20 4.70 31.95
C ILE B 238 -4.42 5.17 33.38
N GLY B 239 -4.90 4.28 34.24
CA GLY B 239 -5.05 4.56 35.68
C GLY B 239 -3.72 4.82 36.39
N LEU B 240 -2.63 4.27 35.85
CA LEU B 240 -1.28 4.57 36.35
C LEU B 240 -0.86 6.03 36.10
N VAL B 241 -1.39 6.64 35.04
CA VAL B 241 -1.08 8.03 34.66
C VAL B 241 -2.08 9.03 35.26
N ILE B 242 -3.37 8.68 35.23
CA ILE B 242 -4.46 9.47 35.80
C ILE B 242 -5.19 8.56 36.81
N PRO B 243 -4.76 8.58 38.09
CA PRO B 243 -5.30 7.66 39.13
C PRO B 243 -6.83 7.70 39.27
N GLU B 244 -7.42 8.89 39.25
CA GLU B 244 -8.88 9.06 39.39
C GLU B 244 -9.72 8.40 38.31
N LEU B 245 -9.14 8.16 37.14
CA LEU B 245 -9.82 7.46 36.04
C LEU B 245 -9.61 5.95 36.02
N ASN B 246 -8.92 5.41 37.02
CA ASN B 246 -8.59 3.99 37.02
C ASN B 246 -9.83 3.10 36.98
N GLY B 247 -9.84 2.13 36.07
CA GLY B 247 -10.99 1.25 35.87
C GLY B 247 -12.20 1.84 35.15
N LYS B 248 -12.13 3.13 34.79
CA LYS B 248 -13.25 3.81 34.11
C LYS B 248 -13.13 3.82 32.59
N LEU B 249 -11.94 3.49 32.07
CA LEU B 249 -11.66 3.48 30.64
C LEU B 249 -11.16 2.12 30.17
N ASP B 250 -11.62 1.71 29.01
CA ASP B 250 -11.13 0.50 28.33
C ASP B 250 -11.14 0.76 26.82
N GLY B 251 -10.44 -0.06 26.04
CA GLY B 251 -10.45 0.11 24.60
C GLY B 251 -9.67 -0.89 23.78
N ALA B 252 -9.59 -0.61 22.49
CA ALA B 252 -9.04 -1.55 21.50
C ALA B 252 -8.48 -0.79 20.31
N ALA B 253 -7.83 -1.53 19.40
CA ALA B 253 -7.20 -0.94 18.23
C ALA B 253 -7.72 -1.52 16.93
N GLN B 254 -7.58 -0.72 15.87
CA GLN B 254 -7.69 -1.19 14.48
C GLN B 254 -6.40 -0.80 13.77
N ARG B 255 -5.53 -1.78 13.54
CA ARG B 255 -4.28 -1.60 12.81
C ARG B 255 -4.55 -1.51 11.31
N VAL B 256 -4.05 -0.46 10.65
CA VAL B 256 -4.38 -0.19 9.23
C VAL B 256 -3.14 0.11 8.37
N PRO B 257 -3.24 -0.03 7.03
CA PRO B 257 -2.02 0.09 6.19
C PRO B 257 -1.42 1.49 5.97
N VAL B 258 -0.84 2.07 7.02
CA VAL B 258 0.12 3.18 6.87
C VAL B 258 1.36 2.83 7.73
N PRO B 259 2.58 3.16 7.24
CA PRO B 259 3.80 2.74 7.92
C PRO B 259 4.11 3.50 9.23
N THR B 260 3.54 4.69 9.38
CA THR B 260 3.42 5.34 10.68
C THR B 260 2.29 6.38 10.65
N GLY B 261 1.84 6.78 11.83
CA GLY B 261 0.79 7.79 12.00
C GLY B 261 -0.50 7.15 12.46
N SER B 262 -1.12 7.73 13.48
CA SER B 262 -2.30 7.13 14.13
C SER B 262 -3.28 8.18 14.65
N VAL B 263 -4.46 7.72 15.06
CA VAL B 263 -5.49 8.60 15.65
C VAL B 263 -6.31 7.85 16.71
N THR B 264 -6.54 8.48 17.86
CA THR B 264 -7.32 7.91 18.95
C THR B 264 -8.67 8.59 19.06
N GLU B 265 -9.73 7.77 18.98
CA GLU B 265 -11.10 8.19 19.23
C GLU B 265 -11.52 7.73 20.64
N LEU B 266 -12.15 8.63 21.39
CA LEU B 266 -12.72 8.29 22.70
C LEU B 266 -14.20 8.67 22.74
N VAL B 267 -15.06 7.70 23.05
CA VAL B 267 -16.47 7.94 23.33
C VAL B 267 -16.67 7.81 24.84
N ALA B 268 -17.28 8.82 25.46
CA ALA B 268 -17.42 8.89 26.91
C ALA B 268 -18.73 9.53 27.40
N THR B 269 -19.13 9.14 28.61
CA THR B 269 -20.20 9.82 29.36
C THR B 269 -19.54 10.72 30.41
N LEU B 270 -20.12 11.90 30.59
CA LEU B 270 -19.58 12.91 31.50
C LEU B 270 -20.54 13.25 32.66
N GLU B 271 -19.98 13.84 33.71
CA GLU B 271 -20.73 14.23 34.90
C GLU B 271 -21.60 15.48 34.60
N LYS B 272 -21.07 16.43 33.83
CA LYS B 272 -21.80 17.65 33.43
C LYS B 272 -22.30 17.59 31.98
N ASP B 273 -23.36 18.34 31.70
CA ASP B 273 -23.83 18.55 30.34
C ASP B 273 -22.87 19.51 29.64
N VAL B 274 -22.65 19.27 28.35
CA VAL B 274 -21.70 20.05 27.54
C VAL B 274 -22.20 20.31 26.12
N THR B 275 -21.56 21.26 25.45
CA THR B 275 -21.72 21.48 24.00
C THR B 275 -20.38 21.22 23.30
N VAL B 276 -20.45 21.05 21.99
CA VAL B 276 -19.24 20.86 21.15
C VAL B 276 -18.25 22.00 21.34
N GLU B 277 -18.76 23.22 21.44
CA GLU B 277 -17.93 24.42 21.57
C GLU B 277 -17.18 24.44 22.90
N GLU B 278 -17.87 24.05 23.98
CA GLU B 278 -17.28 23.96 25.32
C GLU B 278 -16.14 22.94 25.39
N VAL B 279 -16.34 21.79 24.73
CA VAL B 279 -15.35 20.72 24.71
C VAL B 279 -14.07 21.18 24.00
N ASN B 280 -14.24 21.65 22.76
CA ASN B 280 -13.12 22.20 21.98
C ASN B 280 -12.36 23.32 22.72
N ALA B 281 -13.12 24.23 23.35
CA ALA B 281 -12.53 25.33 24.14
C ALA B 281 -11.70 24.81 25.33
N ALA B 282 -12.19 23.78 26.00
CA ALA B 282 -11.44 23.14 27.11
C ALA B 282 -10.11 22.56 26.64
N MET B 283 -10.13 21.93 25.46
CA MET B 283 -8.93 21.33 24.86
C MET B 283 -7.89 22.36 24.42
N LYS B 284 -8.37 23.46 23.84
CA LYS B 284 -7.50 24.57 23.47
C LYS B 284 -6.83 25.21 24.69
N ALA B 285 -7.61 25.40 25.75
CA ALA B 285 -7.10 25.91 27.03
C ALA B 285 -6.04 24.99 27.65
N ALA B 286 -6.19 23.68 27.46
CA ALA B 286 -5.24 22.68 27.95
C ALA B 286 -3.96 22.52 27.10
N ALA B 287 -3.88 23.24 25.99
CA ALA B 287 -2.79 23.04 25.03
C ALA B 287 -1.44 23.50 25.58
N ASN B 288 -0.39 22.78 25.19
CA ASN B 288 1.01 23.10 25.55
C ASN B 288 1.99 22.43 24.55
N ASP B 289 3.27 22.31 24.92
CA ASP B 289 4.26 21.60 24.08
C ASP B 289 3.94 20.12 23.81
N SER B 290 3.34 19.44 24.79
CA SER B 290 2.92 18.05 24.63
C SER B 290 1.56 17.92 23.91
N TYR B 291 0.57 18.71 24.34
CA TYR B 291 -0.81 18.61 23.83
C TYR B 291 -1.12 19.74 22.83
N GLY B 292 -1.21 19.38 21.55
CA GLY B 292 -1.51 20.35 20.49
C GLY B 292 -3.00 20.55 20.24
N TYR B 293 -3.32 21.60 19.49
CA TYR B 293 -4.71 21.91 19.11
C TYR B 293 -4.78 22.31 17.63
N THR B 294 -5.80 21.82 16.92
CA THR B 294 -5.99 22.21 15.52
C THR B 294 -7.46 22.19 15.13
N GLU B 295 -7.83 23.12 14.24
CA GLU B 295 -9.15 23.16 13.62
C GLU B 295 -9.11 22.93 12.08
N ASP B 296 -7.95 22.51 11.57
CA ASP B 296 -7.76 22.18 10.14
C ASP B 296 -8.12 20.71 9.86
N PRO B 297 -8.81 20.45 8.75
CA PRO B 297 -9.20 19.06 8.43
C PRO B 297 -8.04 18.24 7.85
N ILE B 298 -7.16 17.81 8.75
CA ILE B 298 -5.91 17.12 8.38
C ILE B 298 -6.09 15.62 8.26
N VAL B 299 -5.06 14.97 7.70
CA VAL B 299 -5.01 13.51 7.56
C VAL B 299 -3.71 12.99 8.16
N SER B 300 -3.55 11.67 8.22
CA SER B 300 -2.45 11.05 8.97
C SER B 300 -1.05 11.51 8.53
N SER B 301 -0.83 11.68 7.24
CA SER B 301 0.49 12.10 6.73
C SER B 301 0.91 13.49 7.26
N ASP B 302 -0.05 14.33 7.61
CA ASP B 302 0.22 15.67 8.15
C ASP B 302 0.76 15.65 9.57
N ILE B 303 0.63 14.54 10.28
CA ILE B 303 1.18 14.44 11.65
C ILE B 303 2.49 13.64 11.74
N VAL B 304 3.03 13.19 10.61
CA VAL B 304 4.27 12.40 10.62
C VAL B 304 5.41 13.32 11.00
N GLY B 305 6.14 12.96 12.05
CA GLY B 305 7.29 13.72 12.50
C GLY B 305 7.02 14.86 13.47
N ILE B 306 5.76 15.06 13.88
CA ILE B 306 5.43 16.14 14.83
C ILE B 306 6.01 15.86 16.22
N SER B 307 6.20 16.93 16.99
CA SER B 307 6.80 16.87 18.32
C SER B 307 5.76 16.85 19.45
N TYR B 308 4.50 17.16 19.12
CA TYR B 308 3.40 16.98 20.06
C TYR B 308 3.25 15.48 20.37
N GLY B 309 2.98 15.18 21.63
CA GLY B 309 2.61 13.81 22.03
C GLY B 309 1.17 13.48 21.64
N SER B 310 0.36 14.51 21.49
CA SER B 310 -1.06 14.38 21.22
C SER B 310 -1.53 15.67 20.56
N LEU B 311 -2.32 15.56 19.49
CA LEU B 311 -2.80 16.73 18.75
C LEU B 311 -4.32 16.63 18.61
N PHE B 312 -5.04 17.36 19.46
CA PHE B 312 -6.51 17.35 19.44
C PHE B 312 -7.07 17.93 18.15
N ASP B 313 -8.04 17.23 17.56
CA ASP B 313 -8.68 17.65 16.32
C ASP B 313 -10.14 18.04 16.59
N ALA B 314 -10.37 19.35 16.65
CA ALA B 314 -11.70 19.90 16.89
C ALA B 314 -12.71 19.58 15.81
N THR B 315 -12.25 19.30 14.59
CA THR B 315 -13.17 19.03 13.47
C THR B 315 -13.94 17.71 13.64
N GLN B 316 -13.43 16.81 14.47
CA GLN B 316 -14.03 15.48 14.67
C GLN B 316 -14.86 15.36 15.96
N THR B 317 -14.91 16.43 16.75
CA THR B 317 -15.68 16.43 18.00
C THR B 317 -17.17 16.23 17.74
N LYS B 318 -17.79 15.35 18.54
CA LYS B 318 -19.25 15.13 18.53
C LYS B 318 -19.80 15.16 19.95
N VAL B 319 -21.00 15.73 20.11
CA VAL B 319 -21.75 15.69 21.37
C VAL B 319 -23.19 15.32 21.05
N GLN B 320 -23.52 14.04 21.22
CA GLN B 320 -24.85 13.55 20.90
C GLN B 320 -25.73 13.65 22.12
N THR B 321 -26.90 14.26 21.98
CA THR B 321 -27.86 14.40 23.08
C THR B 321 -29.17 13.70 22.71
N VAL B 322 -29.54 12.67 23.48
CA VAL B 322 -30.77 11.92 23.24
C VAL B 322 -31.50 11.72 24.59
N ASP B 323 -32.67 12.36 24.71
CA ASP B 323 -33.53 12.29 25.90
C ASP B 323 -32.81 12.74 27.18
N GLY B 324 -32.12 13.87 27.13
CA GLY B 324 -31.40 14.40 28.30
C GLY B 324 -30.01 13.83 28.53
N ASN B 325 -29.72 12.70 27.91
CA ASN B 325 -28.45 11.98 28.05
C ASN B 325 -27.50 12.27 26.92
N GLN B 326 -26.21 12.32 27.27
CA GLN B 326 -25.17 12.71 26.34
C GLN B 326 -24.10 11.65 26.21
N LEU B 327 -23.77 11.32 24.96
CA LEU B 327 -22.50 10.67 24.58
C LEU B 327 -21.59 11.69 23.92
N VAL B 328 -20.33 11.73 24.36
CA VAL B 328 -19.34 12.71 23.90
C VAL B 328 -18.19 11.98 23.23
N LYS B 329 -17.88 12.40 22.00
CA LYS B 329 -16.79 11.85 21.19
C LYS B 329 -15.69 12.90 20.99
N VAL B 330 -14.45 12.52 21.33
CA VAL B 330 -13.28 13.38 21.19
C VAL B 330 -12.15 12.60 20.55
N VAL B 331 -11.41 13.26 19.65
CA VAL B 331 -10.46 12.60 18.78
C VAL B 331 -9.15 13.40 18.76
N SER B 332 -8.03 12.69 18.85
CA SER B 332 -6.70 13.30 18.82
C SER B 332 -5.71 12.50 17.97
N TRP B 333 -4.92 13.20 17.16
CA TRP B 333 -3.91 12.59 16.31
C TRP B 333 -2.60 12.36 17.07
N TYR B 334 -1.81 11.41 16.59
CA TYR B 334 -0.45 11.20 17.08
C TYR B 334 0.38 10.38 16.11
N ASP B 335 1.64 10.78 15.92
CA ASP B 335 2.61 9.95 15.22
C ASP B 335 3.16 8.97 16.25
N ASN B 336 2.60 7.77 16.26
CA ASN B 336 3.07 6.72 17.17
C ASN B 336 4.60 6.64 17.28
N GLU B 337 5.31 6.92 16.20
CA GLU B 337 6.77 7.02 16.24
C GLU B 337 7.26 8.33 16.91
N MET B 338 7.22 9.44 16.19
CA MET B 338 7.87 10.69 16.65
C MET B 338 7.15 11.42 17.79
N SER B 339 5.82 11.32 17.86
CA SER B 339 5.08 11.92 18.99
C SER B 339 5.51 11.29 20.31
N TYR B 340 5.54 9.96 20.33
CA TYR B 340 5.97 9.22 21.51
C TYR B 340 7.42 9.53 21.84
N THR B 341 8.28 9.50 20.81
CA THR B 341 9.71 9.72 20.96
C THR B 341 10.00 11.11 21.54
N SER B 342 9.24 12.11 21.10
CA SER B 342 9.35 13.46 21.64
C SER B 342 9.04 13.49 23.12
N GLN B 343 7.95 12.84 23.50
CA GLN B 343 7.56 12.69 24.91
C GLN B 343 8.60 11.90 25.71
N LEU B 344 9.08 10.82 25.13
CA LEU B 344 10.11 9.97 25.76
C LEU B 344 11.36 10.76 26.14
N VAL B 345 11.87 11.53 25.18
CA VAL B 345 13.08 12.34 25.35
C VAL B 345 12.85 13.49 26.34
N ARG B 346 11.68 14.11 26.31
CA ARG B 346 11.30 15.14 27.29
C ARG B 346 11.34 14.57 28.71
N THR B 347 10.76 13.38 28.89
CA THR B 347 10.78 12.65 30.15
C THR B 347 12.23 12.24 30.53
N LEU B 348 13.01 11.78 29.56
CA LEU B 348 14.42 11.40 29.80
C LEU B 348 15.24 12.59 30.27
N GLU B 349 15.09 13.71 29.57
CA GLU B 349 15.81 14.94 29.90
C GLU B 349 15.54 15.37 31.33
N TYR B 350 14.26 15.45 31.69
CA TYR B 350 13.84 15.85 33.02
C TYR B 350 14.31 14.87 34.10
N PHE B 351 14.20 13.58 33.82
CA PHE B 351 14.63 12.52 34.75
C PHE B 351 16.13 12.55 35.00
N ALA B 352 16.90 12.86 33.96
CA ALA B 352 18.36 12.94 34.03
C ALA B 352 18.84 14.09 34.93
N LYS B 353 18.08 15.18 34.91
CA LYS B 353 18.38 16.41 35.63
C LYS B 353 18.15 16.28 37.14
N ILE B 354 17.23 15.41 37.56
CA ILE B 354 16.91 15.21 38.99
C ILE B 354 17.48 13.92 39.63
N ALA B 355 18.66 13.48 39.20
CA ALA B 355 19.17 12.16 39.62
C ALA B 355 19.73 12.17 41.05
N VAL C 22 13.06 41.56 -10.83
CA VAL C 22 12.08 40.53 -10.36
C VAL C 22 11.07 40.19 -11.46
N VAL C 23 11.22 39.03 -12.07
CA VAL C 23 10.28 38.56 -13.10
C VAL C 23 9.06 37.91 -12.42
N LYS C 24 7.87 38.32 -12.85
CA LYS C 24 6.62 37.85 -12.24
C LYS C 24 6.01 36.71 -13.06
N VAL C 25 5.73 35.60 -12.37
CA VAL C 25 5.31 34.36 -12.99
C VAL C 25 3.86 34.04 -12.65
N GLY C 26 3.19 33.34 -13.56
CA GLY C 26 1.85 32.80 -13.33
C GLY C 26 1.83 31.28 -13.45
N ILE C 27 1.04 30.63 -12.60
CA ILE C 27 0.89 29.17 -12.63
C ILE C 27 -0.51 28.81 -13.09
N ASN C 28 -0.60 28.10 -14.22
CA ASN C 28 -1.86 27.52 -14.66
C ASN C 28 -1.85 26.04 -14.33
N GLY C 29 -2.73 25.65 -13.42
CA GLY C 29 -2.79 24.28 -12.90
C GLY C 29 -1.97 24.13 -11.63
N PHE C 30 -2.61 24.38 -10.49
CA PHE C 30 -1.96 24.35 -9.16
C PHE C 30 -1.99 22.93 -8.59
N GLY C 31 -1.48 21.98 -9.39
CA GLY C 31 -1.50 20.56 -9.06
C GLY C 31 -0.23 20.16 -8.37
N ARG C 32 0.21 18.92 -8.58
CA ARG C 32 1.41 18.42 -7.92
C ARG C 32 2.63 19.24 -8.32
N ILE C 33 2.86 19.39 -9.62
CA ILE C 33 4.01 20.14 -10.14
C ILE C 33 3.86 21.65 -9.89
N GLY C 34 2.65 22.18 -10.12
CA GLY C 34 2.39 23.59 -9.89
C GLY C 34 2.61 24.04 -8.45
N ARG C 35 2.09 23.28 -7.49
CA ARG C 35 2.29 23.58 -6.07
C ARG C 35 3.75 23.44 -5.63
N LEU C 36 4.44 22.42 -6.10
CA LEU C 36 5.84 22.25 -5.77
C LEU C 36 6.72 23.29 -6.45
N ALA C 37 6.42 23.65 -7.68
CA ALA C 37 7.08 24.78 -8.34
C ALA C 37 6.94 26.05 -7.50
N PHE C 38 5.70 26.34 -7.08
CA PHE C 38 5.43 27.48 -6.18
C PHE C 38 6.32 27.47 -4.93
N ARG C 39 6.45 26.31 -4.32
CA ARG C 39 7.29 26.14 -3.12
C ARG C 39 8.74 26.50 -3.38
N ARG C 40 9.31 25.96 -4.45
CA ARG C 40 10.71 26.22 -4.78
C ARG C 40 10.99 27.68 -5.12
N ILE C 41 10.04 28.33 -5.80
CA ILE C 41 10.13 29.75 -6.20
C ILE C 41 10.27 30.70 -4.98
N GLN C 42 9.76 30.28 -3.82
CA GLN C 42 9.97 31.00 -2.55
C GLN C 42 11.45 31.25 -2.24
N ASN C 43 12.32 30.33 -2.62
CA ASN C 43 13.78 30.46 -2.44
C ASN C 43 14.55 30.79 -3.73
N VAL C 44 13.89 31.44 -4.69
CA VAL C 44 14.54 31.95 -5.89
C VAL C 44 14.27 33.44 -5.90
N GLU C 45 15.35 34.22 -5.76
CA GLU C 45 15.27 35.67 -5.70
C GLU C 45 15.16 36.13 -7.15
N GLY C 46 14.24 37.05 -7.41
CA GLY C 46 14.02 37.55 -8.76
C GLY C 46 13.00 36.78 -9.58
N VAL C 47 12.47 35.68 -9.01
CA VAL C 47 11.27 35.03 -9.52
C VAL C 47 10.23 35.01 -8.41
N GLU C 48 8.99 35.32 -8.80
CA GLU C 48 7.89 35.54 -7.86
C GLU C 48 6.54 35.21 -8.52
N VAL C 49 5.70 34.45 -7.82
CA VAL C 49 4.38 34.07 -8.34
C VAL C 49 3.32 35.03 -7.81
N THR C 50 2.66 35.72 -8.73
CA THR C 50 1.62 36.71 -8.39
C THR C 50 0.21 36.30 -8.77
N ARG C 51 0.05 35.19 -9.50
CA ARG C 51 -1.26 34.75 -10.00
C ARG C 51 -1.29 33.24 -10.19
N ILE C 52 -2.34 32.61 -9.68
CA ILE C 52 -2.59 31.18 -9.82
C ILE C 52 -3.95 31.00 -10.48
N ASN C 53 -4.02 30.10 -11.45
CA ASN C 53 -5.28 29.75 -12.09
C ASN C 53 -5.53 28.23 -12.06
N ASP C 54 -6.72 27.85 -11.60
CA ASP C 54 -7.11 26.45 -11.48
C ASP C 54 -8.63 26.32 -11.75
N LEU C 55 -9.31 25.33 -11.15
CA LEU C 55 -10.75 25.12 -11.35
C LEU C 55 -11.51 25.09 -10.03
N THR C 56 -10.97 25.77 -9.02
CA THR C 56 -11.52 25.65 -7.66
C THR C 56 -11.36 26.95 -6.86
N ASP C 57 -11.92 26.95 -5.66
CA ASP C 57 -11.87 28.11 -4.75
C ASP C 57 -10.53 28.20 -4.01
N PRO C 58 -10.15 29.41 -3.55
CA PRO C 58 -8.83 29.57 -2.90
C PRO C 58 -8.63 28.76 -1.61
N ASN C 59 -9.70 28.45 -0.89
CA ASN C 59 -9.57 27.66 0.32
C ASN C 59 -9.02 26.25 0.07
N MET C 60 -9.51 25.62 -0.99
CA MET C 60 -9.02 24.31 -1.44
C MET C 60 -7.53 24.38 -1.77
N LEU C 61 -7.15 25.35 -2.59
CA LEU C 61 -5.75 25.51 -2.99
C LEU C 61 -4.82 25.88 -1.83
N ALA C 62 -5.28 26.76 -0.96
CA ALA C 62 -4.52 27.14 0.24
C ALA C 62 -4.25 25.93 1.14
N HIS C 63 -5.27 25.08 1.30
CA HIS C 63 -5.15 23.87 2.10
C HIS C 63 -4.17 22.87 1.48
N LEU C 64 -4.26 22.67 0.17
CA LEU C 64 -3.35 21.76 -0.55
C LEU C 64 -1.90 22.26 -0.60
N LEU C 65 -1.70 23.56 -0.49
CA LEU C 65 -0.33 24.11 -0.38
C LEU C 65 0.26 23.85 1.01
N LYS C 66 -0.53 24.10 2.06
CA LYS C 66 -0.12 23.89 3.46
C LYS C 66 0.30 22.47 3.78
N TYR C 67 -0.54 21.54 3.34
CA TYR C 67 -0.42 20.12 3.69
C TYR C 67 -0.18 19.26 2.44
N ASP C 68 0.83 18.40 2.53
CA ASP C 68 1.30 17.62 1.39
C ASP C 68 1.72 16.22 1.85
N THR C 69 1.00 15.22 1.35
CA THR C 69 1.16 13.83 1.77
C THR C 69 2.60 13.36 1.67
N THR C 70 3.18 13.52 0.49
CA THR C 70 4.52 13.01 0.18
C THR C 70 5.67 14.01 0.40
N GLN C 71 5.37 15.32 0.34
CA GLN C 71 6.41 16.36 0.36
C GLN C 71 6.44 17.19 1.63
N GLY C 72 5.58 16.88 2.61
CA GLY C 72 5.63 17.49 3.93
C GLY C 72 4.91 18.82 4.02
N ARG C 73 4.76 19.31 5.25
CA ARG C 73 4.12 20.60 5.52
C ARG C 73 4.86 21.76 4.84
N PHE C 74 4.10 22.78 4.46
CA PHE C 74 4.66 23.98 3.86
C PHE C 74 5.55 24.71 4.87
N ASP C 75 6.73 25.12 4.41
CA ASP C 75 7.66 25.87 5.24
C ASP C 75 7.33 27.36 5.23
N GLY C 76 6.33 27.73 6.02
CA GLY C 76 5.85 29.11 6.10
C GLY C 76 4.40 29.22 6.55
N THR C 77 3.82 30.40 6.37
CA THR C 77 2.42 30.68 6.77
C THR C 77 1.54 30.86 5.56
N VAL C 78 0.35 30.28 5.62
CA VAL C 78 -0.64 30.40 4.55
C VAL C 78 -1.98 30.74 5.19
N GLU C 79 -2.57 31.84 4.75
CA GLU C 79 -3.83 32.34 5.29
C GLU C 79 -4.76 32.70 4.14
N VAL C 80 -6.00 32.21 4.20
CA VAL C 80 -6.96 32.40 3.10
C VAL C 80 -7.54 33.82 3.15
N LYS C 81 -7.70 34.43 1.97
CA LYS C 81 -8.36 35.73 1.82
C LYS C 81 -9.44 35.65 0.75
N GLU C 82 -10.07 36.77 0.46
CA GLU C 82 -11.01 36.84 -0.67
C GLU C 82 -10.25 36.89 -1.99
N GLY C 83 -10.69 36.07 -2.95
CA GLY C 83 -10.10 36.01 -4.29
C GLY C 83 -8.64 35.59 -4.34
N GLY C 84 -8.16 34.93 -3.29
CA GLY C 84 -6.75 34.53 -3.17
C GLY C 84 -6.33 34.05 -1.79
N PHE C 85 -5.03 33.99 -1.58
CA PHE C 85 -4.46 33.74 -0.24
C PHE C 85 -3.11 34.43 -0.02
N GLU C 86 -2.75 34.59 1.25
CA GLU C 86 -1.48 35.20 1.63
C GLU C 86 -0.44 34.16 2.01
N VAL C 87 0.79 34.31 1.52
CA VAL C 87 1.90 33.43 1.84
C VAL C 87 3.03 34.27 2.45
N ASN C 88 3.30 34.05 3.73
CA ASN C 88 4.26 34.86 4.51
C ASN C 88 3.97 36.36 4.36
N GLY C 89 2.70 36.71 4.47
CA GLY C 89 2.25 38.09 4.31
C GLY C 89 1.88 38.50 2.89
N GLN C 90 2.54 37.95 1.88
CA GLN C 90 2.32 38.36 0.48
C GLN C 90 1.08 37.73 -0.14
N PHE C 91 0.13 38.56 -0.58
CA PHE C 91 -1.10 38.12 -1.25
C PHE C 91 -0.80 37.57 -2.64
N VAL C 92 -1.46 36.47 -2.99
CA VAL C 92 -1.37 35.84 -4.31
C VAL C 92 -2.79 35.64 -4.81
N LYS C 93 -3.08 36.15 -6.00
CA LYS C 93 -4.44 36.09 -6.52
C LYS C 93 -4.74 34.72 -7.10
N VAL C 94 -5.98 34.28 -6.91
CA VAL C 94 -6.46 32.99 -7.39
C VAL C 94 -7.66 33.25 -8.29
N SER C 95 -7.66 32.60 -9.44
CA SER C 95 -8.80 32.61 -10.37
C SER C 95 -9.15 31.18 -10.80
N ALA C 96 -10.33 31.04 -11.40
CA ALA C 96 -10.89 29.73 -11.74
C ALA C 96 -11.38 29.71 -13.19
N GLU C 97 -10.49 30.06 -14.11
N GLU C 97 -10.49 30.06 -14.11
CA GLU C 97 -10.82 30.17 -15.53
CA GLU C 97 -10.79 30.19 -15.55
C GLU C 97 -10.44 28.92 -16.33
C GLU C 97 -10.44 28.90 -16.33
N ARG C 98 -11.45 28.30 -16.94
CA ARG C 98 -11.25 27.09 -17.76
C ARG C 98 -10.39 27.27 -19.00
N GLU C 99 -10.65 28.34 -19.74
CA GLU C 99 -10.01 28.61 -21.02
C GLU C 99 -8.80 29.53 -20.83
N PRO C 100 -7.59 29.08 -21.25
CA PRO C 100 -6.39 29.92 -21.16
C PRO C 100 -6.48 31.28 -21.87
N ALA C 101 -7.28 31.37 -22.94
CA ALA C 101 -7.54 32.63 -23.66
C ALA C 101 -8.18 33.71 -22.78
N ASN C 102 -9.03 33.29 -21.85
CA ASN C 102 -9.74 34.22 -20.96
C ASN C 102 -8.99 34.61 -19.69
N ILE C 103 -7.73 34.19 -19.54
CA ILE C 103 -6.95 34.52 -18.34
C ILE C 103 -6.22 35.84 -18.58
N ASP C 104 -6.55 36.85 -17.77
CA ASP C 104 -5.97 38.20 -17.86
C ASP C 104 -4.66 38.31 -17.07
N TRP C 105 -3.64 37.57 -17.49
CA TRP C 105 -2.36 37.49 -16.77
C TRP C 105 -1.72 38.85 -16.52
N ALA C 106 -1.80 39.73 -17.51
CA ALA C 106 -1.19 41.09 -17.43
C ALA C 106 -1.66 41.93 -16.26
N THR C 107 -2.93 41.76 -15.85
CA THR C 107 -3.46 42.44 -14.66
C THR C 107 -2.53 42.35 -13.45
N ASP C 108 -1.85 41.21 -13.28
CA ASP C 108 -0.96 40.98 -12.14
C ASP C 108 0.53 41.03 -12.49
N GLY C 109 0.86 41.67 -13.62
CA GLY C 109 2.24 41.82 -14.07
C GLY C 109 2.93 40.53 -14.50
N VAL C 110 2.15 39.51 -14.86
CA VAL C 110 2.73 38.21 -15.23
C VAL C 110 3.23 38.25 -16.68
N GLU C 111 4.51 37.92 -16.85
CA GLU C 111 5.14 37.79 -18.17
C GLU C 111 5.25 36.34 -18.64
N ILE C 112 5.66 35.44 -17.76
CA ILE C 112 5.82 34.01 -18.09
C ILE C 112 4.84 33.13 -17.32
N VAL C 113 4.23 32.18 -18.02
CA VAL C 113 3.25 31.28 -17.42
C VAL C 113 3.81 29.87 -17.37
N LEU C 114 3.70 29.23 -16.20
CA LEU C 114 3.90 27.78 -16.07
C LEU C 114 2.61 27.03 -16.38
N GLU C 115 2.59 26.36 -17.53
CA GLU C 115 1.45 25.56 -17.96
C GLU C 115 1.56 24.14 -17.38
N ALA C 116 0.83 23.92 -16.28
CA ALA C 116 0.95 22.71 -15.47
C ALA C 116 -0.38 21.97 -15.28
N THR C 117 -1.34 22.19 -16.17
CA THR C 117 -2.64 21.52 -16.07
C THR C 117 -2.61 20.11 -16.63
N GLY C 118 -1.72 19.90 -17.58
CA GLY C 118 -1.70 18.66 -18.37
C GLY C 118 -2.66 18.61 -19.54
N PHE C 119 -3.39 19.69 -19.79
CA PHE C 119 -4.40 19.75 -20.87
C PHE C 119 -4.03 20.65 -22.07
N PHE C 120 -2.91 21.37 -21.97
CA PHE C 120 -2.52 22.32 -23.02
C PHE C 120 -1.05 22.12 -23.40
N ALA C 121 -0.65 20.86 -23.56
CA ALA C 121 0.76 20.48 -23.78
C ALA C 121 1.08 20.38 -25.27
N SER C 122 0.87 21.49 -25.98
CA SER C 122 1.26 21.63 -27.40
C SER C 122 1.50 23.11 -27.69
N LYS C 123 2.17 23.40 -28.79
CA LYS C 123 2.44 24.79 -29.16
C LYS C 123 1.13 25.56 -29.35
N GLU C 124 0.25 25.03 -30.19
CA GLU C 124 -1.05 25.67 -30.45
C GLU C 124 -1.85 25.99 -29.19
N LYS C 125 -2.03 24.98 -28.33
CA LYS C 125 -2.85 25.12 -27.13
C LYS C 125 -2.20 25.96 -26.03
N ALA C 126 -0.88 25.86 -25.87
CA ALA C 126 -0.15 26.68 -24.90
C ALA C 126 -0.06 28.15 -25.31
N GLU C 127 -0.02 28.40 -26.62
CA GLU C 127 -0.01 29.77 -27.18
C GLU C 127 -1.21 30.62 -26.77
N GLN C 128 -2.36 29.97 -26.62
CA GLN C 128 -3.58 30.59 -26.13
C GLN C 128 -3.43 31.48 -24.87
N HIS C 129 -2.41 31.22 -24.06
CA HIS C 129 -2.00 32.11 -22.94
C HIS C 129 -1.48 33.49 -23.40
N ILE C 130 -0.91 33.55 -24.61
CA ILE C 130 -0.33 34.77 -25.18
C ILE C 130 -1.37 35.50 -26.01
N HIS C 131 -1.78 36.65 -25.51
CA HIS C 131 -2.82 37.48 -26.13
C HIS C 131 -2.72 38.86 -25.47
N GLU C 132 -3.61 39.78 -25.83
CA GLU C 132 -3.66 41.08 -25.16
C GLU C 132 -4.22 40.94 -23.74
N ASN C 133 -3.60 41.62 -22.79
CA ASN C 133 -3.88 41.45 -21.34
C ASN C 133 -3.42 40.12 -20.77
N GLY C 134 -2.71 39.33 -21.58
CA GLY C 134 -2.21 38.04 -21.17
C GLY C 134 -0.71 38.05 -20.97
N ALA C 135 -0.11 36.90 -21.20
CA ALA C 135 1.29 36.68 -20.93
C ALA C 135 2.12 36.84 -22.19
N LYS C 136 3.42 37.00 -22.00
CA LYS C 136 4.38 37.08 -23.10
C LYS C 136 4.92 35.70 -23.51
N LYS C 137 5.26 34.88 -22.52
CA LYS C 137 5.88 33.57 -22.76
C LYS C 137 5.24 32.44 -21.93
N VAL C 138 5.53 31.20 -22.32
CA VAL C 138 4.97 30.01 -21.65
C VAL C 138 6.02 28.89 -21.57
N VAL C 139 6.14 28.30 -20.37
CA VAL C 139 6.92 27.07 -20.16
C VAL C 139 5.94 25.92 -19.86
N ILE C 140 5.88 24.94 -20.77
CA ILE C 140 5.06 23.75 -20.57
C ILE C 140 5.81 22.78 -19.66
N THR C 141 5.12 22.30 -18.61
CA THR C 141 5.72 21.39 -17.62
C THR C 141 5.65 19.92 -18.06
N ALA C 142 5.90 19.66 -19.35
CA ALA C 142 5.69 18.35 -19.96
C ALA C 142 6.21 18.36 -21.40
N PRO C 143 6.37 17.18 -22.03
CA PRO C 143 6.62 17.15 -23.48
C PRO C 143 5.54 17.91 -24.23
N GLY C 144 5.95 18.71 -25.20
CA GLY C 144 5.03 19.61 -25.93
C GLY C 144 5.08 19.54 -27.44
N GLY C 145 5.54 18.41 -27.97
CA GLY C 145 5.69 18.20 -29.41
C GLY C 145 7.08 18.51 -29.94
N ASN C 146 7.31 18.14 -31.20
CA ASN C 146 8.63 18.29 -31.84
C ASN C 146 8.95 19.70 -32.36
N ASP C 147 7.93 20.57 -32.47
CA ASP C 147 8.10 21.97 -32.87
C ASP C 147 8.29 22.94 -31.69
N VAL C 148 8.71 22.42 -30.53
CA VAL C 148 8.89 23.19 -29.31
C VAL C 148 10.22 22.77 -28.70
N LYS C 149 11.09 23.74 -28.46
CA LYS C 149 12.39 23.46 -27.85
C LYS C 149 12.18 22.82 -26.49
N THR C 150 12.80 21.66 -26.30
CA THR C 150 12.62 20.82 -25.11
C THR C 150 13.91 20.80 -24.29
N VAL C 151 13.85 21.30 -23.07
CA VAL C 151 15.04 21.55 -22.27
C VAL C 151 15.12 20.68 -21.01
N VAL C 152 16.25 20.00 -20.88
CA VAL C 152 16.71 19.42 -19.63
C VAL C 152 17.87 20.28 -19.14
N PHE C 153 17.70 20.92 -17.98
CA PHE C 153 18.73 21.83 -17.47
C PHE C 153 20.07 21.12 -17.21
N ASN C 154 21.15 21.88 -17.38
CA ASN C 154 22.54 21.36 -17.36
C ASN C 154 22.85 20.20 -18.32
N THR C 155 22.07 20.08 -19.38
CA THR C 155 22.30 19.09 -20.43
C THR C 155 22.19 19.77 -21.80
N ASN C 156 21.10 20.51 -22.04
CA ASN C 156 20.92 21.24 -23.29
C ASN C 156 20.20 22.59 -23.19
N HIS C 157 20.33 23.29 -22.07
CA HIS C 157 19.75 24.65 -21.97
C HIS C 157 20.51 25.71 -22.80
N ASP C 158 21.66 25.33 -23.37
CA ASP C 158 22.35 26.11 -24.43
C ASP C 158 21.43 26.55 -25.55
N ILE C 159 20.55 25.64 -25.98
CA ILE C 159 19.62 25.89 -27.10
C ILE C 159 18.75 27.15 -26.92
N LEU C 160 18.53 27.60 -25.68
CA LEU C 160 17.72 28.79 -25.45
C LEU C 160 18.48 30.10 -25.76
N ASP C 161 17.87 30.93 -26.60
CA ASP C 161 18.35 32.31 -26.86
C ASP C 161 17.47 33.41 -26.23
N GLY C 162 16.25 33.08 -25.84
CA GLY C 162 15.36 34.02 -25.14
C GLY C 162 14.24 34.63 -25.96
N THR C 163 14.26 34.40 -27.28
CA THR C 163 13.22 34.90 -28.19
C THR C 163 12.00 34.00 -28.27
N GLU C 164 12.10 32.78 -27.73
CA GLU C 164 11.07 31.75 -27.89
C GLU C 164 9.81 32.15 -27.13
N THR C 165 8.65 31.80 -27.68
CA THR C 165 7.36 32.11 -27.04
C THR C 165 6.88 30.93 -26.16
N VAL C 166 7.01 29.71 -26.68
CA VAL C 166 6.62 28.48 -25.99
C VAL C 166 7.82 27.54 -25.88
N ILE C 167 8.12 27.09 -24.67
CA ILE C 167 9.11 26.03 -24.46
C ILE C 167 8.57 24.91 -23.57
N SER C 168 9.21 23.74 -23.67
CA SER C 168 8.91 22.57 -22.84
C SER C 168 10.04 22.31 -21.86
N GLY C 169 9.67 21.93 -20.63
CA GLY C 169 10.63 21.49 -19.62
C GLY C 169 10.85 19.99 -19.61
N ALA C 170 10.38 19.31 -20.65
CA ALA C 170 10.46 17.85 -20.83
C ALA C 170 9.59 17.10 -19.81
N SER C 171 9.74 15.77 -19.73
CA SER C 171 9.12 14.95 -18.68
C SER C 171 10.13 14.63 -17.56
N SER C 172 9.64 14.01 -16.47
CA SER C 172 10.48 13.66 -15.35
C SER C 172 11.48 12.55 -15.67
N THR C 173 11.03 11.54 -16.43
CA THR C 173 11.93 10.47 -16.88
C THR C 173 12.98 10.99 -17.85
N THR C 174 12.61 11.97 -18.67
CA THR C 174 13.57 12.59 -19.58
C THR C 174 14.69 13.29 -18.82
N ASN C 175 14.32 14.06 -17.78
CA ASN C 175 15.31 14.72 -16.93
C ASN C 175 16.21 13.74 -16.17
N CYS C 176 15.69 12.54 -15.87
CA CYS C 176 16.49 11.48 -15.27
C CYS C 176 17.46 10.87 -16.27
N LEU C 177 16.91 10.45 -17.40
CA LEU C 177 17.67 9.71 -18.41
C LEU C 177 18.74 10.55 -19.09
N ALA C 178 18.39 11.78 -19.47
CA ALA C 178 19.24 12.64 -20.31
C ALA C 178 20.71 12.75 -19.87
N PRO C 179 20.97 13.20 -18.63
CA PRO C 179 22.39 13.34 -18.24
C PRO C 179 23.14 12.01 -18.17
N MET C 180 22.43 10.94 -17.79
CA MET C 180 23.02 9.61 -17.71
C MET C 180 23.36 9.09 -19.11
N ALA C 181 22.46 9.31 -20.06
CA ALA C 181 22.69 8.91 -21.45
C ALA C 181 23.78 9.75 -22.15
N LYS C 182 23.79 11.06 -21.91
CA LYS C 182 24.82 11.97 -22.48
C LYS C 182 26.21 11.62 -21.96
N ALA C 183 26.31 11.29 -20.68
CA ALA C 183 27.58 10.85 -20.10
C ALA C 183 28.14 9.61 -20.82
N LEU C 184 27.26 8.66 -21.14
CA LEU C 184 27.65 7.46 -21.90
C LEU C 184 28.12 7.80 -23.30
N GLN C 185 27.35 8.68 -23.98
CA GLN C 185 27.67 9.12 -25.35
C GLN C 185 29.04 9.78 -25.42
N ASP C 186 29.22 10.83 -24.62
CA ASP C 186 30.46 11.62 -24.62
C ASP C 186 31.71 10.82 -24.29
N ASN C 187 31.60 9.86 -23.37
CA ASN C 187 32.76 9.05 -22.96
C ASN C 187 33.01 7.86 -23.89
N PHE C 188 31.96 7.11 -24.19
CA PHE C 188 32.10 5.82 -24.85
C PHE C 188 31.44 5.71 -26.22
N GLY C 189 30.48 6.57 -26.51
CA GLY C 189 29.66 6.46 -27.71
C GLY C 189 28.59 5.39 -27.56
N VAL C 190 27.35 5.75 -27.86
CA VAL C 190 26.20 4.85 -27.71
C VAL C 190 25.75 4.39 -29.10
N LYS C 191 25.60 3.08 -29.27
CA LYS C 191 25.03 2.49 -30.50
C LYS C 191 23.50 2.50 -30.45
N GLN C 192 22.95 1.80 -29.44
CA GLN C 192 21.50 1.75 -29.20
C GLN C 192 21.25 1.42 -27.73
N GLY C 193 20.02 1.66 -27.28
CA GLY C 193 19.62 1.32 -25.92
C GLY C 193 18.13 1.15 -25.66
N LEU C 194 17.80 0.30 -24.69
CA LEU C 194 16.41 0.12 -24.21
C LEU C 194 16.28 0.46 -22.72
N MET C 195 15.19 1.16 -22.42
CA MET C 195 14.96 1.75 -21.12
C MET C 195 13.69 1.22 -20.46
N THR C 196 13.77 0.95 -19.16
CA THR C 196 12.60 0.68 -18.32
C THR C 196 12.61 1.59 -17.09
N THR C 197 11.55 2.38 -16.92
CA THR C 197 11.36 3.15 -15.67
C THR C 197 10.37 2.46 -14.72
N ILE C 198 10.83 2.17 -13.51
CA ILE C 198 9.97 1.65 -12.44
C ILE C 198 9.53 2.89 -11.68
N HIS C 199 8.27 3.25 -11.91
CA HIS C 199 7.75 4.61 -11.71
C HIS C 199 6.62 4.64 -10.69
N ALA C 200 6.58 5.69 -9.89
CA ALA C 200 5.49 5.90 -8.94
C ALA C 200 4.19 6.08 -9.71
N TYR C 201 3.06 5.82 -9.03
CA TYR C 201 1.76 6.10 -9.63
C TYR C 201 1.52 7.61 -9.69
N THR C 202 0.66 8.03 -10.61
CA THR C 202 0.36 9.46 -10.84
C THR C 202 -1.14 9.73 -10.92
N GLY C 203 -1.48 11.02 -10.91
CA GLY C 203 -2.86 11.49 -10.95
C GLY C 203 -3.70 11.04 -12.13
N ASP C 204 -3.08 10.78 -13.29
CA ASP C 204 -3.85 10.28 -14.46
C ASP C 204 -4.16 8.76 -14.40
N GLN C 205 -3.72 8.07 -13.35
CA GLN C 205 -4.21 6.73 -13.04
C GLN C 205 -5.44 6.80 -12.14
N MET C 206 -6.27 5.76 -12.21
CA MET C 206 -7.50 5.67 -11.41
C MET C 206 -7.20 5.09 -10.02
N ILE C 207 -7.85 5.63 -9.00
CA ILE C 207 -7.66 5.17 -7.62
C ILE C 207 -8.18 3.76 -7.45
N LEU C 208 -9.29 3.47 -8.11
CA LEU C 208 -9.84 2.11 -8.19
C LEU C 208 -10.27 1.83 -9.62
N ASP C 209 -10.32 0.55 -9.99
CA ASP C 209 -10.72 0.13 -11.34
C ASP C 209 -11.93 0.95 -11.85
N GLY C 210 -11.76 1.67 -12.95
CA GLY C 210 -12.86 2.42 -13.54
C GLY C 210 -12.53 2.98 -14.91
N PRO C 211 -13.55 3.48 -15.65
CA PRO C 211 -13.32 4.02 -17.00
C PRO C 211 -12.31 5.17 -17.04
N HIS C 212 -11.23 4.97 -17.77
CA HIS C 212 -10.19 5.98 -17.95
C HIS C 212 -10.61 6.92 -19.07
N ARG C 213 -10.65 8.22 -18.77
CA ARG C 213 -11.09 9.22 -19.75
C ARG C 213 -10.18 9.35 -20.98
N GLY C 214 -8.91 8.96 -20.84
CA GLY C 214 -7.97 8.86 -21.97
C GLY C 214 -8.01 7.59 -22.81
N GLY C 215 -8.90 6.64 -22.50
CA GLY C 215 -9.01 5.38 -23.24
C GLY C 215 -8.00 4.28 -22.92
N ASP C 216 -7.05 4.55 -22.03
CA ASP C 216 -6.01 3.58 -21.63
C ASP C 216 -6.55 2.51 -20.68
N LEU C 217 -6.49 1.25 -21.12
CA LEU C 217 -7.04 0.13 -20.34
C LEU C 217 -6.21 -0.27 -19.13
N ARG C 218 -4.98 0.23 -19.04
CA ARG C 218 -4.10 -0.04 -17.91
C ARG C 218 -4.14 1.08 -16.85
N ARG C 219 -4.16 2.33 -17.29
CA ARG C 219 -4.38 3.47 -16.38
C ARG C 219 -5.77 3.46 -15.76
N ALA C 220 -6.70 2.76 -16.41
CA ALA C 220 -8.03 2.44 -15.87
C ALA C 220 -8.00 1.66 -14.54
N ARG C 221 -6.92 0.93 -14.28
CA ARG C 221 -6.81 0.06 -13.11
C ARG C 221 -6.28 0.77 -11.86
N ALA C 222 -6.63 0.20 -10.71
CA ALA C 222 -6.26 0.72 -9.38
C ALA C 222 -4.74 0.86 -9.23
N GLY C 223 -4.27 2.10 -9.27
CA GLY C 223 -2.85 2.40 -9.35
C GLY C 223 -2.04 2.12 -8.11
N ALA C 224 -2.67 2.21 -6.93
CA ALA C 224 -1.99 1.92 -5.66
C ALA C 224 -2.11 0.47 -5.25
N ALA C 225 -2.62 -0.40 -6.13
CA ALA C 225 -2.77 -1.85 -5.81
C ALA C 225 -2.28 -2.80 -6.92
N ASN C 226 -1.44 -2.30 -7.82
CA ASN C 226 -1.05 -3.03 -9.02
C ASN C 226 0.32 -2.60 -9.54
N ILE C 227 1.04 -3.56 -10.12
CA ILE C 227 2.10 -3.25 -11.09
C ILE C 227 1.40 -3.02 -12.43
N VAL C 228 1.55 -1.83 -12.99
CA VAL C 228 0.83 -1.43 -14.20
C VAL C 228 1.82 -1.02 -15.31
N PRO C 229 1.95 -1.85 -16.36
CA PRO C 229 2.74 -1.46 -17.53
C PRO C 229 2.18 -0.22 -18.20
N ASN C 230 3.05 0.59 -18.77
CA ASN C 230 2.60 1.79 -19.47
C ASN C 230 3.69 2.38 -20.34
N SER C 231 3.25 3.26 -21.25
CA SER C 231 4.17 4.00 -22.10
C SER C 231 4.89 5.06 -21.28
N THR C 232 5.93 5.64 -21.87
CA THR C 232 6.74 6.67 -21.22
C THR C 232 7.07 7.80 -22.17
N GLY C 233 6.98 9.03 -21.63
CA GLY C 233 7.17 10.26 -22.40
C GLY C 233 8.61 10.62 -22.71
N ALA C 234 9.56 9.73 -22.44
CA ALA C 234 10.97 9.95 -22.68
C ALA C 234 11.43 9.19 -23.94
N ALA C 237 11.23 11.18 -27.49
CA ALA C 237 11.34 12.59 -27.07
C ALA C 237 12.71 12.91 -26.38
N ILE C 238 13.70 12.01 -26.55
CA ILE C 238 15.04 12.13 -26.01
C ILE C 238 15.95 12.70 -27.10
N GLY C 239 15.63 12.44 -28.37
CA GLY C 239 16.34 13.01 -29.50
C GLY C 239 16.22 14.53 -29.60
N LEU C 240 15.13 15.07 -29.06
CA LEU C 240 14.97 16.54 -28.95
C LEU C 240 15.98 17.17 -27.97
N VAL C 241 16.43 16.40 -26.97
CA VAL C 241 17.36 16.88 -25.92
C VAL C 241 18.81 16.54 -26.27
N ILE C 242 19.04 15.33 -26.78
CA ILE C 242 20.35 14.88 -27.26
C ILE C 242 20.18 14.47 -28.74
N PRO C 243 20.38 15.42 -29.69
CA PRO C 243 20.14 15.17 -31.12
C PRO C 243 20.86 13.94 -31.70
N GLU C 244 22.12 13.76 -31.34
CA GLU C 244 22.95 12.61 -31.82
C GLU C 244 22.41 11.21 -31.45
N LEU C 245 21.62 11.12 -30.38
CA LEU C 245 20.98 9.86 -29.97
C LEU C 245 19.57 9.65 -30.54
N ASN C 246 19.12 10.53 -31.42
CA ASN C 246 17.76 10.44 -31.94
C ASN C 246 17.50 9.12 -32.67
N GLY C 247 16.41 8.44 -32.31
CA GLY C 247 16.07 7.13 -32.88
C GLY C 247 16.89 5.95 -32.38
N LYS C 248 17.87 6.19 -31.50
CA LYS C 248 18.72 5.12 -30.97
C LYS C 248 18.23 4.56 -29.64
N LEU C 249 17.30 5.25 -28.99
CA LEU C 249 16.74 4.86 -27.69
C LEU C 249 15.23 4.73 -27.75
N ASP C 250 14.71 3.72 -27.07
CA ASP C 250 13.28 3.52 -26.89
C ASP C 250 13.06 2.93 -25.50
N GLY C 251 11.82 2.97 -24.99
CA GLY C 251 11.54 2.35 -23.72
C GLY C 251 10.10 2.40 -23.23
N ALA C 252 9.91 1.95 -22.00
CA ALA C 252 8.58 1.75 -21.42
C ALA C 252 8.64 1.89 -19.89
N ALA C 253 7.46 1.84 -19.26
CA ALA C 253 7.35 2.02 -17.82
C ALA C 253 6.66 0.84 -17.15
N GLN C 254 6.97 0.70 -15.86
CA GLN C 254 6.20 -0.13 -14.95
C GLN C 254 5.78 0.75 -13.76
N ARG C 255 4.49 1.13 -13.74
CA ARG C 255 3.91 1.95 -12.66
C ARG C 255 3.62 1.08 -11.44
N VAL C 256 4.12 1.47 -10.27
CA VAL C 256 4.06 0.63 -9.06
C VAL C 256 3.55 1.39 -7.83
N PRO C 257 3.08 0.68 -6.79
CA PRO C 257 2.41 1.36 -5.67
C PRO C 257 3.30 2.14 -4.67
N VAL C 258 3.88 3.25 -5.13
CA VAL C 258 4.39 4.30 -4.24
C VAL C 258 3.85 5.65 -4.73
N PRO C 259 3.46 6.55 -3.81
CA PRO C 259 2.80 7.80 -4.19
C PRO C 259 3.72 8.83 -4.86
N THR C 260 5.02 8.72 -4.62
CA THR C 260 6.02 9.38 -5.47
C THR C 260 7.39 8.68 -5.33
N GLY C 261 8.28 8.93 -6.30
CA GLY C 261 9.62 8.35 -6.30
C GLY C 261 9.76 7.28 -7.36
N SER C 262 10.82 7.36 -8.16
CA SER C 262 10.98 6.49 -9.33
C SER C 262 12.46 6.16 -9.61
N VAL C 263 12.69 5.22 -10.53
CA VAL C 263 14.04 4.84 -10.93
C VAL C 263 14.05 4.42 -12.41
N THR C 264 15.04 4.89 -13.16
CA THR C 264 15.21 4.54 -14.57
C THR C 264 16.38 3.60 -14.76
N GLU C 265 16.11 2.45 -15.37
CA GLU C 265 17.12 1.50 -15.82
C GLU C 265 17.33 1.66 -17.34
N LEU C 266 18.60 1.69 -17.76
CA LEU C 266 18.95 1.70 -19.19
C LEU C 266 19.90 0.57 -19.51
N VAL C 267 19.53 -0.29 -20.47
CA VAL C 267 20.41 -1.32 -21.01
C VAL C 267 20.84 -0.86 -22.40
N ALA C 268 22.15 -0.82 -22.65
CA ALA C 268 22.70 -0.27 -23.90
C ALA C 268 23.95 -1.00 -24.42
N THR C 269 24.15 -0.91 -25.73
CA THR C 269 25.39 -1.31 -26.38
C THR C 269 26.19 -0.06 -26.67
N LEU C 270 27.51 -0.16 -26.47
CA LEU C 270 28.42 0.97 -26.64
C LEU C 270 29.48 0.75 -27.75
N GLU C 271 30.05 1.85 -28.20
CA GLU C 271 31.09 1.82 -29.24
C GLU C 271 32.44 1.33 -28.73
N LYS C 272 32.80 1.69 -27.50
CA LYS C 272 34.01 1.19 -26.83
C LYS C 272 33.73 0.08 -25.84
N ASP C 273 34.73 -0.75 -25.58
CA ASP C 273 34.71 -1.69 -24.47
C ASP C 273 34.92 -0.93 -23.17
N VAL C 274 34.23 -1.37 -22.12
CA VAL C 274 34.26 -0.71 -20.79
C VAL C 274 34.28 -1.70 -19.63
N THR C 275 34.62 -1.19 -18.45
CA THR C 275 34.44 -1.91 -17.19
C THR C 275 33.44 -1.15 -16.31
N VAL C 276 32.92 -1.83 -15.29
CA VAL C 276 32.01 -1.24 -14.30
C VAL C 276 32.63 0.01 -13.64
N GLU C 277 33.92 -0.06 -13.34
CA GLU C 277 34.66 1.03 -12.67
C GLU C 277 34.74 2.27 -13.58
N GLU C 278 35.02 2.05 -14.86
CA GLU C 278 35.08 3.13 -15.85
C GLU C 278 33.75 3.86 -16.02
N VAL C 279 32.66 3.09 -16.03
CA VAL C 279 31.31 3.64 -16.20
C VAL C 279 30.97 4.53 -15.00
N ASN C 280 31.09 3.96 -13.79
CA ASN C 280 30.84 4.72 -12.55
C ASN C 280 31.70 5.99 -12.45
N ALA C 281 32.97 5.87 -12.81
CA ALA C 281 33.90 7.01 -12.81
C ALA C 281 33.46 8.12 -13.79
N ALA C 282 32.98 7.73 -14.97
CA ALA C 282 32.47 8.70 -15.95
C ALA C 282 31.29 9.47 -15.41
N MET C 283 30.41 8.75 -14.69
CA MET C 283 29.19 9.34 -14.10
C MET C 283 29.49 10.30 -12.98
N LYS C 284 30.46 9.93 -12.14
CA LYS C 284 30.95 10.81 -11.07
C LYS C 284 31.58 12.10 -11.62
N ALA C 285 32.39 11.95 -12.66
CA ALA C 285 32.99 13.09 -13.35
C ALA C 285 31.94 14.02 -13.96
N ALA C 286 30.83 13.45 -14.44
CA ALA C 286 29.71 14.21 -15.01
C ALA C 286 28.76 14.87 -13.98
N ALA C 287 29.01 14.66 -12.69
CA ALA C 287 28.11 15.12 -11.66
C ALA C 287 28.10 16.63 -11.52
N ASN C 288 26.92 17.16 -11.20
CA ASN C 288 26.72 18.59 -10.97
C ASN C 288 25.44 18.81 -10.16
N ASP C 289 24.90 20.03 -10.14
CA ASP C 289 23.64 20.33 -9.43
C ASP C 289 22.44 19.54 -9.94
N SER C 290 22.39 19.28 -11.24
CA SER C 290 21.32 18.47 -11.85
C SER C 290 21.55 16.96 -11.71
N TYR C 291 22.77 16.51 -12.01
CA TYR C 291 23.12 15.09 -12.02
C TYR C 291 23.91 14.68 -10.77
N GLY C 292 23.27 13.94 -9.87
CA GLY C 292 23.90 13.47 -8.64
C GLY C 292 24.64 12.15 -8.79
N TYR C 293 25.42 11.80 -7.77
CA TYR C 293 26.15 10.55 -7.72
C TYR C 293 26.06 9.95 -6.32
N THR C 294 25.88 8.63 -6.23
CA THR C 294 25.88 7.94 -4.94
C THR C 294 26.36 6.50 -5.06
N GLU C 295 27.04 6.03 -4.01
CA GLU C 295 27.46 4.63 -3.87
C GLU C 295 26.79 3.94 -2.68
N ASP C 296 25.79 4.60 -2.07
CA ASP C 296 25.00 4.04 -0.97
C ASP C 296 23.81 3.22 -1.47
N PRO C 297 23.55 2.06 -0.84
CA PRO C 297 22.43 1.20 -1.30
C PRO C 297 21.07 1.72 -0.82
N ILE C 298 20.59 2.75 -1.51
CA ILE C 298 19.36 3.46 -1.14
C ILE C 298 18.10 2.85 -1.74
N VAL C 299 16.95 3.30 -1.25
CA VAL C 299 15.63 2.90 -1.77
C VAL C 299 14.82 4.15 -2.12
N SER C 300 13.63 3.96 -2.69
CA SER C 300 12.88 5.07 -3.27
C SER C 300 12.54 6.19 -2.28
N SER C 301 12.22 5.84 -1.04
CA SER C 301 11.87 6.86 -0.03
C SER C 301 13.03 7.83 0.28
N ASP C 302 14.26 7.37 0.05
CA ASP C 302 15.47 8.20 0.26
C ASP C 302 15.66 9.29 -0.80
N ILE C 303 14.97 9.21 -1.93
CA ILE C 303 15.06 10.26 -2.97
C ILE C 303 13.86 11.22 -2.99
N VAL C 304 12.89 11.04 -2.08
CA VAL C 304 11.72 11.91 -2.06
C VAL C 304 12.18 13.30 -1.62
N GLY C 305 11.88 14.30 -2.46
CA GLY C 305 12.17 15.69 -2.13
C GLY C 305 13.55 16.19 -2.52
N ILE C 306 14.37 15.36 -3.18
CA ILE C 306 15.71 15.79 -3.61
C ILE C 306 15.63 16.83 -4.72
N SER C 307 16.70 17.60 -4.84
CA SER C 307 16.81 18.67 -5.82
C SER C 307 17.54 18.27 -7.10
N TYR C 308 18.24 17.14 -7.07
CA TYR C 308 18.83 16.58 -8.28
C TYR C 308 17.72 16.18 -9.25
N GLY C 309 17.94 16.44 -10.53
CA GLY C 309 17.04 15.95 -11.58
C GLY C 309 17.22 14.46 -11.82
N SER C 310 18.41 13.97 -11.48
CA SER C 310 18.80 12.60 -11.72
C SER C 310 19.90 12.25 -10.74
N LEU C 311 19.81 11.07 -10.12
CA LEU C 311 20.80 10.64 -9.14
C LEU C 311 21.32 9.24 -9.51
N PHE C 312 22.50 9.19 -10.13
CA PHE C 312 23.11 7.94 -10.57
C PHE C 312 23.45 7.04 -9.38
N ASP C 313 23.10 5.76 -9.49
CA ASP C 313 23.37 4.77 -8.46
C ASP C 313 24.40 3.76 -8.94
N ALA C 314 25.63 3.93 -8.50
CA ALA C 314 26.74 3.06 -8.86
C ALA C 314 26.58 1.62 -8.38
N THR C 315 25.77 1.39 -7.33
CA THR C 315 25.58 0.03 -6.79
C THR C 315 24.83 -0.88 -7.75
N GLN C 316 24.08 -0.32 -8.69
CA GLN C 316 23.27 -1.10 -9.62
C GLN C 316 23.90 -1.27 -11.00
N THR C 317 25.06 -0.67 -11.23
CA THR C 317 25.76 -0.77 -12.51
C THR C 317 26.16 -2.22 -12.83
N LYS C 318 25.91 -2.61 -14.08
CA LYS C 318 26.33 -3.92 -14.61
C LYS C 318 27.01 -3.75 -15.96
N VAL C 319 28.04 -4.56 -16.21
CA VAL C 319 28.70 -4.63 -17.51
C VAL C 319 28.89 -6.10 -17.81
N GLN C 320 27.99 -6.65 -18.61
CA GLN C 320 28.03 -8.06 -18.94
C GLN C 320 28.85 -8.24 -20.21
N THR C 321 29.83 -9.15 -20.15
CA THR C 321 30.67 -9.45 -21.32
C THR C 321 30.53 -10.94 -21.68
N VAL C 322 30.03 -11.21 -22.90
CA VAL C 322 29.82 -12.57 -23.38
C VAL C 322 30.36 -12.66 -24.80
N ASP C 323 31.43 -13.44 -24.97
CA ASP C 323 32.08 -13.68 -26.26
C ASP C 323 32.54 -12.38 -26.95
N GLY C 324 33.21 -11.51 -26.21
CA GLY C 324 33.71 -10.25 -26.75
C GLY C 324 32.71 -9.10 -26.82
N ASN C 325 31.41 -9.43 -26.70
CA ASN C 325 30.32 -8.47 -26.78
C ASN C 325 29.83 -8.05 -25.41
N GLN C 326 29.44 -6.79 -25.32
CA GLN C 326 29.06 -6.18 -24.05
C GLN C 326 27.67 -5.57 -24.06
N LEU C 327 26.88 -5.93 -23.06
CA LEU C 327 25.68 -5.18 -22.67
C LEU C 327 25.99 -4.42 -21.39
N VAL C 328 25.62 -3.14 -21.37
CA VAL C 328 25.90 -2.25 -20.25
C VAL C 328 24.60 -1.74 -19.64
N LYS C 329 24.47 -1.92 -18.33
CA LYS C 329 23.28 -1.50 -17.57
C LYS C 329 23.64 -0.37 -16.61
N VAL C 330 22.90 0.72 -16.70
CA VAL C 330 23.10 1.90 -15.84
C VAL C 330 21.76 2.37 -15.30
N VAL C 331 21.75 2.76 -14.03
CA VAL C 331 20.51 3.01 -13.30
C VAL C 331 20.63 4.33 -12.51
N SER C 332 19.57 5.14 -12.58
CA SER C 332 19.54 6.43 -11.88
C SER C 332 18.16 6.68 -11.22
N TRP C 333 18.20 7.18 -9.99
CA TRP C 333 17.00 7.51 -9.24
C TRP C 333 16.48 8.90 -9.59
N TYR C 334 15.20 9.11 -9.36
CA TYR C 334 14.60 10.44 -9.46
C TYR C 334 13.26 10.51 -8.73
N ASP C 335 13.02 11.61 -8.02
CA ASP C 335 11.68 11.91 -7.51
C ASP C 335 10.91 12.58 -8.62
N ASN C 336 10.11 11.80 -9.34
CA ASN C 336 9.30 12.33 -10.44
C ASN C 336 8.63 13.67 -10.12
N GLU C 337 8.25 13.87 -8.86
CA GLU C 337 7.74 15.16 -8.42
C GLU C 337 8.84 16.22 -8.25
N MET C 338 9.59 16.16 -7.16
CA MET C 338 10.54 17.23 -6.83
C MET C 338 11.79 17.32 -7.71
N SER C 339 12.28 16.20 -8.20
CA SER C 339 13.46 16.22 -9.10
C SER C 339 13.12 17.03 -10.35
N TYR C 340 11.98 16.71 -10.95
CA TYR C 340 11.51 17.40 -12.14
C TYR C 340 11.27 18.87 -11.86
N THR C 341 10.58 19.13 -10.75
CA THR C 341 10.24 20.48 -10.34
C THR C 341 11.49 21.34 -10.13
N SER C 342 12.54 20.74 -9.55
CA SER C 342 13.81 21.44 -9.37
C SER C 342 14.39 21.84 -10.71
N GLN C 343 14.40 20.90 -11.65
CA GLN C 343 14.87 21.17 -13.01
C GLN C 343 14.00 22.20 -13.73
N LEU C 344 12.69 22.08 -13.56
CA LEU C 344 11.72 23.02 -14.16
C LEU C 344 12.00 24.45 -13.76
N VAL C 345 12.16 24.66 -12.46
CA VAL C 345 12.41 25.99 -11.89
C VAL C 345 13.79 26.53 -12.30
N ARG C 346 14.80 25.67 -12.35
CA ARG C 346 16.12 26.06 -12.85
C ARG C 346 16.05 26.57 -14.29
N THR C 347 15.31 25.85 -15.11
CA THR C 347 15.05 26.24 -16.49
C THR C 347 14.22 27.53 -16.55
N LEU C 348 13.21 27.66 -15.69
CA LEU C 348 12.37 28.87 -15.63
C LEU C 348 13.18 30.10 -15.25
N GLU C 349 14.00 29.96 -14.20
CA GLU C 349 14.88 31.04 -13.73
C GLU C 349 15.76 31.54 -14.86
N TYR C 350 16.46 30.63 -15.52
CA TYR C 350 17.39 30.97 -16.61
C TYR C 350 16.68 31.61 -17.79
N PHE C 351 15.54 31.05 -18.16
CA PHE C 351 14.74 31.55 -19.28
C PHE C 351 14.20 32.95 -19.01
N ALA C 352 13.83 33.22 -17.76
CA ALA C 352 13.34 34.53 -17.34
C ALA C 352 14.39 35.63 -17.48
N LYS C 353 15.64 35.28 -17.25
CA LYS C 353 16.75 36.24 -17.23
C LYS C 353 17.24 36.62 -18.61
N ILE C 354 17.00 35.78 -19.60
CA ILE C 354 17.37 36.06 -21.00
C ILE C 354 16.16 36.35 -21.90
N ALA C 355 15.00 36.62 -21.29
CA ALA C 355 13.77 36.79 -22.03
C ALA C 355 13.88 38.12 -22.79
N LYS C 356 13.81 38.07 -24.12
CA LYS C 356 14.01 39.27 -24.98
C LYS C 356 12.68 39.77 -25.51
N GLY D 13 11.95 -45.73 -19.86
CA GLY D 13 11.95 -46.95 -18.98
C GLY D 13 11.85 -46.67 -17.49
N LEU D 14 10.98 -45.70 -17.12
CA LEU D 14 10.90 -45.18 -15.74
C LEU D 14 9.82 -45.81 -14.83
N VAL D 15 8.98 -46.69 -15.40
CA VAL D 15 7.91 -47.45 -14.68
C VAL D 15 7.12 -46.61 -13.67
N PRO D 16 6.43 -45.56 -14.14
CA PRO D 16 5.75 -44.68 -13.18
C PRO D 16 4.50 -45.30 -12.51
N ARG D 17 4.30 -44.94 -11.26
CA ARG D 17 3.12 -45.34 -10.48
C ARG D 17 1.84 -44.66 -10.97
N GLY D 18 0.73 -45.36 -10.82
CA GLY D 18 -0.58 -44.79 -11.04
C GLY D 18 -0.93 -43.79 -9.96
N SER D 19 -1.86 -42.90 -10.27
CA SER D 19 -2.39 -41.94 -9.30
C SER D 19 -3.19 -42.64 -8.17
N HIS D 20 -3.64 -43.88 -8.40
CA HIS D 20 -4.21 -44.71 -7.32
C HIS D 20 -3.21 -45.19 -6.24
N MET D 21 -1.91 -45.31 -6.58
CA MET D 21 -0.81 -45.60 -5.61
C MET D 21 -0.34 -44.31 -4.92
N VAL D 22 -0.61 -44.20 -3.63
CA VAL D 22 -0.61 -42.92 -2.96
C VAL D 22 0.72 -42.67 -2.26
N VAL D 23 1.52 -41.74 -2.78
CA VAL D 23 2.78 -41.34 -2.14
C VAL D 23 2.51 -40.31 -1.05
N LYS D 24 3.07 -40.54 0.12
CA LYS D 24 2.83 -39.69 1.29
C LYS D 24 3.96 -38.68 1.49
N VAL D 25 3.58 -37.40 1.55
CA VAL D 25 4.50 -36.28 1.54
C VAL D 25 4.51 -35.59 2.91
N GLY D 26 5.66 -35.00 3.24
CA GLY D 26 5.81 -34.15 4.43
C GLY D 26 6.21 -32.73 4.03
N ILE D 27 5.67 -31.74 4.74
CA ILE D 27 6.02 -30.33 4.52
C ILE D 27 6.81 -29.82 5.72
N ASN D 28 8.06 -29.42 5.47
CA ASN D 28 8.85 -28.68 6.46
C ASN D 28 8.82 -27.19 6.12
N GLY D 29 8.20 -26.41 7.00
CA GLY D 29 7.97 -24.99 6.78
C GLY D 29 6.60 -24.74 6.15
N PHE D 30 5.59 -24.56 7.00
CA PHE D 30 4.20 -24.35 6.55
C PHE D 30 3.94 -22.86 6.31
N GLY D 31 4.78 -22.26 5.46
CA GLY D 31 4.74 -20.83 5.19
C GLY D 31 3.92 -20.55 3.96
N ARG D 32 4.28 -19.54 3.20
CA ARG D 32 3.51 -19.15 2.03
C ARG D 32 3.48 -20.28 1.00
N ILE D 33 4.66 -20.77 0.64
CA ILE D 33 4.79 -21.85 -0.36
C ILE D 33 4.27 -23.19 0.20
N GLY D 34 4.63 -23.49 1.43
CA GLY D 34 4.18 -24.71 2.08
C GLY D 34 2.66 -24.83 2.16
N ARG D 35 1.99 -23.77 2.60
CA ARG D 35 0.53 -23.77 2.73
C ARG D 35 -0.16 -23.84 1.37
N LEU D 36 0.37 -23.12 0.39
CA LEU D 36 -0.19 -23.17 -0.96
C LEU D 36 0.07 -24.51 -1.63
N ALA D 37 1.25 -25.10 -1.41
CA ALA D 37 1.53 -26.46 -1.87
C ALA D 37 0.51 -27.44 -1.30
N PHE D 38 0.27 -27.35 0.03
CA PHE D 38 -0.75 -28.16 0.71
C PHE D 38 -2.13 -28.04 0.05
N ARG D 39 -2.51 -26.81 -0.28
CA ARG D 39 -3.79 -26.55 -0.95
C ARG D 39 -3.89 -27.26 -2.29
N ARG D 40 -2.87 -27.13 -3.14
CA ARG D 40 -2.89 -27.74 -4.47
C ARG D 40 -2.90 -29.27 -4.42
N ILE D 41 -2.18 -29.84 -3.44
CA ILE D 41 -2.11 -31.32 -3.23
C ILE D 41 -3.48 -31.95 -2.93
N GLN D 42 -4.42 -31.17 -2.38
CA GLN D 42 -5.82 -31.60 -2.22
C GLN D 42 -6.47 -32.08 -3.51
N ASN D 43 -6.08 -31.48 -4.63
CA ASN D 43 -6.58 -31.87 -5.95
C ASN D 43 -5.58 -32.64 -6.81
N VAL D 44 -4.65 -33.35 -6.16
CA VAL D 44 -3.71 -34.24 -6.84
C VAL D 44 -3.94 -35.60 -6.21
N GLU D 45 -4.43 -36.52 -7.02
CA GLU D 45 -4.72 -37.87 -6.56
C GLU D 45 -3.40 -38.61 -6.55
N GLY D 46 -3.17 -39.37 -5.48
CA GLY D 46 -1.92 -40.12 -5.35
C GLY D 46 -0.79 -39.37 -4.71
N VAL D 47 -1.02 -38.09 -4.39
CA VAL D 47 -0.16 -37.34 -3.48
C VAL D 47 -1.03 -36.85 -2.32
N GLU D 48 -0.47 -36.98 -1.10
CA GLU D 48 -1.20 -36.75 0.14
C GLU D 48 -0.24 -36.30 1.26
N VAL D 49 -0.59 -35.22 1.97
CA VAL D 49 0.25 -34.70 3.05
C VAL D 49 -0.23 -35.27 4.39
N THR D 50 0.65 -36.00 5.06
CA THR D 50 0.34 -36.63 6.35
C THR D 50 1.05 -36.03 7.54
N ARG D 51 2.00 -35.12 7.30
CA ARG D 51 2.84 -34.55 8.38
C ARG D 51 3.31 -33.15 7.99
N ILE D 52 3.16 -32.21 8.92
CA ILE D 52 3.62 -30.84 8.78
C ILE D 52 4.57 -30.54 9.92
N ASN D 53 5.71 -29.91 9.62
CA ASN D 53 6.62 -29.46 10.66
C ASN D 53 6.94 -27.95 10.53
N ASP D 54 6.80 -27.22 11.64
CA ASP D 54 7.04 -25.78 11.69
C ASP D 54 7.63 -25.40 13.06
N LEU D 55 7.40 -24.17 13.55
CA LEU D 55 7.91 -23.72 14.85
C LEU D 55 6.79 -23.22 15.75
N THR D 56 5.58 -23.72 15.55
CA THR D 56 4.40 -23.18 16.24
C THR D 56 3.34 -24.26 16.54
N ASP D 57 2.30 -23.85 17.25
CA ASP D 57 1.18 -24.74 17.62
C ASP D 57 0.20 -24.94 16.45
N PRO D 58 -0.54 -26.06 16.46
CA PRO D 58 -1.47 -26.35 15.35
C PRO D 58 -2.58 -25.31 15.13
N ASN D 59 -3.02 -24.63 16.19
CA ASN D 59 -4.06 -23.62 16.06
C ASN D 59 -3.65 -22.45 15.14
N MET D 60 -2.41 -21.99 15.30
CA MET D 60 -1.82 -20.96 14.43
C MET D 60 -1.81 -21.43 12.97
N LEU D 61 -1.28 -22.62 12.73
CA LEU D 61 -1.21 -23.16 11.37
C LEU D 61 -2.58 -23.43 10.76
N ALA D 62 -3.50 -23.96 11.54
CA ALA D 62 -4.87 -24.20 11.06
C ALA D 62 -5.55 -22.89 10.64
N HIS D 63 -5.36 -21.85 11.44
CA HIS D 63 -5.91 -20.55 11.14
C HIS D 63 -5.31 -19.96 9.83
N LEU D 64 -3.99 -20.06 9.68
CA LEU D 64 -3.31 -19.55 8.49
C LEU D 64 -3.64 -20.32 7.22
N LEU D 65 -4.05 -21.58 7.37
CA LEU D 65 -4.52 -22.36 6.21
C LEU D 65 -5.91 -21.90 5.78
N LYS D 66 -6.82 -21.73 6.76
CA LYS D 66 -8.20 -21.29 6.51
C LYS D 66 -8.30 -19.96 5.80
N TYR D 67 -7.53 -18.98 6.29
CA TYR D 67 -7.61 -17.58 5.88
C TYR D 67 -6.31 -17.11 5.27
N ASP D 68 -6.41 -16.48 4.10
CA ASP D 68 -5.26 -16.12 3.29
C ASP D 68 -5.50 -14.76 2.60
N THR D 69 -4.66 -13.79 2.96
CA THR D 69 -4.82 -12.41 2.52
C THR D 69 -4.92 -12.31 0.98
N THR D 70 -3.93 -12.86 0.30
CA THR D 70 -3.77 -12.72 -1.14
C THR D 70 -4.41 -13.84 -1.97
N GLN D 71 -4.56 -15.03 -1.36
CA GLN D 71 -5.00 -16.23 -2.10
C GLN D 71 -6.42 -16.72 -1.74
N GLY D 72 -7.11 -16.02 -0.86
CA GLY D 72 -8.52 -16.32 -0.54
C GLY D 72 -8.73 -17.42 0.48
N ARG D 73 -9.98 -17.56 0.92
CA ARG D 73 -10.36 -18.59 1.91
C ARG D 73 -10.11 -20.00 1.40
N PHE D 74 -9.79 -20.90 2.34
CA PHE D 74 -9.55 -22.30 2.02
C PHE D 74 -10.81 -22.96 1.48
N ASP D 75 -10.67 -23.70 0.39
CA ASP D 75 -11.78 -24.43 -0.22
C ASP D 75 -11.99 -25.77 0.50
N GLY D 76 -12.64 -25.70 1.65
CA GLY D 76 -12.91 -26.87 2.47
C GLY D 76 -13.11 -26.56 3.94
N THR D 77 -13.06 -27.60 4.76
CA THR D 77 -13.28 -27.50 6.21
C THR D 77 -11.97 -27.78 6.98
N VAL D 78 -11.66 -26.95 7.97
CA VAL D 78 -10.44 -27.10 8.79
C VAL D 78 -10.82 -26.98 10.26
N GLU D 79 -10.49 -28.01 11.04
CA GLU D 79 -10.86 -28.08 12.44
C GLU D 79 -9.64 -28.50 13.26
N VAL D 80 -9.36 -27.78 14.33
CA VAL D 80 -8.16 -28.02 15.14
C VAL D 80 -8.36 -29.23 16.04
N LYS D 81 -7.33 -30.05 16.19
CA LYS D 81 -7.30 -31.19 17.12
C LYS D 81 -6.05 -31.13 17.98
N GLU D 82 -5.85 -32.13 18.83
CA GLU D 82 -4.61 -32.29 19.58
C GLU D 82 -3.50 -32.80 18.66
N GLY D 83 -2.33 -32.15 18.74
CA GLY D 83 -1.15 -32.53 17.96
C GLY D 83 -1.31 -32.44 16.45
N GLY D 84 -2.28 -31.65 15.99
CA GLY D 84 -2.58 -31.56 14.56
C GLY D 84 -3.91 -30.87 14.25
N PHE D 85 -4.37 -31.06 13.01
CA PHE D 85 -5.72 -30.61 12.61
C PHE D 85 -6.33 -31.51 11.53
N GLU D 86 -7.65 -31.43 11.39
CA GLU D 86 -8.40 -32.18 10.37
C GLU D 86 -8.76 -31.31 9.19
N VAL D 87 -8.56 -31.84 7.98
CA VAL D 87 -8.92 -31.16 6.74
C VAL D 87 -9.87 -32.05 5.94
N ASN D 88 -11.12 -31.58 5.82
CA ASN D 88 -12.21 -32.37 5.22
C ASN D 88 -12.31 -33.78 5.84
N GLY D 89 -12.24 -33.82 7.17
CA GLY D 89 -12.27 -35.08 7.91
C GLY D 89 -10.92 -35.72 8.18
N GLN D 90 -9.97 -35.58 7.24
CA GLN D 90 -8.66 -36.24 7.36
C GLN D 90 -7.69 -35.52 8.31
N PHE D 91 -7.24 -36.23 9.35
CA PHE D 91 -6.27 -35.70 10.32
C PHE D 91 -4.90 -35.56 9.67
N VAL D 92 -4.21 -34.45 9.98
CA VAL D 92 -2.84 -34.21 9.57
C VAL D 92 -2.03 -33.85 10.82
N LYS D 93 -0.93 -34.55 11.05
CA LYS D 93 -0.14 -34.32 12.26
C LYS D 93 0.75 -33.09 12.12
N VAL D 94 0.89 -32.36 13.22
CA VAL D 94 1.70 -31.15 13.30
C VAL D 94 2.75 -31.35 14.39
N SER D 95 4.00 -31.00 14.06
CA SER D 95 5.10 -31.00 15.00
C SER D 95 5.86 -29.68 14.92
N ALA D 96 6.69 -29.44 15.92
CA ALA D 96 7.38 -28.17 16.09
C ALA D 96 8.88 -28.37 16.34
N GLU D 97 9.52 -29.10 15.44
CA GLU D 97 10.93 -29.48 15.58
C GLU D 97 11.86 -28.54 14.77
N ARG D 98 12.77 -27.88 15.49
CA ARG D 98 13.76 -26.97 14.87
C ARG D 98 14.73 -27.63 13.91
N GLU D 99 15.29 -28.77 14.34
CA GLU D 99 16.35 -29.48 13.60
C GLU D 99 15.77 -30.56 12.70
N PRO D 100 16.03 -30.49 11.37
CA PRO D 100 15.52 -31.52 10.44
C PRO D 100 15.96 -32.95 10.75
N ALA D 101 17.12 -33.11 11.37
CA ALA D 101 17.64 -34.41 11.84
C ALA D 101 16.72 -35.10 12.85
N ASN D 102 16.06 -34.30 13.70
CA ASN D 102 15.16 -34.83 14.75
C ASN D 102 13.72 -35.06 14.32
N ILE D 103 13.40 -34.88 13.03
CA ILE D 103 12.03 -35.09 12.55
C ILE D 103 11.86 -36.55 12.14
N ASP D 104 10.96 -37.25 12.85
CA ASP D 104 10.67 -38.67 12.61
C ASP D 104 9.62 -38.87 11.50
N TRP D 105 9.98 -38.48 10.27
CA TRP D 105 9.04 -38.52 9.13
C TRP D 105 8.41 -39.89 8.88
N ALA D 106 9.20 -40.94 9.04
CA ALA D 106 8.76 -42.33 8.83
C ALA D 106 7.55 -42.75 9.68
N THR D 107 7.45 -42.25 10.90
CA THR D 107 6.28 -42.48 11.75
C THR D 107 4.94 -42.30 11.01
N ASP D 108 4.86 -41.32 10.11
CA ASP D 108 3.64 -41.02 9.36
C ASP D 108 3.68 -41.47 7.88
N GLY D 109 4.57 -42.41 7.56
CA GLY D 109 4.71 -42.96 6.21
C GLY D 109 5.24 -42.00 5.17
N VAL D 110 5.92 -40.94 5.60
CA VAL D 110 6.41 -39.91 4.67
C VAL D 110 7.68 -40.40 3.99
N GLU D 111 7.66 -40.40 2.65
CA GLU D 111 8.83 -40.71 1.82
C GLU D 111 9.53 -39.48 1.29
N ILE D 112 8.77 -38.50 0.81
CA ILE D 112 9.35 -37.27 0.23
C ILE D 112 8.97 -36.05 1.09
N VAL D 113 9.96 -35.19 1.35
CA VAL D 113 9.75 -33.97 2.13
C VAL D 113 9.87 -32.73 1.25
N LEU D 114 8.88 -31.82 1.36
CA LEU D 114 8.99 -30.47 0.80
C LEU D 114 9.70 -29.56 1.80
N GLU D 115 10.93 -29.19 1.48
CA GLU D 115 11.73 -28.30 2.31
C GLU D 115 11.43 -26.85 1.92
N ALA D 116 10.56 -26.22 2.73
CA ALA D 116 10.00 -24.90 2.44
C ALA D 116 10.23 -23.86 3.55
N THR D 117 11.23 -24.08 4.40
CA THR D 117 11.51 -23.13 5.49
C THR D 117 12.33 -21.94 5.00
N GLY D 118 13.12 -22.16 3.95
CA GLY D 118 14.10 -21.19 3.50
C GLY D 118 15.44 -21.22 4.23
N PHE D 119 15.61 -22.15 5.19
CA PHE D 119 16.83 -22.24 6.01
C PHE D 119 17.72 -23.46 5.71
N PHE D 120 17.27 -24.36 4.85
CA PHE D 120 18.02 -25.58 4.55
C PHE D 120 18.13 -25.81 3.04
N ALA D 121 18.45 -24.74 2.31
CA ALA D 121 18.45 -24.74 0.84
C ALA D 121 19.83 -25.07 0.28
N SER D 122 20.34 -26.25 0.65
CA SER D 122 21.59 -26.79 0.11
C SER D 122 21.53 -28.31 0.21
N LYS D 123 22.41 -28.99 -0.52
CA LYS D 123 22.45 -30.46 -0.48
C LYS D 123 22.72 -30.94 0.93
N GLU D 124 23.80 -30.45 1.52
CA GLU D 124 24.18 -30.82 2.89
C GLU D 124 23.06 -30.67 3.91
N LYS D 125 22.47 -29.48 3.96
CA LYS D 125 21.47 -29.14 4.97
C LYS D 125 20.13 -29.83 4.74
N ALA D 126 19.73 -29.97 3.47
CA ALA D 126 18.50 -30.69 3.10
C ALA D 126 18.60 -32.19 3.34
N GLU D 127 19.80 -32.75 3.19
CA GLU D 127 20.05 -34.18 3.43
C GLU D 127 19.75 -34.62 4.85
N GLN D 128 19.95 -33.73 5.81
CA GLN D 128 19.60 -33.94 7.22
C GLN D 128 18.21 -34.52 7.46
N HIS D 129 17.26 -34.29 6.53
CA HIS D 129 15.95 -34.96 6.53
C HIS D 129 16.00 -36.49 6.30
N ILE D 130 17.04 -36.95 5.61
CA ILE D 130 17.23 -38.36 5.28
C ILE D 130 18.10 -39.00 6.34
N HIS D 131 17.48 -39.89 7.11
CA HIS D 131 18.13 -40.60 8.21
C HIS D 131 17.21 -41.77 8.58
N GLU D 132 17.55 -42.53 9.62
CA GLU D 132 16.69 -43.61 10.12
C GLU D 132 15.46 -43.04 10.82
N ASN D 133 14.28 -43.57 10.50
CA ASN D 133 12.99 -43.02 10.95
C ASN D 133 12.60 -41.71 10.25
N GLY D 134 13.38 -41.30 9.25
CA GLY D 134 13.13 -40.09 8.50
C GLY D 134 12.62 -40.38 7.10
N ALA D 135 12.96 -39.47 6.19
CA ALA D 135 12.45 -39.49 4.82
C ALA D 135 13.47 -40.12 3.89
N LYS D 136 12.99 -40.50 2.71
CA LYS D 136 13.84 -41.04 1.64
C LYS D 136 14.39 -39.94 0.74
N LYS D 137 13.53 -39.00 0.35
CA LYS D 137 13.89 -37.96 -0.62
C LYS D 137 13.43 -36.57 -0.18
N VAL D 138 13.97 -35.53 -0.84
CA VAL D 138 13.69 -34.13 -0.50
C VAL D 138 13.65 -33.26 -1.75
N VAL D 139 12.58 -32.45 -1.85
CA VAL D 139 12.46 -31.41 -2.87
C VAL D 139 12.60 -30.04 -2.19
N ILE D 140 13.66 -29.33 -2.50
CA ILE D 140 13.87 -27.98 -1.98
C ILE D 140 13.02 -27.01 -2.80
N THR D 141 12.26 -26.15 -2.11
CA THR D 141 11.36 -25.18 -2.77
C THR D 141 12.11 -23.87 -3.11
N ALA D 142 13.34 -23.99 -3.60
CA ALA D 142 14.24 -22.85 -3.83
C ALA D 142 15.50 -23.34 -4.53
N PRO D 143 16.30 -22.40 -5.10
CA PRO D 143 17.65 -22.78 -5.55
C PRO D 143 18.41 -23.47 -4.43
N GLY D 144 19.13 -24.54 -4.77
CA GLY D 144 19.82 -25.35 -3.77
C GLY D 144 21.27 -25.65 -4.07
N GLY D 145 21.92 -24.81 -4.87
CA GLY D 145 23.32 -24.97 -5.24
C GLY D 145 23.50 -25.70 -6.56
N ASN D 146 24.74 -25.70 -7.05
CA ASN D 146 25.07 -26.26 -8.37
C ASN D 146 25.20 -27.79 -8.41
N ASP D 147 25.32 -28.40 -7.23
CA ASP D 147 25.41 -29.87 -7.11
C ASP D 147 24.06 -30.55 -6.88
N VAL D 148 22.97 -29.87 -7.25
CA VAL D 148 21.60 -30.36 -7.06
C VAL D 148 20.83 -30.10 -8.35
N LYS D 149 20.24 -31.15 -8.92
CA LYS D 149 19.45 -31.02 -10.13
C LYS D 149 18.29 -30.04 -9.90
N THR D 150 18.22 -29.02 -10.76
CA THR D 150 17.30 -27.91 -10.61
C THR D 150 16.26 -27.98 -11.74
N VAL D 151 14.99 -28.13 -11.37
CA VAL D 151 13.93 -28.42 -12.34
C VAL D 151 12.88 -27.32 -12.45
N VAL D 152 12.67 -26.87 -13.68
CA VAL D 152 11.51 -26.09 -14.08
C VAL D 152 10.64 -27.03 -14.91
N PHE D 153 9.42 -27.32 -14.43
CA PHE D 153 8.55 -28.28 -15.11
C PHE D 153 8.16 -27.81 -16.51
N ASN D 154 7.98 -28.78 -17.40
CA ASN D 154 7.81 -28.58 -18.84
C ASN D 154 8.90 -27.75 -19.57
N THR D 155 10.09 -27.73 -18.99
CA THR D 155 11.26 -27.10 -19.62
C THR D 155 12.46 -28.06 -19.55
N ASN D 156 12.74 -28.61 -18.36
CA ASN D 156 13.83 -29.58 -18.19
C ASN D 156 13.60 -30.69 -17.15
N HIS D 157 12.35 -31.12 -16.94
CA HIS D 157 12.09 -32.25 -16.04
C HIS D 157 12.51 -33.61 -16.61
N ASP D 158 12.89 -33.65 -17.90
CA ASP D 158 13.64 -34.78 -18.51
C ASP D 158 14.81 -35.26 -17.68
N ILE D 159 15.59 -34.33 -17.14
CA ILE D 159 16.79 -34.64 -16.35
C ILE D 159 16.54 -35.63 -15.19
N LEU D 160 15.31 -35.70 -14.67
CA LEU D 160 14.99 -36.60 -13.56
C LEU D 160 14.89 -38.06 -13.99
N ASP D 161 15.65 -38.93 -13.33
CA ASP D 161 15.53 -40.40 -13.49
C ASP D 161 14.86 -41.10 -12.28
N GLY D 162 14.80 -40.42 -11.14
CA GLY D 162 14.14 -40.96 -9.94
C GLY D 162 15.04 -41.48 -8.83
N THR D 163 16.35 -41.59 -9.10
CA THR D 163 17.33 -42.08 -8.13
C THR D 163 17.83 -40.98 -7.19
N GLU D 164 17.52 -39.73 -7.52
CA GLU D 164 18.10 -38.58 -6.81
C GLU D 164 17.54 -38.51 -5.39
N THR D 165 18.37 -38.07 -4.44
CA THR D 165 17.96 -37.93 -3.05
C THR D 165 17.46 -36.50 -2.76
N VAL D 166 18.19 -35.49 -3.26
CA VAL D 166 17.84 -34.08 -3.08
C VAL D 166 17.68 -33.42 -4.45
N ILE D 167 16.54 -32.76 -4.68
CA ILE D 167 16.34 -31.93 -5.87
C ILE D 167 15.82 -30.54 -5.50
N SER D 168 16.02 -29.60 -6.41
CA SER D 168 15.51 -28.23 -6.28
C SER D 168 14.39 -27.98 -7.28
N GLY D 169 13.36 -27.26 -6.84
CA GLY D 169 12.28 -26.78 -7.72
C GLY D 169 12.53 -25.41 -8.31
N ALA D 170 13.77 -24.92 -8.19
CA ALA D 170 14.22 -23.60 -8.65
C ALA D 170 13.54 -22.46 -7.85
N SER D 171 13.72 -21.21 -8.31
CA SER D 171 13.01 -20.05 -7.77
C SER D 171 11.82 -19.68 -8.64
N SER D 172 11.01 -18.73 -8.17
CA SER D 172 9.82 -18.29 -8.90
C SER D 172 10.16 -17.53 -10.17
N THR D 173 11.18 -16.67 -10.11
CA THR D 173 11.68 -15.94 -11.29
C THR D 173 12.31 -16.89 -12.31
N THR D 174 12.94 -17.96 -11.84
CA THR D 174 13.51 -18.97 -12.72
C THR D 174 12.42 -19.68 -13.52
N ASN D 175 11.35 -20.06 -12.84
CA ASN D 175 10.19 -20.68 -13.50
C ASN D 175 9.51 -19.75 -14.49
N CYS D 176 9.56 -18.44 -14.24
CA CYS D 176 9.04 -17.43 -15.19
C CYS D 176 9.94 -17.29 -16.41
N LEU D 177 11.22 -17.07 -16.15
CA LEU D 177 12.20 -16.79 -17.19
C LEU D 177 12.47 -17.96 -18.12
N ALA D 178 12.65 -19.15 -17.54
CA ALA D 178 13.10 -20.34 -18.26
C ALA D 178 12.38 -20.64 -19.58
N PRO D 179 11.04 -20.82 -19.54
CA PRO D 179 10.36 -21.14 -20.81
C PRO D 179 10.42 -20.01 -21.85
N MET D 180 10.41 -18.77 -21.38
CA MET D 180 10.51 -17.61 -22.26
C MET D 180 11.90 -17.52 -22.89
N ALA D 181 12.94 -17.78 -22.11
CA ALA D 181 14.32 -17.78 -22.64
C ALA D 181 14.59 -18.97 -23.57
N LYS D 182 14.07 -20.15 -23.23
CA LYS D 182 14.25 -21.35 -24.07
C LYS D 182 13.55 -21.20 -25.43
N ALA D 183 12.37 -20.61 -25.43
CA ALA D 183 11.67 -20.31 -26.68
C ALA D 183 12.51 -19.42 -27.60
N LEU D 184 13.18 -18.42 -27.03
CA LEU D 184 14.09 -17.55 -27.80
C LEU D 184 15.28 -18.32 -28.37
N GLN D 185 15.90 -19.14 -27.53
CA GLN D 185 17.05 -19.95 -27.90
C GLN D 185 16.72 -20.88 -29.07
N ASP D 186 15.70 -21.72 -28.88
CA ASP D 186 15.28 -22.73 -29.86
C ASP D 186 14.89 -22.14 -31.21
N ASN D 187 14.24 -20.98 -31.22
CA ASN D 187 13.80 -20.34 -32.48
C ASN D 187 14.88 -19.48 -33.14
N PHE D 188 15.51 -18.62 -32.34
CA PHE D 188 16.41 -17.59 -32.87
C PHE D 188 17.87 -17.70 -32.47
N GLY D 189 18.15 -18.41 -31.37
CA GLY D 189 19.50 -18.43 -30.80
C GLY D 189 19.78 -17.17 -30.01
N VAL D 190 20.23 -17.34 -28.77
CA VAL D 190 20.52 -16.22 -27.86
C VAL D 190 22.02 -16.03 -27.72
N LYS D 191 22.49 -14.80 -27.92
CA LYS D 191 23.89 -14.44 -27.70
C LYS D 191 24.14 -14.12 -26.22
N GLN D 192 23.44 -13.09 -25.73
CA GLN D 192 23.50 -12.68 -24.32
C GLN D 192 22.23 -11.92 -23.94
N GLY D 193 21.97 -11.79 -22.64
CA GLY D 193 20.80 -11.07 -22.16
C GLY D 193 20.86 -10.55 -20.74
N LEU D 194 20.17 -9.44 -20.50
CA LEU D 194 20.01 -8.87 -19.15
C LEU D 194 18.54 -8.78 -18.73
N MET D 195 18.31 -9.13 -17.46
CA MET D 195 16.97 -9.33 -16.93
C MET D 195 16.71 -8.40 -15.75
N THR D 196 15.50 -7.86 -15.71
CA THR D 196 14.98 -7.18 -14.53
C THR D 196 13.60 -7.74 -14.14
N THR D 197 13.47 -8.22 -12.91
CA THR D 197 12.15 -8.62 -12.37
C THR D 197 11.59 -7.52 -11.45
N ILE D 198 10.41 -7.03 -11.80
CA ILE D 198 9.66 -6.10 -10.97
C ILE D 198 8.75 -7.02 -10.12
N HIS D 199 9.14 -7.16 -8.85
CA HIS D 199 8.76 -8.28 -8.00
C HIS D 199 7.99 -7.83 -6.76
N ALA D 200 7.00 -8.63 -6.35
CA ALA D 200 6.27 -8.38 -5.11
C ALA D 200 7.20 -8.46 -3.91
N TYR D 201 6.83 -7.82 -2.80
CA TYR D 201 7.63 -7.97 -1.59
C TYR D 201 7.43 -9.34 -1.01
N THR D 202 8.41 -9.78 -0.20
CA THR D 202 8.38 -11.14 0.39
C THR D 202 8.70 -11.12 1.88
N GLY D 203 8.51 -12.27 2.52
CA GLY D 203 8.72 -12.46 3.95
C GLY D 203 10.11 -12.13 4.49
N ASP D 204 11.14 -12.31 3.66
CA ASP D 204 12.51 -11.94 4.10
C ASP D 204 12.83 -10.43 4.05
N GLN D 205 11.87 -9.61 3.61
CA GLN D 205 11.95 -8.16 3.79
C GLN D 205 11.29 -7.76 5.10
N MET D 206 11.72 -6.62 5.62
CA MET D 206 11.22 -6.09 6.88
C MET D 206 9.94 -5.28 6.65
N ILE D 207 8.97 -5.42 7.55
CA ILE D 207 7.71 -4.67 7.47
C ILE D 207 7.93 -3.18 7.66
N LEU D 208 8.84 -2.82 8.57
CA LEU D 208 9.32 -1.45 8.75
C LEU D 208 10.83 -1.46 8.86
N ASP D 209 11.46 -0.32 8.55
CA ASP D 209 12.93 -0.18 8.64
C ASP D 209 13.47 -0.83 9.92
N GLY D 210 14.35 -1.80 9.78
CA GLY D 210 14.98 -2.41 10.94
C GLY D 210 16.13 -3.34 10.57
N PRO D 211 16.92 -3.79 11.56
CA PRO D 211 18.07 -4.67 11.28
C PRO D 211 17.68 -5.98 10.61
N HIS D 212 18.21 -6.19 9.40
CA HIS D 212 17.98 -7.41 8.63
C HIS D 212 18.94 -8.49 9.10
N ARG D 213 18.40 -9.63 9.50
CA ARG D 213 19.21 -10.73 10.03
C ARG D 213 20.19 -11.32 9.02
N GLY D 214 19.89 -11.19 7.73
CA GLY D 214 20.82 -11.56 6.65
C GLY D 214 21.89 -10.55 6.25
N GLY D 215 21.94 -9.40 6.91
CA GLY D 215 22.93 -8.36 6.59
C GLY D 215 22.66 -7.47 5.40
N ASP D 216 21.57 -7.71 4.68
CA ASP D 216 21.20 -6.89 3.51
C ASP D 216 20.60 -5.54 3.91
N LEU D 217 21.25 -4.46 3.47
CA LEU D 217 20.86 -3.09 3.84
C LEU D 217 19.60 -2.60 3.13
N ARG D 218 19.18 -3.31 2.08
CA ARG D 218 17.97 -2.96 1.34
C ARG D 218 16.74 -3.75 1.79
N ARG D 219 16.92 -5.05 2.06
CA ARG D 219 15.85 -5.85 2.66
C ARG D 219 15.52 -5.41 4.09
N ALA D 220 16.47 -4.71 4.71
CA ALA D 220 16.27 -3.99 5.98
C ALA D 220 15.14 -2.95 5.96
N ARG D 221 14.84 -2.42 4.78
CA ARG D 221 13.88 -1.33 4.63
C ARG D 221 12.43 -1.80 4.48
N ALA D 222 11.50 -0.91 4.85
CA ALA D 222 10.04 -1.16 4.80
C ALA D 222 9.59 -1.56 3.40
N GLY D 223 9.27 -2.84 3.25
CA GLY D 223 9.01 -3.43 1.94
C GLY D 223 7.72 -3.02 1.28
N ALA D 224 6.70 -2.68 2.06
CA ALA D 224 5.42 -2.25 1.53
C ALA D 224 5.34 -0.75 1.36
N ALA D 225 6.46 -0.03 1.52
CA ALA D 225 6.48 1.43 1.36
C ALA D 225 7.65 1.96 0.49
N ASN D 226 8.25 1.10 -0.32
CA ASN D 226 9.48 1.42 -1.06
C ASN D 226 9.63 0.61 -2.34
N ILE D 227 10.25 1.23 -3.35
CA ILE D 227 10.89 0.48 -4.45
C ILE D 227 12.27 0.08 -3.92
N VAL D 228 12.52 -1.22 -3.83
CA VAL D 228 13.75 -1.75 -3.21
C VAL D 228 14.54 -2.61 -4.20
N PRO D 229 15.70 -2.13 -4.67
CA PRO D 229 16.59 -2.94 -5.51
C PRO D 229 17.11 -4.15 -4.77
N ASN D 230 17.32 -5.24 -5.47
CA ASN D 230 17.81 -6.45 -4.84
C ASN D 230 18.31 -7.45 -5.86
N SER D 231 19.07 -8.42 -5.37
CA SER D 231 19.55 -9.52 -6.18
C SER D 231 18.41 -10.48 -6.49
N THR D 232 18.65 -11.38 -7.43
CA THR D 232 17.65 -12.35 -7.86
C THR D 232 18.26 -13.74 -8.04
N GLY D 233 17.51 -14.75 -7.59
CA GLY D 233 17.95 -16.13 -7.59
C GLY D 233 17.85 -16.87 -8.93
N ALA D 234 17.49 -16.16 -10.01
CA ALA D 234 17.37 -16.70 -11.37
C ALA D 234 18.58 -16.47 -12.28
N ALA D 235 19.50 -15.62 -11.85
CA ALA D 235 20.77 -15.38 -12.57
C ALA D 235 21.80 -16.22 -11.89
N ALA D 237 22.28 -19.41 -12.46
CA ALA D 237 21.26 -20.29 -11.86
C ALA D 237 20.16 -20.76 -12.87
N ILE D 238 20.26 -20.16 -14.04
CA ILE D 238 19.47 -20.41 -15.20
C ILE D 238 20.23 -21.40 -16.06
N GLY D 239 21.57 -21.42 -15.99
CA GLY D 239 22.39 -22.39 -16.70
C GLY D 239 22.19 -23.82 -16.22
N LEU D 240 21.76 -23.98 -14.97
CA LEU D 240 21.38 -25.28 -14.44
C LEU D 240 20.13 -25.85 -15.10
N VAL D 241 19.23 -24.98 -15.57
CA VAL D 241 17.97 -25.37 -16.22
C VAL D 241 18.09 -25.44 -17.75
N ILE D 242 18.77 -24.46 -18.33
CA ILE D 242 19.07 -24.42 -19.76
C ILE D 242 20.61 -24.36 -19.91
N PRO D 243 21.28 -25.52 -20.01
CA PRO D 243 22.77 -25.60 -20.04
C PRO D 243 23.44 -24.72 -21.10
N GLU D 244 22.87 -24.71 -22.31
CA GLU D 244 23.42 -23.92 -23.44
C GLU D 244 23.45 -22.39 -23.22
N LEU D 245 22.60 -21.88 -22.33
CA LEU D 245 22.60 -20.46 -21.96
C LEU D 245 23.49 -20.11 -20.75
N ASN D 246 24.24 -21.07 -20.22
CA ASN D 246 25.01 -20.84 -19.02
C ASN D 246 26.05 -19.73 -19.19
N GLY D 247 26.07 -18.79 -18.25
CA GLY D 247 26.94 -17.62 -18.33
C GLY D 247 26.55 -16.54 -19.32
N LYS D 248 25.46 -16.74 -20.08
CA LYS D 248 25.00 -15.77 -21.08
C LYS D 248 23.95 -14.79 -20.56
N LEU D 249 23.36 -15.11 -19.40
CA LEU D 249 22.31 -14.29 -18.79
C LEU D 249 22.68 -13.87 -17.37
N ASP D 250 22.34 -12.63 -17.03
CA ASP D 250 22.50 -12.10 -15.68
C ASP D 250 21.34 -11.13 -15.42
N GLY D 251 21.09 -10.79 -14.16
CA GLY D 251 20.02 -9.84 -13.86
C GLY D 251 19.82 -9.49 -12.41
N ALA D 252 18.77 -8.73 -12.15
CA ALA D 252 18.51 -8.11 -10.84
C ALA D 252 17.02 -7.89 -10.65
N ALA D 253 16.65 -7.45 -9.45
CA ALA D 253 15.25 -7.25 -9.10
C ALA D 253 14.96 -5.83 -8.66
N GLN D 254 13.69 -5.44 -8.80
CA GLN D 254 13.13 -4.26 -8.14
C GLN D 254 11.91 -4.71 -7.34
N ARG D 255 12.06 -4.82 -6.01
CA ARG D 255 10.97 -5.21 -5.11
C ARG D 255 10.05 -4.02 -4.87
N VAL D 256 8.74 -4.22 -5.09
CA VAL D 256 7.76 -3.10 -5.07
C VAL D 256 6.52 -3.41 -4.22
N PRO D 257 5.76 -2.38 -3.80
CA PRO D 257 4.68 -2.62 -2.83
C PRO D 257 3.38 -3.30 -3.34
N VAL D 258 3.47 -4.58 -3.68
CA VAL D 258 2.29 -5.47 -3.77
C VAL D 258 2.60 -6.76 -2.98
N PRO D 259 1.60 -7.31 -2.26
CA PRO D 259 1.84 -8.45 -1.38
C PRO D 259 2.10 -9.79 -2.11
N THR D 260 1.63 -9.90 -3.35
CA THR D 260 2.09 -10.94 -4.28
C THR D 260 1.83 -10.52 -5.73
N GLY D 261 2.55 -11.16 -6.66
CA GLY D 261 2.42 -10.88 -8.09
C GLY D 261 3.64 -10.16 -8.63
N SER D 262 4.18 -10.64 -9.76
CA SER D 262 5.44 -10.14 -10.29
C SER D 262 5.50 -10.19 -11.81
N VAL D 263 6.52 -9.56 -12.39
CA VAL D 263 6.74 -9.58 -13.85
C VAL D 263 8.25 -9.55 -14.18
N THR D 264 8.67 -10.40 -15.11
CA THR D 264 10.07 -10.46 -15.56
C THR D 264 10.22 -9.85 -16.95
N GLU D 265 11.10 -8.85 -17.04
CA GLU D 265 11.54 -8.25 -18.31
C GLU D 265 12.94 -8.80 -18.69
N LEU D 266 13.10 -9.18 -19.96
CA LEU D 266 14.39 -9.63 -20.48
C LEU D 266 14.75 -8.84 -21.72
N VAL D 267 15.92 -8.19 -21.70
CA VAL D 267 16.48 -7.54 -22.88
C VAL D 267 17.64 -8.41 -23.36
N ALA D 268 17.63 -8.77 -24.65
CA ALA D 268 18.60 -9.70 -25.21
C ALA D 268 19.02 -9.39 -26.66
N THR D 269 20.22 -9.85 -27.01
CA THR D 269 20.70 -9.89 -28.40
C THR D 269 20.56 -11.31 -28.92
N LEU D 270 20.13 -11.43 -30.17
CA LEU D 270 19.87 -12.73 -30.79
C LEU D 270 20.77 -13.01 -32.01
N GLU D 271 20.84 -14.29 -32.36
CA GLU D 271 21.66 -14.77 -33.46
C GLU D 271 21.08 -14.38 -34.81
N LYS D 272 19.76 -14.50 -34.95
CA LYS D 272 19.07 -14.09 -36.20
C LYS D 272 18.26 -12.79 -36.00
N ASP D 273 17.98 -12.13 -37.13
CA ASP D 273 17.12 -10.96 -37.16
C ASP D 273 15.68 -11.41 -36.99
N VAL D 274 14.89 -10.60 -36.29
CA VAL D 274 13.49 -10.88 -35.98
C VAL D 274 12.58 -9.65 -36.08
N THR D 275 11.28 -9.91 -36.13
CA THR D 275 10.25 -8.88 -35.95
C THR D 275 9.43 -9.18 -34.69
N VAL D 276 8.69 -8.17 -34.22
CA VAL D 276 7.80 -8.31 -33.06
C VAL D 276 6.80 -9.46 -33.26
N GLU D 277 6.27 -9.57 -34.47
CA GLU D 277 5.27 -10.59 -34.80
C GLU D 277 5.85 -12.00 -34.71
N GLU D 278 7.08 -12.17 -35.22
CA GLU D 278 7.78 -13.45 -35.16
C GLU D 278 8.05 -13.91 -33.72
N VAL D 279 8.44 -12.96 -32.86
CA VAL D 279 8.74 -13.26 -31.45
C VAL D 279 7.47 -13.73 -30.74
N ASN D 280 6.42 -12.92 -30.82
CA ASN D 280 5.12 -13.28 -30.22
C ASN D 280 4.59 -14.63 -30.73
N ALA D 281 4.71 -14.88 -32.03
CA ALA D 281 4.29 -16.14 -32.65
C ALA D 281 5.07 -17.35 -32.08
N ALA D 282 6.37 -17.17 -31.87
CA ALA D 282 7.22 -18.22 -31.29
C ALA D 282 6.76 -18.57 -29.88
N MET D 283 6.40 -17.55 -29.11
CA MET D 283 5.95 -17.71 -27.73
C MET D 283 4.60 -18.42 -27.64
N LYS D 284 3.69 -18.06 -28.54
CA LYS D 284 2.39 -18.72 -28.64
C LYS D 284 2.51 -20.20 -29.02
N ALA D 285 3.38 -20.48 -29.97
CA ALA D 285 3.71 -21.86 -30.35
C ALA D 285 4.29 -22.68 -29.20
N ALA D 286 5.07 -22.04 -28.33
CA ALA D 286 5.69 -22.68 -27.15
C ALA D 286 4.75 -22.87 -25.95
N ALA D 287 3.52 -22.38 -26.06
CA ALA D 287 2.59 -22.37 -24.93
C ALA D 287 2.13 -23.77 -24.52
N ASN D 288 1.93 -23.96 -23.22
CA ASN D 288 1.46 -25.21 -22.65
C ASN D 288 0.86 -24.95 -21.23
N ASP D 289 0.70 -25.99 -20.41
CA ASP D 289 0.21 -25.84 -19.03
C ASP D 289 1.09 -24.97 -18.14
N SER D 290 2.40 -25.04 -18.35
CA SER D 290 3.35 -24.21 -17.60
C SER D 290 3.48 -22.80 -18.18
N TYR D 291 3.61 -22.70 -19.51
CA TYR D 291 3.88 -21.42 -20.19
C TYR D 291 2.63 -20.89 -20.88
N GLY D 292 2.05 -19.84 -20.32
CA GLY D 292 0.84 -19.21 -20.87
C GLY D 292 1.12 -18.14 -21.91
N TYR D 293 0.07 -17.74 -22.64
CA TYR D 293 0.16 -16.67 -23.64
C TYR D 293 -1.06 -15.74 -23.52
N THR D 294 -0.83 -14.44 -23.64
CA THR D 294 -1.93 -13.45 -23.63
C THR D 294 -1.60 -12.21 -24.46
N GLU D 295 -2.63 -11.65 -25.08
CA GLU D 295 -2.55 -10.38 -25.80
C GLU D 295 -3.43 -9.28 -25.16
N ASP D 296 -3.97 -9.56 -23.96
CA ASP D 296 -4.76 -8.60 -23.19
C ASP D 296 -3.86 -7.71 -22.32
N PRO D 297 -4.16 -6.38 -22.26
CA PRO D 297 -3.34 -5.48 -21.44
C PRO D 297 -3.66 -5.59 -19.93
N ILE D 298 -3.12 -6.64 -19.32
CA ILE D 298 -3.40 -6.97 -17.92
C ILE D 298 -2.44 -6.29 -16.94
N VAL D 299 -2.77 -6.37 -15.66
CA VAL D 299 -1.94 -5.85 -14.57
C VAL D 299 -1.71 -6.95 -13.53
N SER D 300 -0.88 -6.68 -12.54
CA SER D 300 -0.43 -7.72 -11.60
C SER D 300 -1.56 -8.47 -10.89
N SER D 301 -2.61 -7.77 -10.49
CA SER D 301 -3.71 -8.42 -9.75
C SER D 301 -4.42 -9.50 -10.58
N ASP D 302 -4.37 -9.37 -11.90
CA ASP D 302 -4.98 -10.34 -12.81
C ASP D 302 -4.24 -11.69 -12.86
N ILE D 303 -2.99 -11.74 -12.39
CA ILE D 303 -2.24 -13.01 -12.37
C ILE D 303 -2.15 -13.67 -10.98
N VAL D 304 -2.79 -13.08 -9.98
CA VAL D 304 -2.77 -13.66 -8.64
C VAL D 304 -3.56 -14.97 -8.67
N GLY D 305 -2.92 -16.05 -8.25
CA GLY D 305 -3.56 -17.35 -8.14
C GLY D 305 -3.55 -18.20 -9.39
N ILE D 306 -2.91 -17.74 -10.47
CA ILE D 306 -2.85 -18.51 -11.72
C ILE D 306 -1.98 -19.75 -11.55
N SER D 307 -2.24 -20.75 -12.40
CA SER D 307 -1.55 -22.03 -12.36
C SER D 307 -0.39 -22.11 -13.35
N TYR D 308 -0.31 -21.16 -14.29
CA TYR D 308 0.84 -21.05 -15.18
C TYR D 308 2.07 -20.68 -14.33
N GLY D 309 3.20 -21.29 -14.66
CA GLY D 309 4.47 -20.90 -14.07
C GLY D 309 4.98 -19.59 -14.67
N SER D 310 4.51 -19.28 -15.88
CA SER D 310 4.95 -18.13 -16.63
C SER D 310 3.87 -17.78 -17.62
N LEU D 311 3.55 -16.49 -17.75
CA LEU D 311 2.51 -16.04 -18.67
C LEU D 311 3.07 -14.92 -19.56
N PHE D 312 3.44 -15.26 -20.79
CA PHE D 312 4.01 -14.28 -21.73
C PHE D 312 2.99 -13.22 -22.13
N ASP D 313 3.43 -11.96 -22.10
CA ASP D 313 2.59 -10.81 -22.46
C ASP D 313 3.08 -10.18 -23.77
N ALA D 314 2.38 -10.49 -24.85
CA ALA D 314 2.70 -9.97 -26.18
C ALA D 314 2.56 -8.47 -26.30
N THR D 315 1.75 -7.82 -25.44
CA THR D 315 1.56 -6.37 -25.51
C THR D 315 2.82 -5.58 -25.15
N GLN D 316 3.75 -6.19 -24.41
CA GLN D 316 4.98 -5.52 -23.96
C GLN D 316 6.22 -5.84 -24.79
N THR D 317 6.08 -6.69 -25.81
CA THR D 317 7.20 -7.05 -26.69
C THR D 317 7.74 -5.84 -27.46
N LYS D 318 9.07 -5.72 -27.49
CA LYS D 318 9.76 -4.70 -28.29
C LYS D 318 10.89 -5.32 -29.09
N VAL D 319 11.10 -4.83 -30.31
CA VAL D 319 12.24 -5.21 -31.14
C VAL D 319 12.82 -3.93 -31.74
N GLN D 320 13.89 -3.43 -31.12
CA GLN D 320 14.52 -2.19 -31.56
C GLN D 320 15.60 -2.51 -32.57
N THR D 321 15.57 -1.85 -33.73
CA THR D 321 16.59 -2.03 -34.76
C THR D 321 17.29 -0.70 -35.04
N VAL D 322 18.61 -0.66 -34.80
CA VAL D 322 19.41 0.55 -35.00
C VAL D 322 20.71 0.17 -35.73
N ASP D 323 20.83 0.63 -36.98
CA ASP D 323 22.00 0.37 -37.82
C ASP D 323 22.28 -1.11 -38.02
N GLY D 324 21.25 -1.89 -38.36
CA GLY D 324 21.41 -3.33 -38.59
C GLY D 324 21.42 -4.21 -37.36
N ASN D 325 21.63 -3.60 -36.18
CA ASN D 325 21.70 -4.30 -34.89
C ASN D 325 20.36 -4.23 -34.16
N GLN D 326 20.05 -5.31 -33.44
CA GLN D 326 18.78 -5.47 -32.78
C GLN D 326 18.95 -5.76 -31.30
N LEU D 327 18.21 -4.99 -30.50
CA LEU D 327 17.90 -5.37 -29.11
C LEU D 327 16.45 -5.83 -29.06
N VAL D 328 16.24 -6.96 -28.38
CA VAL D 328 14.91 -7.58 -28.25
C VAL D 328 14.47 -7.62 -26.78
N LYS D 329 13.27 -7.09 -26.52
CA LYS D 329 12.68 -7.08 -25.18
C LYS D 329 11.43 -7.98 -25.12
N VAL D 330 11.43 -8.90 -24.15
CA VAL D 330 10.33 -9.85 -23.94
C VAL D 330 9.97 -9.90 -22.46
N VAL D 331 8.66 -9.95 -22.17
CA VAL D 331 8.14 -9.75 -20.83
C VAL D 331 7.09 -10.82 -20.51
N SER D 332 7.17 -11.41 -19.32
CA SER D 332 6.25 -12.46 -18.87
C SER D 332 5.84 -12.26 -17.41
N TRP D 333 4.55 -12.43 -17.13
CA TRP D 333 3.98 -12.31 -15.79
C TRP D 333 4.13 -13.62 -15.00
N TYR D 334 4.12 -13.50 -13.68
CA TYR D 334 4.06 -14.67 -12.80
C TYR D 334 3.62 -14.27 -11.39
N ASP D 335 2.75 -15.09 -10.79
CA ASP D 335 2.45 -14.96 -9.36
C ASP D 335 3.53 -15.73 -8.61
N ASN D 336 4.54 -15.00 -8.14
CA ASN D 336 5.64 -15.61 -7.39
C ASN D 336 5.19 -16.65 -6.38
N GLU D 337 4.00 -16.46 -5.79
CA GLU D 337 3.42 -17.48 -4.91
C GLU D 337 2.83 -18.67 -5.68
N MET D 338 1.64 -18.51 -6.26
CA MET D 338 0.91 -19.63 -6.86
C MET D 338 1.49 -20.19 -8.16
N SER D 339 2.11 -19.34 -9.00
CA SER D 339 2.74 -19.81 -10.24
C SER D 339 3.84 -20.81 -9.90
N TYR D 340 4.69 -20.42 -8.96
CA TYR D 340 5.78 -21.28 -8.52
C TYR D 340 5.25 -22.55 -7.87
N THR D 341 4.27 -22.38 -6.99
CA THR D 341 3.67 -23.50 -6.27
C THR D 341 3.04 -24.53 -7.21
N SER D 342 2.40 -24.05 -8.28
CA SER D 342 1.85 -24.92 -9.32
C SER D 342 2.94 -25.75 -9.97
N GLN D 343 4.04 -25.09 -10.34
CA GLN D 343 5.20 -25.77 -10.92
C GLN D 343 5.84 -26.73 -9.94
N LEU D 344 5.97 -26.31 -8.68
CA LEU D 344 6.55 -27.14 -7.60
C LEU D 344 5.82 -28.46 -7.44
N VAL D 345 4.49 -28.38 -7.36
CA VAL D 345 3.61 -29.55 -7.20
C VAL D 345 3.62 -30.46 -8.44
N ARG D 346 3.65 -29.87 -9.63
CA ARG D 346 3.78 -30.62 -10.88
C ARG D 346 5.07 -31.44 -10.88
N THR D 347 6.16 -30.79 -10.48
CA THR D 347 7.47 -31.45 -10.34
C THR D 347 7.44 -32.52 -9.23
N LEU D 348 6.78 -32.22 -8.11
CA LEU D 348 6.66 -33.18 -7.01
C LEU D 348 5.89 -34.43 -7.42
N GLU D 349 4.76 -34.21 -8.09
CA GLU D 349 3.91 -35.30 -8.57
C GLU D 349 4.69 -36.25 -9.47
N TYR D 350 5.35 -35.68 -10.47
CA TYR D 350 6.14 -36.46 -11.42
C TYR D 350 7.30 -37.20 -10.74
N PHE D 351 7.99 -36.53 -9.84
CA PHE D 351 9.13 -37.10 -9.10
C PHE D 351 8.70 -38.26 -8.21
N ALA D 352 7.51 -38.14 -7.62
CA ALA D 352 6.96 -39.17 -6.73
C ALA D 352 6.63 -40.46 -7.48
N LYS D 353 6.20 -40.32 -8.73
CA LYS D 353 5.79 -41.45 -9.55
C LYS D 353 6.98 -42.26 -10.10
N ILE D 354 8.16 -41.64 -10.24
CA ILE D 354 9.37 -42.34 -10.74
C ILE D 354 10.43 -42.56 -9.63
N ALA D 355 10.02 -42.42 -8.38
CA ALA D 355 10.95 -42.49 -7.26
C ALA D 355 11.42 -43.90 -7.05
N LYS D 356 12.75 -44.05 -6.97
CA LYS D 356 13.40 -45.32 -6.70
C LYS D 356 14.00 -45.24 -5.32
#